data_1GDL
# 
_entry.id   1GDL 
# 
_audit_conform.dict_name       mmcif_pdbx.dic 
_audit_conform.dict_version    5.385 
_audit_conform.dict_location   http://mmcif.pdb.org/dictionaries/ascii/mmcif_pdbx.dic 
# 
loop_
_database_2.database_id 
_database_2.database_code 
_database_2.pdbx_database_accession 
_database_2.pdbx_DOI 
PDB   1GDL         pdb_00001gdl 10.2210/pdb1gdl/pdb 
WWPDB D_1000173534 ?            ?                   
# 
loop_
_pdbx_audit_revision_history.ordinal 
_pdbx_audit_revision_history.data_content_type 
_pdbx_audit_revision_history.major_revision 
_pdbx_audit_revision_history.minor_revision 
_pdbx_audit_revision_history.revision_date 
1 'Structure model' 1 0 1995-02-27 
2 'Structure model' 1 1 2008-03-24 
3 'Structure model' 1 2 2011-07-13 
4 'Structure model' 1 3 2017-11-29 
5 'Structure model' 1 4 2024-02-07 
# 
_pdbx_audit_revision_details.ordinal             1 
_pdbx_audit_revision_details.revision_ordinal    1 
_pdbx_audit_revision_details.data_content_type   'Structure model' 
_pdbx_audit_revision_details.provider            repository 
_pdbx_audit_revision_details.type                'Initial release' 
_pdbx_audit_revision_details.description         ? 
_pdbx_audit_revision_details.details             ? 
# 
loop_
_pdbx_audit_revision_group.ordinal 
_pdbx_audit_revision_group.revision_ordinal 
_pdbx_audit_revision_group.data_content_type 
_pdbx_audit_revision_group.group 
1 2 'Structure model' 'Version format compliance' 
2 3 'Structure model' 'Version format compliance' 
3 4 'Structure model' 'Derived calculations'      
4 4 'Structure model' Other                       
5 5 'Structure model' 'Data collection'           
6 5 'Structure model' 'Database references'       
7 5 'Structure model' 'Derived calculations'      
# 
loop_
_pdbx_audit_revision_category.ordinal 
_pdbx_audit_revision_category.revision_ordinal 
_pdbx_audit_revision_category.data_content_type 
_pdbx_audit_revision_category.category 
1 4 'Structure model' pdbx_database_status 
2 4 'Structure model' struct_conf          
3 4 'Structure model' struct_conf_type     
4 5 'Structure model' chem_comp_atom       
5 5 'Structure model' chem_comp_bond       
6 5 'Structure model' database_2           
7 5 'Structure model' struct_ref_seq_dif   
8 5 'Structure model' struct_site          
# 
loop_
_pdbx_audit_revision_item.ordinal 
_pdbx_audit_revision_item.revision_ordinal 
_pdbx_audit_revision_item.data_content_type 
_pdbx_audit_revision_item.item 
1 4 'Structure model' '_pdbx_database_status.process_site'  
2 5 'Structure model' '_database_2.pdbx_DOI'                
3 5 'Structure model' '_database_2.pdbx_database_accession' 
4 5 'Structure model' '_struct_ref_seq_dif.details'         
5 5 'Structure model' '_struct_site.pdbx_auth_asym_id'      
6 5 'Structure model' '_struct_site.pdbx_auth_comp_id'      
7 5 'Structure model' '_struct_site.pdbx_auth_seq_id'       
# 
_pdbx_database_status.status_code                     REL 
_pdbx_database_status.entry_id                        1GDL 
_pdbx_database_status.recvd_initial_deposition_date   1994-09-14 
_pdbx_database_status.deposit_site                    ? 
_pdbx_database_status.process_site                    BNL 
_pdbx_database_status.SG_entry                        . 
_pdbx_database_status.pdb_format_compatible           Y 
_pdbx_database_status.status_code_mr                  ? 
_pdbx_database_status.status_code_sf                  ? 
_pdbx_database_status.status_code_cs                  ? 
_pdbx_database_status.methods_development_category    ? 
_pdbx_database_status.status_code_nmr_data            ? 
# 
loop_
_audit_author.name 
_audit_author.pdbx_ordinal 
'Harutyunyan, E.' 1 
'Safonova, T.'    2 
'Kuranova, I.'    3 
# 
loop_
_citation.id 
_citation.title 
_citation.journal_abbrev 
_citation.journal_volume 
_citation.page_first 
_citation.page_last 
_citation.year 
_citation.journal_id_ASTM 
_citation.country 
_citation.journal_id_ISSN 
_citation.journal_id_CSD 
_citation.book_publisher 
_citation.pdbx_database_id_PubMed 
_citation.pdbx_database_id_DOI 
primary 'The binding of carbon monoxide and nitric oxide to leghaemoglobin in comparison with other haemoglobins.' J.Mol.Biol. 264 
152  161 1996 JMOBAK UK 0022-2836 0070 ? 8950274 10.1006/jmbi.1996.0630 
1       
'X-Ray Structure of Ferrous Complexes of the Yellow Lupin Leghemoglobin with Co and No at 1.8 Angstroms Resolution (Russian)' 
Bioorg.Khim.                          14  1509 ?   1988 BIKHD7 UR 0132-3423 0364 ? ?       ?                      
2       
;X-Ray Structural Investigation of Leghemoglobin. Vi. Structure of Acetate-Ferrileghemoglobin at a Resolution of 2.0 Angstroms (Russian)
;
Kristallografiya                      25  80   ?   1980 KRISAJ UR 0023-4761 0041 ? ?       ?                      
3       
'X-Ray Structural Investigation of Leghemoglobin. Vi. Structure of Acetate-Ferrileghemoglobin at a Resolution of 2.0 Angstroms' 
'Sov.Phys.Crystallogr.(Engl.Transl.)' 25  43   ?   1980 SPHCA6 US 0038-5638 0902 ? ?       ?                      
4       'X-Ray Diffraction Study of Leghemoglobin. Iv. Determination of the Structure with 2.8 Angstroms Resolution (Russian)' 
Kristallografiya                      23  517  ?   1978 KRISAJ UR 0023-4761 0041 ? ?       ?                      
5       'X-Ray Structural Investigation of Leghemoglobin. Iv. Structure Determination at a Resolution of 2.8 Angstroms' 
'Sov.Phys.Crystallogr.(Engl.Transl.)' 23  287  ?   1978 SPHCA6 US 0038-5638 0902 ? ?       ?                      
6       'Spatial Structure of Lupine Leghemoglobin with the 2.8 Angstroms Resolution (Russian)' 'Dokl.Akad.Nauk Sssr' 233 238  ?   
1977 DANKAS UR 0002-3264 0093 ? ?       ?                      
7       'Three-Dimensional Structure of Lupine Leghemoglobin with a Resolution of 2.8 Angstroms' 'Dokl.Biochem.(Engl.Transl.)' 233 
67   ?   1977 DBIOAM US 0012-4958 0903 ? ?       ?                      
8       'X-Ray Structural Study of Leghemoglobin. III. Crystallographic Data on the Structure of the First Component (Russian)' 
Kristallografiya                      22  634  ?   1977 KRISAJ UR 0023-4761 0041 ? ?       ?                      
9       'X-Ray Structural Study of Leghemoglobin. III. Crystallographic Data Regarding the Structure of the First Component' 
'Sov.Phys.Crystallogr.(Engl.Transl.)' 22  362  ?   1977 SPHCA6 US 0038-5638 0902 ? ?       ?                      
10      'The Haem-Accessibility in Leghaemoglobin of Lupinus Luteus as Observed by Proton Magnetic Relaxation' 
'Int.J.Pept.Protein Res.'             8   427  ?   1976 IJPPC3 DK 0367-8377 0215 ? ?       ?                      
11      'X-Ray Study of Leghemoglobin. II. Determination of the Structure with Resolution of 5 Angstroms' 
'Sov.Phys.Crystallogr.(Engl.Transl.)' 19  602  ?   1975 SPHCA6 US 0038-5638 0902 ? ?       ?                      
12      'X-Ray Study of Leghemoglobin. I.Purification, Crystallization, and Preparation of Derivatives Containing Heavy Atoms' 
'Sov.Phys.Crystallogr.(Engl.Transl.)' 19  598  ?   1975 SPHCA6 US 0038-5638 0902 ? ?       ?                      
13      'Structure of Leghaemoglobin from Lupin Root Nodules at 5 Angstroms Resolution' Nature                                254 
163  ?   1975 NATUAS UK 0028-0836 0006 ? ?       ?                      
14      'The X-Ray Structural Study of Leghemoglobin. II. Determination of the Structure at 5 Angstroms Resolution (Russian)' 
Kristallografiya                      19  971  ?   1974 KRISAJ UR 0023-4761 0041 ? ?       ?                      
15      
;The X-Ray Structural Study of Leghemoglobin. I. Purification, Crystallization, and Production of Derivatives Containing Heavy Atoms (Russian)
;
Kristallografiya                      19  964  ?   1974 KRISAJ UR 0023-4761 0041 ? ?       ?                      
16      
'X-Ray Determination of Three-Dimensional Structure of Leghemoglobin from Lupinus Luteus L. At 5 Angstroms Resolution (Russian)' 
'Dokl.Akad.Nauk Sssr'                 216 690  ?   1974 DANKAS UR 0002-3264 0093 ? ?       ?                      
17      
;X-Ray Diffraction Determination of the Three-Dimensional Structure of Leghemoglobin of Lupinus Luteus L. With 5 Angstroms Resolution
;
'Dokl.Biochem.(Engl.Transl.)'         216 226  ?   1974 DBIOAM US 0012-4958 0903 ? ?       ?                      
18      'Cell Parameters of Crystalline Plant (Lupinus Luteus (Lupine)) Hemoglobin (Russian)' Kristallografiya 16  237  ?   1971 
KRISAJ UR 0023-4761 0041 ? ?       ?                      
19      'Unit-Cell Parameters of Crystalline Plant Hemoglobin' 'Sov.Phys.Crystallogr.(Engl.Transl.)' 16  193  ?   1971 SPHCA6 US 
0038-5638 0902 ? ?       ?                      
# 
loop_
_citation_author.citation_id 
_citation_author.name 
_citation_author.ordinal 
_citation_author.identifier_ORCID 
primary 'Harutyunyan, E.H.'   1   ? 
primary 'Safonova, T.N.'      2   ? 
primary 'Kuranova, I.P.'      3   ? 
primary 'Popov, A.N.'         4   ? 
primary 'Teplyakov, A.V.'     5   ? 
primary 'Obmolova, G.V.'      6   ? 
primary 'Valnshtein, B.K.'    7   ? 
primary 'Dodson, G.G.'        8   ? 
primary 'Wilson, J.C.'        9   ? 
1       'Obmolova, G.V.'      10  ? 
1       'Safonova, T.N.'      11  ? 
1       'Teplyakov, A.V.'     12  ? 
1       'Popov, A.N.'         13  ? 
1       'Kuranova, I.P.'      14  ? 
1       'Harutyunyan, E.G.'   15  ? 
1       'Vainshtein, B.K.'    16  ? 
2       'Arutyunyan, E.G.'    17  ? 
2       'Kuranova, I.P.'      18  ? 
2       'Vainshtein, B.K.'    19  ? 
2       'Steigemann, W.'      20  ? 
3       'Arutyunyan, E.G.'    21  ? 
3       'Kuranova, I.P.'      22  ? 
3       'Vainshtein, B.K.'    23  ? 
3       'Steigemann, W.'      24  ? 
4       'Vainshtein, B.K.'    25  ? 
4       'Arutyunyan, E.G.'    26  ? 
4       'Kuranova, I.P.'      27  ? 
4       'Borisov, V.V.'       28  ? 
4       'Sosfenov, N.I.'      29  ? 
4       'Pavlovskii, A.G.'    30  ? 
4       'Grebenko, A.I.'      31  ? 
4       'Nekrasov, Yu.V.'     32  ? 
5       'Vainshtein, B.K.'    33  ? 
5       'Arutyunyan, E.G.'    34  ? 
5       'Kuranova, I.P.'      35  ? 
5       'Borisov, V.V.'       36  ? 
5       'Sosfenov, N.I.'      37  ? 
5       'Pavlovskii, A.G.'    38  ? 
5       'Grebenko, A.I.'      39  ? 
5       'Nekrasov, Yu.V.'     40  ? 
6       'Vainshtein, B.K.'    41  ? 
6       'Arutiunian, E.G.'    42  ? 
6       'Kuranova, I.P.'      43  ? 
6       'Borisov, V.V.'       44  ? 
6       'Sosfenov, N.I.'      45  ? 
6       'Pavlovskii, A.G.'    46  ? 
6       'Grebenko, A.I.'      47  ? 
6       'Konareva, N.V.'      48  ? 
6       'Nekrasov, Iu.V.'     49  ? 
7       'Vainshtein, B.K.'    50  ? 
7       'Arutyunyan, E.G.'    51  ? 
7       'Kuranova, I.P.'      52  ? 
7       'Borisov, V.V.'       53  ? 
7       'Sosfenov, N.I.'      54  ? 
7       'Pavlovskii, A.G.'    55  ? 
7       'Grebenko, A.I.'      56  ? 
7       'Konareva, N.V.'      57  ? 
7       'Nekrasov, Yu.V.'     58  ? 
8       'Arutyunyan, E.G.'    59  ? 
8       'Kuranova, I.P.'      60  ? 
8       'Grebenko, A.I.'      61  ? 
8       'Voronova, A.A.'      62  ? 
9       'Arutyunyan, E.G.'    63  ? 
9       'Kuranova, I.P.'      64  ? 
9       'Grebenko, A.I.'      65  ? 
9       'Voronova, A.A.'      66  ? 
10      'Vuk-Pavlovic, S.'    67  ? 
10      'Benko, B.'           68  ? 
10      'Maricic, S.'         69  ? 
10      'Lahajnar, G.'        70  ? 
10      'Kuranova, I.P.'      71  ? 
10      'Vainshtein, B.K.'    72  ? 
11      'Vainshtein, B.K.'    73  ? 
11      'Arutyunyan, E.G.'    74  ? 
11      'Kuranova, I.P.'      75  ? 
11      'Borisov, V.V.'       76  ? 
11      'Sosfenov, N.I.'      77  ? 
11      'Pavlovskii, A.G.'    78  ? 
11      'Grebenko, A.I.'      79  ? 
11      'Konareva, N.V.'      80  ? 
12      'Vainshtein, B.K.'    81  ? 
12      'Arutyunyan, E.G.'    82  ? 
12      'Kuranova, I.P.'      83  ? 
12      'Borisov, V.V.'       84  ? 
12      'Sosfenov, N.I.'      85  ? 
12      'Pavlovskii, A.G.'    86  ? 
12      'Grebenko, A.I.'      87  ? 
12      'Konareva, N.V.'      88  ? 
13      'Vainshtein, B.K.'    89  ? 
13      'Harutyunyan, E.H.'   90  ? 
13      'Kuranova, I.P.'      91  ? 
13      'Borisov, V.V.'       92  ? 
13      'Sosfenov, N.I.'      93  ? 
13      'Pavlovsky, A.G.'     94  ? 
13      'Grebenko, A.I.'      95  ? 
13      'Konareva, N.V.'      96  ? 
14      'Vainshtein, B.K.'    97  ? 
14      'Arutyunyan, E.G.'    98  ? 
14      'Kuranova, I.P.'      99  ? 
14      'Borisov, V.V.'       100 ? 
14      'Sosfenov, N.I.'      101 ? 
14      'Pavlovskii, A.G.'    102 ? 
14      'Grebenko, A.I.'      103 ? 
14      'Konareva, N.V.'      104 ? 
15      'Vainshtein, B.K.'    105 ? 
15      'Arutyunyan, E.G.'    106 ? 
15      'Kuranova, I.P.'      107 ? 
15      'Borisov, V.V.'       108 ? 
15      'Sosfenov, N.I.'      109 ? 
15      'Pavlovskii, A.G.'    110 ? 
15      'Grebenko, A.I.'      111 ? 
15      'Konareva, N.V.'      112 ? 
16      'Vainshtein, B.K.'    113 ? 
16      'Arutiunian, E.G.'    114 ? 
16      'Kuranova, I.P.'      115 ? 
16      'Borisov, V.V.'       116 ? 
16      'Sosfenov, N.I.'      117 ? 
16      'Pavlovskii, A.G.'    118 ? 
16      'Grebenko, A.I.'      119 ? 
16      'Konareva, N.V.'      120 ? 
17      'Vainshtein, B.K.'    121 ? 
17      'Arutyunyan, E.G.'    122 ? 
17      'Kuranova, I.P.'      123 ? 
17      'Borisov, V.V.'       124 ? 
17      'Sosfenov, N.I.'      125 ? 
17      'Pavlovskii, A.G.'    126 ? 
17      'Grebenko, A.I.'      127 ? 
17      'Konareva, N.V.'      128 ? 
18      'Arutyunyan, E.G.'    129 ? 
18      'Zaitsev, V.N.'       130 ? 
18      'Zhiznevskaya, G.Ya.' 131 ? 
18      'Borodenko, L.I.'     132 ? 
19      'Arutyunyan, E.G.'    133 ? 
19      'Zaitsev, V.N.'       134 ? 
19      'Zhiznevskaya, G.Ya.' 135 ? 
19      'Borodenko, L.I.'     136 ? 
# 
loop_
_entity.id 
_entity.type 
_entity.src_method 
_entity.pdbx_description 
_entity.formula_weight 
_entity.pdbx_number_of_molecules 
_entity.pdbx_ec 
_entity.pdbx_mutation 
_entity.pdbx_fragment 
_entity.details 
1 polymer     man 'LEGHEMOGLOBIN (NITROGEN MONOXY)' 16674.070 1   ? ? ? ? 
2 non-polymer syn 'PROTOPORPHYRIN IX CONTAINING FE' 616.487   1   ? ? ? ? 
3 non-polymer syn 'NITRIC OXIDE'                    30.006    1   ? ? ? ? 
4 water       nat water                             18.015    163 ? ? ? ? 
# 
_entity_poly.entity_id                      1 
_entity_poly.type                           'polypeptide(L)' 
_entity_poly.nstd_linkage                   no 
_entity_poly.nstd_monomer                   no 
_entity_poly.pdbx_seq_one_letter_code       
;GALTESQAALVKSSWEEFNANIPKHTHRFFILVLEIAPAAKDLFSFLKGTSEVPQNNPELQAHAGKVFKLVYEAAIQLEV
TGVVVTDATLKNLGSVHVSKGVADAHFPVVKEAILKTIKEVVGAKWSEELNSAWTIAYDELAIVIKKEMDDAA
;
_entity_poly.pdbx_seq_one_letter_code_can   
;GALTESQAALVKSSWEEFNANIPKHTHRFFILVLEIAPAAKDLFSFLKGTSEVPQNNPELQAHAGKVFKLVYEAAIQLEV
TGVVVTDATLKNLGSVHVSKGVADAHFPVVKEAILKTIKEVVGAKWSEELNSAWTIAYDELAIVIKKEMDDAA
;
_entity_poly.pdbx_strand_id                 A 
_entity_poly.pdbx_target_identifier         ? 
# 
loop_
_pdbx_entity_nonpoly.entity_id 
_pdbx_entity_nonpoly.name 
_pdbx_entity_nonpoly.comp_id 
2 'PROTOPORPHYRIN IX CONTAINING FE' HEM 
3 'NITRIC OXIDE'                    NO  
4 water                             HOH 
# 
loop_
_entity_poly_seq.entity_id 
_entity_poly_seq.num 
_entity_poly_seq.mon_id 
_entity_poly_seq.hetero 
1 1   GLY n 
1 2   ALA n 
1 3   LEU n 
1 4   THR n 
1 5   GLU n 
1 6   SER n 
1 7   GLN n 
1 8   ALA n 
1 9   ALA n 
1 10  LEU n 
1 11  VAL n 
1 12  LYS n 
1 13  SER n 
1 14  SER n 
1 15  TRP n 
1 16  GLU n 
1 17  GLU n 
1 18  PHE n 
1 19  ASN n 
1 20  ALA n 
1 21  ASN n 
1 22  ILE n 
1 23  PRO n 
1 24  LYS n 
1 25  HIS n 
1 26  THR n 
1 27  HIS n 
1 28  ARG n 
1 29  PHE n 
1 30  PHE n 
1 31  ILE n 
1 32  LEU n 
1 33  VAL n 
1 34  LEU n 
1 35  GLU n 
1 36  ILE n 
1 37  ALA n 
1 38  PRO n 
1 39  ALA n 
1 40  ALA n 
1 41  LYS n 
1 42  ASP n 
1 43  LEU n 
1 44  PHE n 
1 45  SER n 
1 46  PHE n 
1 47  LEU n 
1 48  LYS n 
1 49  GLY n 
1 50  THR n 
1 51  SER n 
1 52  GLU n 
1 53  VAL n 
1 54  PRO n 
1 55  GLN n 
1 56  ASN n 
1 57  ASN n 
1 58  PRO n 
1 59  GLU n 
1 60  LEU n 
1 61  GLN n 
1 62  ALA n 
1 63  HIS n 
1 64  ALA n 
1 65  GLY n 
1 66  LYS n 
1 67  VAL n 
1 68  PHE n 
1 69  LYS n 
1 70  LEU n 
1 71  VAL n 
1 72  TYR n 
1 73  GLU n 
1 74  ALA n 
1 75  ALA n 
1 76  ILE n 
1 77  GLN n 
1 78  LEU n 
1 79  GLU n 
1 80  VAL n 
1 81  THR n 
1 82  GLY n 
1 83  VAL n 
1 84  VAL n 
1 85  VAL n 
1 86  THR n 
1 87  ASP n 
1 88  ALA n 
1 89  THR n 
1 90  LEU n 
1 91  LYS n 
1 92  ASN n 
1 93  LEU n 
1 94  GLY n 
1 95  SER n 
1 96  VAL n 
1 97  HIS n 
1 98  VAL n 
1 99  SER n 
1 100 LYS n 
1 101 GLY n 
1 102 VAL n 
1 103 ALA n 
1 104 ASP n 
1 105 ALA n 
1 106 HIS n 
1 107 PHE n 
1 108 PRO n 
1 109 VAL n 
1 110 VAL n 
1 111 LYS n 
1 112 GLU n 
1 113 ALA n 
1 114 ILE n 
1 115 LEU n 
1 116 LYS n 
1 117 THR n 
1 118 ILE n 
1 119 LYS n 
1 120 GLU n 
1 121 VAL n 
1 122 VAL n 
1 123 GLY n 
1 124 ALA n 
1 125 LYS n 
1 126 TRP n 
1 127 SER n 
1 128 GLU n 
1 129 GLU n 
1 130 LEU n 
1 131 ASN n 
1 132 SER n 
1 133 ALA n 
1 134 TRP n 
1 135 THR n 
1 136 ILE n 
1 137 ALA n 
1 138 TYR n 
1 139 ASP n 
1 140 GLU n 
1 141 LEU n 
1 142 ALA n 
1 143 ILE n 
1 144 VAL n 
1 145 ILE n 
1 146 LYS n 
1 147 LYS n 
1 148 GLU n 
1 149 MET n 
1 150 ASP n 
1 151 ASP n 
1 152 ALA n 
1 153 ALA n 
# 
_entity_src_gen.entity_id                          1 
_entity_src_gen.pdbx_src_id                        1 
_entity_src_gen.pdbx_alt_source_flag               sample 
_entity_src_gen.pdbx_seq_type                      ? 
_entity_src_gen.pdbx_beg_seq_num                   ? 
_entity_src_gen.pdbx_end_seq_num                   ? 
_entity_src_gen.gene_src_common_name               'yellow lupine' 
_entity_src_gen.gene_src_genus                     Lupinus 
_entity_src_gen.pdbx_gene_src_gene                 ? 
_entity_src_gen.gene_src_species                   ? 
_entity_src_gen.gene_src_strain                    ? 
_entity_src_gen.gene_src_tissue                    ? 
_entity_src_gen.gene_src_tissue_fraction           ? 
_entity_src_gen.gene_src_details                   ? 
_entity_src_gen.pdbx_gene_src_fragment             ? 
_entity_src_gen.pdbx_gene_src_scientific_name      'Lupinus luteus' 
_entity_src_gen.pdbx_gene_src_ncbi_taxonomy_id     3873 
_entity_src_gen.pdbx_gene_src_variant              ? 
_entity_src_gen.pdbx_gene_src_cell_line            ? 
_entity_src_gen.pdbx_gene_src_atcc                 ? 
_entity_src_gen.pdbx_gene_src_organ                ? 
_entity_src_gen.pdbx_gene_src_organelle            ? 
_entity_src_gen.pdbx_gene_src_cell                 ? 
_entity_src_gen.pdbx_gene_src_cellular_location    ? 
_entity_src_gen.host_org_common_name               ? 
_entity_src_gen.pdbx_host_org_scientific_name      ? 
_entity_src_gen.pdbx_host_org_ncbi_taxonomy_id     ? 
_entity_src_gen.host_org_genus                     ? 
_entity_src_gen.pdbx_host_org_gene                 ? 
_entity_src_gen.pdbx_host_org_organ                ? 
_entity_src_gen.host_org_species                   ? 
_entity_src_gen.pdbx_host_org_tissue               ? 
_entity_src_gen.pdbx_host_org_tissue_fraction      ? 
_entity_src_gen.pdbx_host_org_strain               ? 
_entity_src_gen.pdbx_host_org_variant              ? 
_entity_src_gen.pdbx_host_org_cell_line            ? 
_entity_src_gen.pdbx_host_org_atcc                 ? 
_entity_src_gen.pdbx_host_org_culture_collection   ? 
_entity_src_gen.pdbx_host_org_cell                 ? 
_entity_src_gen.pdbx_host_org_organelle            ? 
_entity_src_gen.pdbx_host_org_cellular_location    ? 
_entity_src_gen.pdbx_host_org_vector_type          ? 
_entity_src_gen.pdbx_host_org_vector               ? 
_entity_src_gen.host_org_details                   ? 
_entity_src_gen.expression_system_id               ? 
_entity_src_gen.plasmid_name                       ? 
_entity_src_gen.plasmid_details                    ? 
_entity_src_gen.pdbx_description                   ? 
# 
loop_
_chem_comp.id 
_chem_comp.type 
_chem_comp.mon_nstd_flag 
_chem_comp.name 
_chem_comp.pdbx_synonyms 
_chem_comp.formula 
_chem_comp.formula_weight 
ALA 'L-peptide linking' y ALANINE                           ?                   'C3 H7 N O2'       89.093  
ARG 'L-peptide linking' y ARGININE                          ?                   'C6 H15 N4 O2 1'   175.209 
ASN 'L-peptide linking' y ASPARAGINE                        ?                   'C4 H8 N2 O3'      132.118 
ASP 'L-peptide linking' y 'ASPARTIC ACID'                   ?                   'C4 H7 N O4'       133.103 
GLN 'L-peptide linking' y GLUTAMINE                         ?                   'C5 H10 N2 O3'     146.144 
GLU 'L-peptide linking' y 'GLUTAMIC ACID'                   ?                   'C5 H9 N O4'       147.129 
GLY 'peptide linking'   y GLYCINE                           ?                   'C2 H5 N O2'       75.067  
HEM non-polymer         . 'PROTOPORPHYRIN IX CONTAINING FE' HEME                'C34 H32 Fe N4 O4' 616.487 
HIS 'L-peptide linking' y HISTIDINE                         ?                   'C6 H10 N3 O2 1'   156.162 
HOH non-polymer         . WATER                             ?                   'H2 O'             18.015  
ILE 'L-peptide linking' y ISOLEUCINE                        ?                   'C6 H13 N O2'      131.173 
LEU 'L-peptide linking' y LEUCINE                           ?                   'C6 H13 N O2'      131.173 
LYS 'L-peptide linking' y LYSINE                            ?                   'C6 H15 N2 O2 1'   147.195 
MET 'L-peptide linking' y METHIONINE                        ?                   'C5 H11 N O2 S'    149.211 
NO  non-polymer         . 'NITRIC OXIDE'                    'Nitrogen monoxide' 'N O'              30.006  
PHE 'L-peptide linking' y PHENYLALANINE                     ?                   'C9 H11 N O2'      165.189 
PRO 'L-peptide linking' y PROLINE                           ?                   'C5 H9 N O2'       115.130 
SER 'L-peptide linking' y SERINE                            ?                   'C3 H7 N O3'       105.093 
THR 'L-peptide linking' y THREONINE                         ?                   'C4 H9 N O3'       119.119 
TRP 'L-peptide linking' y TRYPTOPHAN                        ?                   'C11 H12 N2 O2'    204.225 
TYR 'L-peptide linking' y TYROSINE                          ?                   'C9 H11 N O3'      181.189 
VAL 'L-peptide linking' y VALINE                            ?                   'C5 H11 N O2'      117.146 
# 
loop_
_pdbx_poly_seq_scheme.asym_id 
_pdbx_poly_seq_scheme.entity_id 
_pdbx_poly_seq_scheme.seq_id 
_pdbx_poly_seq_scheme.mon_id 
_pdbx_poly_seq_scheme.ndb_seq_num 
_pdbx_poly_seq_scheme.pdb_seq_num 
_pdbx_poly_seq_scheme.auth_seq_num 
_pdbx_poly_seq_scheme.pdb_mon_id 
_pdbx_poly_seq_scheme.auth_mon_id 
_pdbx_poly_seq_scheme.pdb_strand_id 
_pdbx_poly_seq_scheme.pdb_ins_code 
_pdbx_poly_seq_scheme.hetero 
A 1 1   GLY 1   1   1   GLY GLY A . n 
A 1 2   ALA 2   2   2   ALA ALA A . n 
A 1 3   LEU 3   3   3   LEU LEU A . n 
A 1 4   THR 4   4   4   THR THR A . n 
A 1 5   GLU 5   5   5   GLU GLU A . n 
A 1 6   SER 6   6   6   SER SER A . n 
A 1 7   GLN 7   7   7   GLN GLN A . n 
A 1 8   ALA 8   8   8   ALA ALA A . n 
A 1 9   ALA 9   9   9   ALA ALA A . n 
A 1 10  LEU 10  10  10  LEU LEU A . n 
A 1 11  VAL 11  11  11  VAL VAL A . n 
A 1 12  LYS 12  12  12  LYS LYS A . n 
A 1 13  SER 13  13  13  SER SER A . n 
A 1 14  SER 14  14  14  SER SER A . n 
A 1 15  TRP 15  15  15  TRP TRP A . n 
A 1 16  GLU 16  16  16  GLU GLU A . n 
A 1 17  GLU 17  17  17  GLU GLU A . n 
A 1 18  PHE 18  18  18  PHE PHE A . n 
A 1 19  ASN 19  19  19  ASN ASN A . n 
A 1 20  ALA 20  20  20  ALA ALA A . n 
A 1 21  ASN 21  21  21  ASN ASN A . n 
A 1 22  ILE 22  22  22  ILE ILE A . n 
A 1 23  PRO 23  23  23  PRO PRO A . n 
A 1 24  LYS 24  24  24  LYS LYS A . n 
A 1 25  HIS 25  25  25  HIS HIS A . n 
A 1 26  THR 26  26  26  THR THR A . n 
A 1 27  HIS 27  27  27  HIS HIS A . n 
A 1 28  ARG 28  28  28  ARG ARG A . n 
A 1 29  PHE 29  29  29  PHE PHE A . n 
A 1 30  PHE 30  30  30  PHE PHE A . n 
A 1 31  ILE 31  31  31  ILE ILE A . n 
A 1 32  LEU 32  32  32  LEU LEU A . n 
A 1 33  VAL 33  33  33  VAL VAL A . n 
A 1 34  LEU 34  34  34  LEU LEU A . n 
A 1 35  GLU 35  35  35  GLU GLU A . n 
A 1 36  ILE 36  36  36  ILE ILE A . n 
A 1 37  ALA 37  37  37  ALA ALA A . n 
A 1 38  PRO 38  38  38  PRO PRO A . n 
A 1 39  ALA 39  39  39  ALA ALA A . n 
A 1 40  ALA 40  40  40  ALA ALA A . n 
A 1 41  LYS 41  41  41  LYS LYS A . n 
A 1 42  ASP 42  42  42  ASP ASP A . n 
A 1 43  LEU 43  43  43  LEU LEU A . n 
A 1 44  PHE 44  44  44  PHE PHE A . n 
A 1 45  SER 45  45  45  SER SER A . n 
A 1 46  PHE 46  46  46  PHE PHE A . n 
A 1 47  LEU 47  47  47  LEU LEU A . n 
A 1 48  LYS 48  48  48  LYS LYS A . n 
A 1 49  GLY 49  49  49  GLY GLY A . n 
A 1 50  THR 50  50  50  THR THR A . n 
A 1 51  SER 51  51  51  SER SER A . n 
A 1 52  GLU 52  52  52  GLU GLU A . n 
A 1 53  VAL 53  53  53  VAL VAL A . n 
A 1 54  PRO 54  54  54  PRO PRO A . n 
A 1 55  GLN 55  55  55  GLN GLN A . n 
A 1 56  ASN 56  56  56  ASN ASN A . n 
A 1 57  ASN 57  57  57  ASN ASN A . n 
A 1 58  PRO 58  58  58  PRO PRO A . n 
A 1 59  GLU 59  59  59  GLU GLU A . n 
A 1 60  LEU 60  60  60  LEU LEU A . n 
A 1 61  GLN 61  61  61  GLN GLN A . n 
A 1 62  ALA 62  62  62  ALA ALA A . n 
A 1 63  HIS 63  63  63  HIS HIS A . n 
A 1 64  ALA 64  64  64  ALA ALA A . n 
A 1 65  GLY 65  65  65  GLY GLY A . n 
A 1 66  LYS 66  66  66  LYS LYS A . n 
A 1 67  VAL 67  67  67  VAL VAL A . n 
A 1 68  PHE 68  68  68  PHE PHE A . n 
A 1 69  LYS 69  69  69  LYS LYS A . n 
A 1 70  LEU 70  70  70  LEU LEU A . n 
A 1 71  VAL 71  71  71  VAL VAL A . n 
A 1 72  TYR 72  72  72  TYR TYR A . n 
A 1 73  GLU 73  73  73  GLU GLU A . n 
A 1 74  ALA 74  74  74  ALA ALA A . n 
A 1 75  ALA 75  75  75  ALA ALA A . n 
A 1 76  ILE 76  76  76  ILE ILE A . n 
A 1 77  GLN 77  77  77  GLN GLN A . n 
A 1 78  LEU 78  78  78  LEU LEU A . n 
A 1 79  GLU 79  79  79  GLU GLU A . n 
A 1 80  VAL 80  80  80  VAL VAL A . n 
A 1 81  THR 81  81  81  THR THR A . n 
A 1 82  GLY 82  82  82  GLY GLY A . n 
A 1 83  VAL 83  83  83  VAL VAL A . n 
A 1 84  VAL 84  84  84  VAL VAL A . n 
A 1 85  VAL 85  85  85  VAL VAL A . n 
A 1 86  THR 86  86  86  THR THR A . n 
A 1 87  ASP 87  87  87  ASP ASP A . n 
A 1 88  ALA 88  88  88  ALA ALA A . n 
A 1 89  THR 89  89  89  THR THR A . n 
A 1 90  LEU 90  90  90  LEU LEU A . n 
A 1 91  LYS 91  91  91  LYS LYS A . n 
A 1 92  ASN 92  92  92  ASN ASN A . n 
A 1 93  LEU 93  93  93  LEU LEU A . n 
A 1 94  GLY 94  94  94  GLY GLY A . n 
A 1 95  SER 95  95  95  SER SER A . n 
A 1 96  VAL 96  96  96  VAL VAL A . n 
A 1 97  HIS 97  97  97  HIS HIS A . n 
A 1 98  VAL 98  98  98  VAL VAL A . n 
A 1 99  SER 99  99  99  SER SER A . n 
A 1 100 LYS 100 100 100 LYS LYS A . n 
A 1 101 GLY 101 101 101 GLY GLY A . n 
A 1 102 VAL 102 102 102 VAL VAL A . n 
A 1 103 ALA 103 103 103 ALA ALA A . n 
A 1 104 ASP 104 104 104 ASP ASP A . n 
A 1 105 ALA 105 105 105 ALA ALA A . n 
A 1 106 HIS 106 106 106 HIS HIS A . n 
A 1 107 PHE 107 107 107 PHE PHE A . n 
A 1 108 PRO 108 108 108 PRO PRO A . n 
A 1 109 VAL 109 109 109 VAL VAL A . n 
A 1 110 VAL 110 110 110 VAL VAL A . n 
A 1 111 LYS 111 111 111 LYS LYS A . n 
A 1 112 GLU 112 112 112 GLU GLU A . n 
A 1 113 ALA 113 113 113 ALA ALA A . n 
A 1 114 ILE 114 114 114 ILE ILE A . n 
A 1 115 LEU 115 115 115 LEU LEU A . n 
A 1 116 LYS 116 116 116 LYS LYS A . n 
A 1 117 THR 117 117 117 THR THR A . n 
A 1 118 ILE 118 118 118 ILE ILE A . n 
A 1 119 LYS 119 119 119 LYS LYS A . n 
A 1 120 GLU 120 120 120 GLU GLU A . n 
A 1 121 VAL 121 121 121 VAL VAL A . n 
A 1 122 VAL 122 122 122 VAL VAL A . n 
A 1 123 GLY 123 123 123 GLY GLY A . n 
A 1 124 ALA 124 124 124 ALA ALA A . n 
A 1 125 LYS 125 125 125 LYS LYS A . n 
A 1 126 TRP 126 126 126 TRP TRP A . n 
A 1 127 SER 127 127 127 SER SER A . n 
A 1 128 GLU 128 128 128 GLU GLU A . n 
A 1 129 GLU 129 129 129 GLU GLU A . n 
A 1 130 LEU 130 130 130 LEU LEU A . n 
A 1 131 ASN 131 131 131 ASN ASN A . n 
A 1 132 SER 132 132 132 SER SER A . n 
A 1 133 ALA 133 133 133 ALA ALA A . n 
A 1 134 TRP 134 134 134 TRP TRP A . n 
A 1 135 THR 135 135 135 THR THR A . n 
A 1 136 ILE 136 136 136 ILE ILE A . n 
A 1 137 ALA 137 137 137 ALA ALA A . n 
A 1 138 TYR 138 138 138 TYR TYR A . n 
A 1 139 ASP 139 139 139 ASP ASP A . n 
A 1 140 GLU 140 140 140 GLU GLU A . n 
A 1 141 LEU 141 141 141 LEU LEU A . n 
A 1 142 ALA 142 142 142 ALA ALA A . n 
A 1 143 ILE 143 143 143 ILE ILE A . n 
A 1 144 VAL 144 144 144 VAL VAL A . n 
A 1 145 ILE 145 145 145 ILE ILE A . n 
A 1 146 LYS 146 146 146 LYS LYS A . n 
A 1 147 LYS 147 147 147 LYS LYS A . n 
A 1 148 GLU 148 148 148 GLU GLU A . n 
A 1 149 MET 149 149 149 MET MET A . n 
A 1 150 ASP 150 150 150 ASP ASP A . n 
A 1 151 ASP 151 151 151 ASP ASP A . n 
A 1 152 ALA 152 152 152 ALA ALA A . n 
A 1 153 ALA 153 153 153 ALA ALA A . n 
# 
loop_
_pdbx_nonpoly_scheme.asym_id 
_pdbx_nonpoly_scheme.entity_id 
_pdbx_nonpoly_scheme.mon_id 
_pdbx_nonpoly_scheme.ndb_seq_num 
_pdbx_nonpoly_scheme.pdb_seq_num 
_pdbx_nonpoly_scheme.auth_seq_num 
_pdbx_nonpoly_scheme.pdb_mon_id 
_pdbx_nonpoly_scheme.auth_mon_id 
_pdbx_nonpoly_scheme.pdb_strand_id 
_pdbx_nonpoly_scheme.pdb_ins_code 
B 2 HEM 1   154 154 HEM HEM A . 
C 3 NO  1   155 155 NO  NMO A . 
D 4 HOH 1   156 156 HOH HOH A . 
D 4 HOH 2   157 157 HOH HOH A . 
D 4 HOH 3   158 158 HOH HOH A . 
D 4 HOH 4   159 159 HOH HOH A . 
D 4 HOH 5   160 160 HOH HOH A . 
D 4 HOH 6   161 161 HOH HOH A . 
D 4 HOH 7   162 162 HOH HOH A . 
D 4 HOH 8   163 163 HOH HOH A . 
D 4 HOH 9   164 164 HOH HOH A . 
D 4 HOH 10  165 165 HOH HOH A . 
D 4 HOH 11  166 166 HOH HOH A . 
D 4 HOH 12  167 167 HOH HOH A . 
D 4 HOH 13  168 168 HOH HOH A . 
D 4 HOH 14  169 169 HOH HOH A . 
D 4 HOH 15  170 170 HOH HOH A . 
D 4 HOH 16  171 171 HOH HOH A . 
D 4 HOH 17  172 172 HOH HOH A . 
D 4 HOH 18  173 173 HOH HOH A . 
D 4 HOH 19  174 174 HOH HOH A . 
D 4 HOH 20  175 175 HOH HOH A . 
D 4 HOH 21  176 176 HOH HOH A . 
D 4 HOH 22  177 177 HOH HOH A . 
D 4 HOH 23  178 178 HOH HOH A . 
D 4 HOH 24  179 179 HOH HOH A . 
D 4 HOH 25  180 180 HOH HOH A . 
D 4 HOH 26  181 181 HOH HOH A . 
D 4 HOH 27  182 182 HOH HOH A . 
D 4 HOH 28  183 183 HOH HOH A . 
D 4 HOH 29  184 184 HOH HOH A . 
D 4 HOH 30  185 185 HOH HOH A . 
D 4 HOH 31  186 186 HOH HOH A . 
D 4 HOH 32  187 187 HOH HOH A . 
D 4 HOH 33  188 188 HOH HOH A . 
D 4 HOH 34  189 189 HOH HOH A . 
D 4 HOH 35  190 190 HOH HOH A . 
D 4 HOH 36  191 191 HOH HOH A . 
D 4 HOH 37  192 192 HOH HOH A . 
D 4 HOH 38  193 193 HOH HOH A . 
D 4 HOH 39  194 194 HOH HOH A . 
D 4 HOH 40  195 195 HOH HOH A . 
D 4 HOH 41  196 196 HOH HOH A . 
D 4 HOH 42  197 197 HOH HOH A . 
D 4 HOH 43  198 198 HOH HOH A . 
D 4 HOH 44  199 199 HOH HOH A . 
D 4 HOH 45  200 200 HOH HOH A . 
D 4 HOH 46  201 201 HOH HOH A . 
D 4 HOH 47  202 202 HOH HOH A . 
D 4 HOH 48  203 203 HOH HOH A . 
D 4 HOH 49  204 204 HOH HOH A . 
D 4 HOH 50  206 206 HOH HOH A . 
D 4 HOH 51  207 207 HOH HOH A . 
D 4 HOH 52  209 209 HOH HOH A . 
D 4 HOH 53  210 210 HOH HOH A . 
D 4 HOH 54  212 212 HOH HOH A . 
D 4 HOH 55  215 215 HOH HOH A . 
D 4 HOH 56  216 216 HOH HOH A . 
D 4 HOH 57  218 218 HOH HOH A . 
D 4 HOH 58  220 220 HOH HOH A . 
D 4 HOH 59  224 224 HOH HOH A . 
D 4 HOH 60  228 228 HOH HOH A . 
D 4 HOH 61  230 230 HOH HOH A . 
D 4 HOH 62  231 231 HOH HOH A . 
D 4 HOH 63  233 233 HOH HOH A . 
D 4 HOH 64  238 238 HOH HOH A . 
D 4 HOH 65  239 239 HOH HOH A . 
D 4 HOH 66  240 240 HOH HOH A . 
D 4 HOH 67  241 241 HOH HOH A . 
D 4 HOH 68  243 243 HOH HOH A . 
D 4 HOH 69  245 245 HOH HOH A . 
D 4 HOH 70  246 246 HOH HOH A . 
D 4 HOH 71  247 247 HOH HOH A . 
D 4 HOH 72  248 248 HOH HOH A . 
D 4 HOH 73  251 251 HOH HOH A . 
D 4 HOH 74  253 253 HOH HOH A . 
D 4 HOH 75  254 254 HOH HOH A . 
D 4 HOH 76  255 255 HOH HOH A . 
D 4 HOH 77  256 256 HOH HOH A . 
D 4 HOH 78  257 257 HOH HOH A . 
D 4 HOH 79  258 258 HOH HOH A . 
D 4 HOH 80  259 259 HOH HOH A . 
D 4 HOH 81  263 263 HOH HOH A . 
D 4 HOH 82  264 264 HOH HOH A . 
D 4 HOH 83  265 265 HOH HOH A . 
D 4 HOH 84  266 266 HOH HOH A . 
D 4 HOH 85  267 267 HOH HOH A . 
D 4 HOH 86  270 270 HOH HOH A . 
D 4 HOH 87  271 271 HOH HOH A . 
D 4 HOH 88  272 272 HOH HOH A . 
D 4 HOH 89  274 274 HOH HOH A . 
D 4 HOH 90  277 277 HOH HOH A . 
D 4 HOH 91  279 279 HOH HOH A . 
D 4 HOH 92  280 280 HOH HOH A . 
D 4 HOH 93  282 282 HOH HOH A . 
D 4 HOH 94  283 283 HOH HOH A . 
D 4 HOH 95  284 284 HOH HOH A . 
D 4 HOH 96  286 286 HOH HOH A . 
D 4 HOH 97  287 287 HOH HOH A . 
D 4 HOH 98  288 288 HOH HOH A . 
D 4 HOH 99  291 291 HOH HOH A . 
D 4 HOH 100 296 296 HOH HOH A . 
D 4 HOH 101 298 298 HOH HOH A . 
D 4 HOH 102 299 299 HOH HOH A . 
D 4 HOH 103 302 302 HOH HOH A . 
D 4 HOH 104 310 310 HOH HOH A . 
D 4 HOH 105 312 312 HOH HOH A . 
D 4 HOH 106 313 313 HOH HOH A . 
D 4 HOH 107 314 314 HOH HOH A . 
D 4 HOH 108 316 316 HOH HOH A . 
D 4 HOH 109 317 317 HOH HOH A . 
D 4 HOH 110 319 319 HOH HOH A . 
D 4 HOH 111 320 320 HOH HOH A . 
D 4 HOH 112 324 324 HOH HOH A . 
D 4 HOH 113 325 325 HOH HOH A . 
D 4 HOH 114 326 326 HOH HOH A . 
D 4 HOH 115 327 327 HOH HOH A . 
D 4 HOH 116 328 328 HOH HOH A . 
D 4 HOH 117 329 329 HOH HOH A . 
D 4 HOH 118 330 330 HOH HOH A . 
D 4 HOH 119 332 332 HOH HOH A . 
D 4 HOH 120 334 334 HOH HOH A . 
D 4 HOH 121 336 336 HOH HOH A . 
D 4 HOH 122 344 344 HOH HOH A . 
D 4 HOH 123 345 345 HOH HOH A . 
D 4 HOH 124 347 347 HOH HOH A . 
D 4 HOH 125 362 362 HOH HOH A . 
D 4 HOH 126 364 364 HOH HOH A . 
D 4 HOH 127 367 367 HOH HOH A . 
D 4 HOH 128 368 368 HOH HOH A . 
D 4 HOH 129 370 370 HOH HOH A . 
D 4 HOH 130 388 388 HOH HOH A . 
D 4 HOH 131 394 394 HOH HOH A . 
D 4 HOH 132 395 395 HOH HOH A . 
D 4 HOH 133 411 411 HOH HOH A . 
D 4 HOH 134 415 415 HOH HOH A . 
D 4 HOH 135 416 416 HOH HOH A . 
D 4 HOH 136 420 420 HOH HOH A . 
D 4 HOH 137 430 430 HOH HOH A . 
D 4 HOH 138 431 431 HOH HOH A . 
D 4 HOH 139 434 434 HOH HOH A . 
D 4 HOH 140 435 435 HOH HOH A . 
D 4 HOH 141 442 442 HOH HOH A . 
D 4 HOH 142 446 446 HOH HOH A . 
D 4 HOH 143 451 451 HOH HOH A . 
D 4 HOH 144 453 453 HOH HOH A . 
D 4 HOH 145 456 456 HOH HOH A . 
D 4 HOH 146 459 459 HOH HOH A . 
D 4 HOH 147 462 462 HOH HOH A . 
D 4 HOH 148 463 463 HOH HOH A . 
D 4 HOH 149 472 472 HOH HOH A . 
D 4 HOH 150 473 473 HOH HOH A . 
D 4 HOH 151 475 475 HOH HOH A . 
D 4 HOH 152 478 478 HOH HOH A . 
D 4 HOH 153 483 483 HOH HOH A . 
D 4 HOH 154 485 485 HOH HOH A . 
D 4 HOH 155 495 495 HOH HOH A . 
D 4 HOH 156 499 499 HOH HOH A . 
D 4 HOH 157 500 500 HOH HOH A . 
D 4 HOH 158 501 501 HOH HOH A . 
D 4 HOH 159 502 502 HOH HOH A . 
D 4 HOH 160 510 510 HOH HOH A . 
D 4 HOH 161 513 513 HOH HOH A . 
D 4 HOH 162 515 515 HOH HOH A . 
D 4 HOH 163 517 517 HOH HOH A . 
# 
_software.name             PROLSQ 
_software.classification   refinement 
_software.version          . 
_software.citation_id      ? 
_software.pdbx_ordinal     1 
# 
_cell.entry_id           1GDL 
_cell.length_a           93.470 
_cell.length_b           51.980 
_cell.length_c           38.320 
_cell.angle_alpha        90.00 
_cell.angle_beta         98.80 
_cell.angle_gamma        90.00 
_cell.Z_PDB              4 
_cell.pdbx_unique_axis   ? 
# 
_symmetry.entry_id                         1GDL 
_symmetry.space_group_name_H-M             'C 1 2 1' 
_symmetry.pdbx_full_space_group_name_H-M   ? 
_symmetry.cell_setting                     ? 
_symmetry.Int_Tables_number                5 
# 
_exptl.entry_id          1GDL 
_exptl.method            'X-RAY DIFFRACTION' 
_exptl.crystals_number   ? 
# 
_exptl_crystal.id                    1 
_exptl_crystal.density_meas          ? 
_exptl_crystal.density_Matthews      2.76 
_exptl_crystal.density_percent_sol   55.40 
_exptl_crystal.description           ? 
# 
_diffrn.id                     1 
_diffrn.ambient_temp           ? 
_diffrn.ambient_temp_details   ? 
_diffrn.crystal_id             1 
# 
_diffrn_radiation.diffrn_id                        1 
_diffrn_radiation.wavelength_id                    1 
_diffrn_radiation.pdbx_monochromatic_or_laue_m_l   ? 
_diffrn_radiation.monochromator                    ? 
_diffrn_radiation.pdbx_diffrn_protocol             ? 
_diffrn_radiation.pdbx_scattering_type             x-ray 
# 
_diffrn_radiation_wavelength.id           1 
_diffrn_radiation_wavelength.wavelength   . 
_diffrn_radiation_wavelength.wt           1.0 
# 
_refine.entry_id                                 1GDL 
_refine.ls_number_reflns_obs                     11837 
_refine.ls_number_reflns_all                     ? 
_refine.pdbx_ls_sigma_I                          ? 
_refine.pdbx_ls_sigma_F                          1.0 
_refine.pdbx_data_cutoff_high_absF               ? 
_refine.pdbx_data_cutoff_low_absF                ? 
_refine.pdbx_data_cutoff_high_rms_absF           ? 
_refine.ls_d_res_low                             8.0 
_refine.ls_d_res_high                            1.8 
_refine.ls_percent_reflns_obs                    ? 
_refine.ls_R_factor_obs                          0.1750000 
_refine.ls_R_factor_all                          ? 
_refine.ls_R_factor_R_work                       ? 
_refine.ls_R_factor_R_free                       ? 
_refine.ls_R_factor_R_free_error                 ? 
_refine.ls_R_factor_R_free_error_details         ? 
_refine.ls_percent_reflns_R_free                 ? 
_refine.ls_number_reflns_R_free                  ? 
_refine.ls_number_parameters                     ? 
_refine.ls_number_restraints                     ? 
_refine.occupancy_min                            ? 
_refine.occupancy_max                            ? 
_refine.B_iso_mean                               ? 
_refine.aniso_B[1][1]                            ? 
_refine.aniso_B[2][2]                            ? 
_refine.aniso_B[3][3]                            ? 
_refine.aniso_B[1][2]                            ? 
_refine.aniso_B[1][3]                            ? 
_refine.aniso_B[2][3]                            ? 
_refine.solvent_model_details                    ? 
_refine.solvent_model_param_ksol                 ? 
_refine.solvent_model_param_bsol                 ? 
_refine.pdbx_ls_cross_valid_method               ? 
_refine.details                                  
;THE FIRST AND LAST RESIDUES OF THE PROTEIN CHAIN ARE
POORLY REVEALED IN THE ELECTRON DENSITY SYNTHESIS.
;
_refine.pdbx_starting_model                      ? 
_refine.pdbx_method_to_determine_struct          ? 
_refine.pdbx_isotropic_thermal_model             ? 
_refine.pdbx_stereochemistry_target_values       ? 
_refine.pdbx_stereochem_target_val_spec_case     ? 
_refine.pdbx_R_Free_selection_details            ? 
_refine.pdbx_overall_ESU_R                       ? 
_refine.pdbx_overall_ESU_R_Free                  ? 
_refine.overall_SU_ML                            ? 
_refine.overall_SU_B                             ? 
_refine.pdbx_refine_id                           'X-RAY DIFFRACTION' 
_refine.pdbx_diffrn_id                           1 
_refine.pdbx_TLS_residual_ADP_flag               ? 
_refine.correlation_coeff_Fo_to_Fc               ? 
_refine.correlation_coeff_Fo_to_Fc_free          ? 
_refine.pdbx_solvent_vdw_probe_radii             ? 
_refine.pdbx_solvent_ion_probe_radii             ? 
_refine.pdbx_solvent_shrinkage_radii             ? 
_refine.pdbx_overall_phase_error                 ? 
_refine.overall_SU_R_Cruickshank_DPI             ? 
_refine.pdbx_overall_SU_R_free_Cruickshank_DPI   ? 
_refine.pdbx_overall_SU_R_Blow_DPI               ? 
_refine.pdbx_overall_SU_R_free_Blow_DPI          ? 
# 
_refine_hist.pdbx_refine_id                   'X-RAY DIFFRACTION' 
_refine_hist.cycle_id                         LAST 
_refine_hist.pdbx_number_atoms_protein        1182 
_refine_hist.pdbx_number_atoms_nucleic_acid   0 
_refine_hist.pdbx_number_atoms_ligand         45 
_refine_hist.number_atoms_solvent             163 
_refine_hist.number_atoms_total               1390 
_refine_hist.d_res_high                       1.8 
_refine_hist.d_res_low                        8.0 
# 
_struct.entry_id                  1GDL 
_struct.title                     
'CRYSTAL STRUCTURE OF FERRIC COMPLEXES OF THE YELLOW LUPIN LEGHEMOGLOBIN WITH ISOQUINOLINE AT 1.8 ANGSTROMS RESOLUTION (RUSSIAN)' 
_struct.pdbx_model_details        ? 
_struct.pdbx_CASP_flag            ? 
_struct.pdbx_model_type_details   ? 
# 
_struct_keywords.entry_id        1GDL 
_struct_keywords.pdbx_keywords   'OXYGEN TRANSPORT' 
_struct_keywords.text            'OXYGEN TRANSPORT' 
# 
loop_
_struct_asym.id 
_struct_asym.pdbx_blank_PDB_chainid_flag 
_struct_asym.pdbx_modified 
_struct_asym.entity_id 
_struct_asym.details 
A N N 1 ? 
B N N 2 ? 
C N N 3 ? 
D N N 4 ? 
# 
_struct_ref.id                         1 
_struct_ref.db_name                    UNP 
_struct_ref.db_code                    LGB2_LUPLU 
_struct_ref.entity_id                  1 
_struct_ref.pdbx_db_accession          P02240 
_struct_ref.pdbx_align_begin           1 
_struct_ref.pdbx_seq_one_letter_code   
;GALTESQAALVKSSWEEFNANIPKHTHRFFILVLEIAPAAKDLFSFLKGTSEVPQNNPELQAHAGKVFKLVYEAAIQLQV
TGVVVTDATLKNLGSVHVSKGVADAHFPVVKEAILKTIKEVVGAKWSEELNSAWTIAYDELAIVIKKEMNDAA
;
_struct_ref.pdbx_db_isoform            ? 
# 
_struct_ref_seq.align_id                      1 
_struct_ref_seq.ref_id                        1 
_struct_ref_seq.pdbx_PDB_id_code              1GDL 
_struct_ref_seq.pdbx_strand_id                A 
_struct_ref_seq.seq_align_beg                 1 
_struct_ref_seq.pdbx_seq_align_beg_ins_code   ? 
_struct_ref_seq.seq_align_end                 153 
_struct_ref_seq.pdbx_seq_align_end_ins_code   ? 
_struct_ref_seq.pdbx_db_accession             P02240 
_struct_ref_seq.db_align_beg                  1 
_struct_ref_seq.pdbx_db_align_beg_ins_code    ? 
_struct_ref_seq.db_align_end                  153 
_struct_ref_seq.pdbx_db_align_end_ins_code    ? 
_struct_ref_seq.pdbx_auth_seq_align_beg       1 
_struct_ref_seq.pdbx_auth_seq_align_end       153 
# 
loop_
_struct_ref_seq_dif.align_id 
_struct_ref_seq_dif.pdbx_pdb_id_code 
_struct_ref_seq_dif.mon_id 
_struct_ref_seq_dif.pdbx_pdb_strand_id 
_struct_ref_seq_dif.seq_num 
_struct_ref_seq_dif.pdbx_pdb_ins_code 
_struct_ref_seq_dif.pdbx_seq_db_name 
_struct_ref_seq_dif.pdbx_seq_db_accession_code 
_struct_ref_seq_dif.db_mon_id 
_struct_ref_seq_dif.pdbx_seq_db_seq_num 
_struct_ref_seq_dif.details 
_struct_ref_seq_dif.pdbx_auth_seq_num 
_struct_ref_seq_dif.pdbx_ordinal 
1 1GDL GLU A 79  ? UNP P02240 GLN 79  conflict 79  1 
1 1GDL ASP A 150 ? UNP P02240 ASN 150 conflict 150 2 
# 
_pdbx_struct_assembly.id                   1 
_pdbx_struct_assembly.details              author_defined_assembly 
_pdbx_struct_assembly.method_details       ? 
_pdbx_struct_assembly.oligomeric_details   monomeric 
_pdbx_struct_assembly.oligomeric_count     1 
# 
_pdbx_struct_assembly_gen.assembly_id       1 
_pdbx_struct_assembly_gen.oper_expression   1 
_pdbx_struct_assembly_gen.asym_id_list      A,B,C,D 
# 
_pdbx_struct_oper_list.id                   1 
_pdbx_struct_oper_list.type                 'identity operation' 
_pdbx_struct_oper_list.name                 1_555 
_pdbx_struct_oper_list.symmetry_operation   x,y,z 
_pdbx_struct_oper_list.matrix[1][1]         1.0000000000 
_pdbx_struct_oper_list.matrix[1][2]         0.0000000000 
_pdbx_struct_oper_list.matrix[1][3]         0.0000000000 
_pdbx_struct_oper_list.vector[1]            0.0000000000 
_pdbx_struct_oper_list.matrix[2][1]         0.0000000000 
_pdbx_struct_oper_list.matrix[2][2]         1.0000000000 
_pdbx_struct_oper_list.matrix[2][3]         0.0000000000 
_pdbx_struct_oper_list.vector[2]            0.0000000000 
_pdbx_struct_oper_list.matrix[3][1]         0.0000000000 
_pdbx_struct_oper_list.matrix[3][2]         0.0000000000 
_pdbx_struct_oper_list.matrix[3][3]         1.0000000000 
_pdbx_struct_oper_list.vector[3]            0.0000000000 
# 
_struct_biol.id   1 
# 
loop_
_struct_conf.conf_type_id 
_struct_conf.id 
_struct_conf.pdbx_PDB_helix_id 
_struct_conf.beg_label_comp_id 
_struct_conf.beg_label_asym_id 
_struct_conf.beg_label_seq_id 
_struct_conf.pdbx_beg_PDB_ins_code 
_struct_conf.end_label_comp_id 
_struct_conf.end_label_asym_id 
_struct_conf.end_label_seq_id 
_struct_conf.pdbx_end_PDB_ins_code 
_struct_conf.beg_auth_comp_id 
_struct_conf.beg_auth_asym_id 
_struct_conf.beg_auth_seq_id 
_struct_conf.end_auth_comp_id 
_struct_conf.end_auth_asym_id 
_struct_conf.end_auth_seq_id 
_struct_conf.pdbx_PDB_helix_class 
_struct_conf.details 
_struct_conf.pdbx_PDB_helix_length 
HELX_P HELX_P1 A THR A 4   ? ALA A 20  ? THR A 4   ALA A 20  1 ? 17 
HELX_P HELX_P2 B ASN A 21  ? ILE A 36  ? ASN A 21  ILE A 36  1 ? 16 
HELX_P HELX_P3 C ALA A 37  ? LEU A 43  ? ALA A 37  LEU A 43  1 ? 7  
HELX_P HELX_P4 D PHE A 44  ? LYS A 48  ? PHE A 44  LYS A 48  1 ? 5  
HELX_P HELX_P5 E ASN A 57  ? GLY A 82  ? ASN A 57  GLY A 82  1 ? 26 
HELX_P HELX_P6 F ALA A 88  ? GLY A 101 ? ALA A 88  GLY A 101 1 ? 14 
HELX_P HELX_P7 G ASP A 104 ? GLY A 123 ? ASP A 104 GLY A 123 1 ? 20 
HELX_P HELX_P8 H SER A 127 ? ALA A 152 ? SER A 127 ALA A 152 1 ? 26 
# 
_struct_conf_type.id          HELX_P 
_struct_conf_type.criteria    ? 
_struct_conf_type.reference   ? 
# 
loop_
_struct_conn.id 
_struct_conn.conn_type_id 
_struct_conn.pdbx_leaving_atom_flag 
_struct_conn.pdbx_PDB_id 
_struct_conn.ptnr1_label_asym_id 
_struct_conn.ptnr1_label_comp_id 
_struct_conn.ptnr1_label_seq_id 
_struct_conn.ptnr1_label_atom_id 
_struct_conn.pdbx_ptnr1_label_alt_id 
_struct_conn.pdbx_ptnr1_PDB_ins_code 
_struct_conn.pdbx_ptnr1_standard_comp_id 
_struct_conn.ptnr1_symmetry 
_struct_conn.ptnr2_label_asym_id 
_struct_conn.ptnr2_label_comp_id 
_struct_conn.ptnr2_label_seq_id 
_struct_conn.ptnr2_label_atom_id 
_struct_conn.pdbx_ptnr2_label_alt_id 
_struct_conn.pdbx_ptnr2_PDB_ins_code 
_struct_conn.ptnr1_auth_asym_id 
_struct_conn.ptnr1_auth_comp_id 
_struct_conn.ptnr1_auth_seq_id 
_struct_conn.ptnr2_auth_asym_id 
_struct_conn.ptnr2_auth_comp_id 
_struct_conn.ptnr2_auth_seq_id 
_struct_conn.ptnr2_symmetry 
_struct_conn.pdbx_ptnr3_label_atom_id 
_struct_conn.pdbx_ptnr3_label_seq_id 
_struct_conn.pdbx_ptnr3_label_comp_id 
_struct_conn.pdbx_ptnr3_label_asym_id 
_struct_conn.pdbx_ptnr3_label_alt_id 
_struct_conn.pdbx_ptnr3_PDB_ins_code 
_struct_conn.details 
_struct_conn.pdbx_dist_value 
_struct_conn.pdbx_value_order 
_struct_conn.pdbx_role 
metalc1 metalc ? ? A HIS 97 NE2 ? ? ? 1_555 B HEM . FE ? ? A HIS 97  A HEM 154 1_555 ? ? ? ? ? ? ? 2.191 ? ? 
metalc2 metalc ? ? B HEM .  FE  ? ? ? 1_555 C NO  . N  ? ? A HEM 154 A NO  155 1_555 ? ? ? ? ? ? ? 1.965 ? ? 
# 
_struct_conn_type.id          metalc 
_struct_conn_type.criteria    ? 
_struct_conn_type.reference   ? 
# 
loop_
_pdbx_struct_conn_angle.id 
_pdbx_struct_conn_angle.ptnr1_label_atom_id 
_pdbx_struct_conn_angle.ptnr1_label_alt_id 
_pdbx_struct_conn_angle.ptnr1_label_asym_id 
_pdbx_struct_conn_angle.ptnr1_label_comp_id 
_pdbx_struct_conn_angle.ptnr1_label_seq_id 
_pdbx_struct_conn_angle.ptnr1_auth_atom_id 
_pdbx_struct_conn_angle.ptnr1_auth_asym_id 
_pdbx_struct_conn_angle.ptnr1_auth_comp_id 
_pdbx_struct_conn_angle.ptnr1_auth_seq_id 
_pdbx_struct_conn_angle.ptnr1_PDB_ins_code 
_pdbx_struct_conn_angle.ptnr1_symmetry 
_pdbx_struct_conn_angle.ptnr2_label_atom_id 
_pdbx_struct_conn_angle.ptnr2_label_alt_id 
_pdbx_struct_conn_angle.ptnr2_label_asym_id 
_pdbx_struct_conn_angle.ptnr2_label_comp_id 
_pdbx_struct_conn_angle.ptnr2_label_seq_id 
_pdbx_struct_conn_angle.ptnr2_auth_atom_id 
_pdbx_struct_conn_angle.ptnr2_auth_asym_id 
_pdbx_struct_conn_angle.ptnr2_auth_comp_id 
_pdbx_struct_conn_angle.ptnr2_auth_seq_id 
_pdbx_struct_conn_angle.ptnr2_PDB_ins_code 
_pdbx_struct_conn_angle.ptnr2_symmetry 
_pdbx_struct_conn_angle.ptnr3_label_atom_id 
_pdbx_struct_conn_angle.ptnr3_label_alt_id 
_pdbx_struct_conn_angle.ptnr3_label_asym_id 
_pdbx_struct_conn_angle.ptnr3_label_comp_id 
_pdbx_struct_conn_angle.ptnr3_label_seq_id 
_pdbx_struct_conn_angle.ptnr3_auth_atom_id 
_pdbx_struct_conn_angle.ptnr3_auth_asym_id 
_pdbx_struct_conn_angle.ptnr3_auth_comp_id 
_pdbx_struct_conn_angle.ptnr3_auth_seq_id 
_pdbx_struct_conn_angle.ptnr3_PDB_ins_code 
_pdbx_struct_conn_angle.ptnr3_symmetry 
_pdbx_struct_conn_angle.value 
_pdbx_struct_conn_angle.value_esd 
1  NE2 ? A HIS 97 ? A HIS 97  ? 1_555 FE ? B HEM . ? A HEM 154 ? 1_555 NA ? B HEM . ? A HEM 154 ? 1_555 89.4  ? 
2  NE2 ? A HIS 97 ? A HIS 97  ? 1_555 FE ? B HEM . ? A HEM 154 ? 1_555 NB ? B HEM . ? A HEM 154 ? 1_555 98.7  ? 
3  NA  ? B HEM .  ? A HEM 154 ? 1_555 FE ? B HEM . ? A HEM 154 ? 1_555 NB ? B HEM . ? A HEM 154 ? 1_555 95.6  ? 
4  NE2 ? A HIS 97 ? A HIS 97  ? 1_555 FE ? B HEM . ? A HEM 154 ? 1_555 NC ? B HEM . ? A HEM 154 ? 1_555 85.4  ? 
5  NA  ? B HEM .  ? A HEM 154 ? 1_555 FE ? B HEM . ? A HEM 154 ? 1_555 NC ? B HEM . ? A HEM 154 ? 1_555 174.6 ? 
6  NB  ? B HEM .  ? A HEM 154 ? 1_555 FE ? B HEM . ? A HEM 154 ? 1_555 NC ? B HEM . ? A HEM 154 ? 1_555 86.7  ? 
7  NE2 ? A HIS 97 ? A HIS 97  ? 1_555 FE ? B HEM . ? A HEM 154 ? 1_555 ND ? B HEM . ? A HEM 154 ? 1_555 80.2  ? 
8  NA  ? B HEM .  ? A HEM 154 ? 1_555 FE ? B HEM . ? A HEM 154 ? 1_555 ND ? B HEM . ? A HEM 154 ? 1_555 91.5  ? 
9  NB  ? B HEM .  ? A HEM 154 ? 1_555 FE ? B HEM . ? A HEM 154 ? 1_555 ND ? B HEM . ? A HEM 154 ? 1_555 172.9 ? 
10 NC  ? B HEM .  ? A HEM 154 ? 1_555 FE ? B HEM . ? A HEM 154 ? 1_555 ND ? B HEM . ? A HEM 154 ? 1_555 86.2  ? 
11 NE2 ? A HIS 97 ? A HIS 97  ? 1_555 FE ? B HEM . ? A HEM 154 ? 1_555 N  ? C NO  . ? A NO  155 ? 1_555 167.2 ? 
12 NA  ? B HEM .  ? A HEM 154 ? 1_555 FE ? B HEM . ? A HEM 154 ? 1_555 N  ? C NO  . ? A NO  155 ? 1_555 99.9  ? 
13 NB  ? B HEM .  ? A HEM 154 ? 1_555 FE ? B HEM . ? A HEM 154 ? 1_555 N  ? C NO  . ? A NO  155 ? 1_555 89.1  ? 
14 NC  ? B HEM .  ? A HEM 154 ? 1_555 FE ? B HEM . ? A HEM 154 ? 1_555 N  ? C NO  . ? A NO  155 ? 1_555 85.0  ? 
15 ND  ? B HEM .  ? A HEM 154 ? 1_555 FE ? B HEM . ? A HEM 154 ? 1_555 N  ? C NO  . ? A NO  155 ? 1_555 90.8  ? 
# 
loop_
_struct_site.id 
_struct_site.pdbx_evidence_code 
_struct_site.pdbx_auth_asym_id 
_struct_site.pdbx_auth_comp_id 
_struct_site.pdbx_auth_seq_id 
_struct_site.pdbx_auth_ins_code 
_struct_site.pdbx_num_residues 
_struct_site.details 
AC1 Software A HEM 154 ? 15 'BINDING SITE FOR RESIDUE HEM A 154' 
AC2 Software A NO  155 ? 3  'BINDING SITE FOR RESIDUE NO A 155'  
# 
loop_
_struct_site_gen.id 
_struct_site_gen.site_id 
_struct_site_gen.pdbx_num_res 
_struct_site_gen.label_comp_id 
_struct_site_gen.label_asym_id 
_struct_site_gen.label_seq_id 
_struct_site_gen.pdbx_auth_ins_code 
_struct_site_gen.auth_comp_id 
_struct_site_gen.auth_asym_id 
_struct_site_gen.auth_seq_id 
_struct_site_gen.label_atom_id 
_struct_site_gen.label_alt_id 
_struct_site_gen.symmetry 
_struct_site_gen.details 
1  AC1 15 LEU A 43  ? LEU A 43  . ? 1_555 ? 
2  AC1 15 PHE A 44  ? PHE A 44  . ? 1_555 ? 
3  AC1 15 SER A 45  ? SER A 45  . ? 1_555 ? 
4  AC1 15 PHE A 46  ? PHE A 46  . ? 1_555 ? 
5  AC1 15 HIS A 63  ? HIS A 63  . ? 1_555 ? 
6  AC1 15 LEU A 93  ? LEU A 93  . ? 1_555 ? 
7  AC1 15 HIS A 97  ? HIS A 97  . ? 1_555 ? 
8  AC1 15 HIS A 106 ? HIS A 106 . ? 1_555 ? 
9  AC1 15 PHE A 107 ? PHE A 107 . ? 1_555 ? 
10 AC1 15 VAL A 110 ? VAL A 110 . ? 1_555 ? 
11 AC1 15 TYR A 138 ? TYR A 138 . ? 1_555 ? 
12 AC1 15 LEU A 141 ? LEU A 141 . ? 1_555 ? 
13 AC1 15 ILE A 145 ? ILE A 145 . ? 1_555 ? 
14 AC1 15 NO  C .   ? NO  A 155 . ? 1_555 ? 
15 AC1 15 HOH D .   ? HOH A 459 . ? 1_555 ? 
16 AC2 3  HIS A 63  ? HIS A 63  . ? 1_555 ? 
17 AC2 3  VAL A 67  ? VAL A 67  . ? 1_555 ? 
18 AC2 3  HEM B .   ? HEM A 154 . ? 1_555 ? 
# 
_pdbx_validate_close_contact.id               1 
_pdbx_validate_close_contact.PDB_model_num    1 
_pdbx_validate_close_contact.auth_atom_id_1   O 
_pdbx_validate_close_contact.auth_asym_id_1   A 
_pdbx_validate_close_contact.auth_comp_id_1   ALA 
_pdbx_validate_close_contact.auth_seq_id_1    2 
_pdbx_validate_close_contact.PDB_ins_code_1   ? 
_pdbx_validate_close_contact.label_alt_id_1   ? 
_pdbx_validate_close_contact.auth_atom_id_2   O 
_pdbx_validate_close_contact.auth_asym_id_2   A 
_pdbx_validate_close_contact.auth_comp_id_2   HOH 
_pdbx_validate_close_contact.auth_seq_id_2    189 
_pdbx_validate_close_contact.PDB_ins_code_2   ? 
_pdbx_validate_close_contact.label_alt_id_2   ? 
_pdbx_validate_close_contact.dist             2.07 
# 
loop_
_pdbx_validate_symm_contact.id 
_pdbx_validate_symm_contact.PDB_model_num 
_pdbx_validate_symm_contact.auth_atom_id_1 
_pdbx_validate_symm_contact.auth_asym_id_1 
_pdbx_validate_symm_contact.auth_comp_id_1 
_pdbx_validate_symm_contact.auth_seq_id_1 
_pdbx_validate_symm_contact.PDB_ins_code_1 
_pdbx_validate_symm_contact.label_alt_id_1 
_pdbx_validate_symm_contact.site_symmetry_1 
_pdbx_validate_symm_contact.auth_atom_id_2 
_pdbx_validate_symm_contact.auth_asym_id_2 
_pdbx_validate_symm_contact.auth_comp_id_2 
_pdbx_validate_symm_contact.auth_seq_id_2 
_pdbx_validate_symm_contact.PDB_ins_code_2 
_pdbx_validate_symm_contact.label_alt_id_2 
_pdbx_validate_symm_contact.site_symmetry_2 
_pdbx_validate_symm_contact.dist 
1 1 O A HOH 159 ? ? 1_555 O A HOH 367 ? ? 2_657 1.95 
2 1 O A HOH 367 ? ? 1_555 O A HOH 473 ? ? 2_657 2.13 
3 1 O A HOH 270 ? ? 1_555 O A HOH 368 ? ? 4_557 2.14 
# 
loop_
_pdbx_validate_rmsd_angle.id 
_pdbx_validate_rmsd_angle.PDB_model_num 
_pdbx_validate_rmsd_angle.auth_atom_id_1 
_pdbx_validate_rmsd_angle.auth_asym_id_1 
_pdbx_validate_rmsd_angle.auth_comp_id_1 
_pdbx_validate_rmsd_angle.auth_seq_id_1 
_pdbx_validate_rmsd_angle.PDB_ins_code_1 
_pdbx_validate_rmsd_angle.label_alt_id_1 
_pdbx_validate_rmsd_angle.auth_atom_id_2 
_pdbx_validate_rmsd_angle.auth_asym_id_2 
_pdbx_validate_rmsd_angle.auth_comp_id_2 
_pdbx_validate_rmsd_angle.auth_seq_id_2 
_pdbx_validate_rmsd_angle.PDB_ins_code_2 
_pdbx_validate_rmsd_angle.label_alt_id_2 
_pdbx_validate_rmsd_angle.auth_atom_id_3 
_pdbx_validate_rmsd_angle.auth_asym_id_3 
_pdbx_validate_rmsd_angle.auth_comp_id_3 
_pdbx_validate_rmsd_angle.auth_seq_id_3 
_pdbx_validate_rmsd_angle.PDB_ins_code_3 
_pdbx_validate_rmsd_angle.label_alt_id_3 
_pdbx_validate_rmsd_angle.angle_value 
_pdbx_validate_rmsd_angle.angle_target_value 
_pdbx_validate_rmsd_angle.angle_deviation 
_pdbx_validate_rmsd_angle.angle_standard_deviation 
_pdbx_validate_rmsd_angle.linker_flag 
1 1 CA A LEU 3   ? ? C  A LEU 3   ? ? O   A LEU 3   ? ? 132.99 120.10 12.89 2.10 N 
2 1 CD A ARG 28  ? ? NE A ARG 28  ? ? CZ  A ARG 28  ? ? 141.92 123.60 18.32 1.40 N 
3 1 CB A ASP 42  ? ? CG A ASP 42  ? ? OD1 A ASP 42  ? ? 112.24 118.30 -6.06 0.90 N 
4 1 CA A VAL 84  ? ? C  A VAL 84  ? ? N   A VAL 85  ? ? 131.53 117.20 14.33 2.20 Y 
5 1 CB A ASP 150 ? ? CG A ASP 150 ? ? OD1 A ASP 150 ? ? 126.16 118.30 7.86  0.90 N 
# 
loop_
_pdbx_validate_torsion.id 
_pdbx_validate_torsion.PDB_model_num 
_pdbx_validate_torsion.auth_comp_id 
_pdbx_validate_torsion.auth_asym_id 
_pdbx_validate_torsion.auth_seq_id 
_pdbx_validate_torsion.PDB_ins_code 
_pdbx_validate_torsion.label_alt_id 
_pdbx_validate_torsion.phi 
_pdbx_validate_torsion.psi 
1 1 ALA A 2  ? ? -164.37 25.78   
2 1 LEU A 3  ? ? 69.78   98.89   
3 1 ASP A 87 ? ? -125.50 -166.66 
# 
loop_
_chem_comp_atom.comp_id 
_chem_comp_atom.atom_id 
_chem_comp_atom.type_symbol 
_chem_comp_atom.pdbx_aromatic_flag 
_chem_comp_atom.pdbx_stereo_config 
_chem_comp_atom.pdbx_ordinal 
ALA N    N  N N 1   
ALA CA   C  N S 2   
ALA C    C  N N 3   
ALA O    O  N N 4   
ALA CB   C  N N 5   
ALA OXT  O  N N 6   
ALA H    H  N N 7   
ALA H2   H  N N 8   
ALA HA   H  N N 9   
ALA HB1  H  N N 10  
ALA HB2  H  N N 11  
ALA HB3  H  N N 12  
ALA HXT  H  N N 13  
ARG N    N  N N 14  
ARG CA   C  N S 15  
ARG C    C  N N 16  
ARG O    O  N N 17  
ARG CB   C  N N 18  
ARG CG   C  N N 19  
ARG CD   C  N N 20  
ARG NE   N  N N 21  
ARG CZ   C  N N 22  
ARG NH1  N  N N 23  
ARG NH2  N  N N 24  
ARG OXT  O  N N 25  
ARG H    H  N N 26  
ARG H2   H  N N 27  
ARG HA   H  N N 28  
ARG HB2  H  N N 29  
ARG HB3  H  N N 30  
ARG HG2  H  N N 31  
ARG HG3  H  N N 32  
ARG HD2  H  N N 33  
ARG HD3  H  N N 34  
ARG HE   H  N N 35  
ARG HH11 H  N N 36  
ARG HH12 H  N N 37  
ARG HH21 H  N N 38  
ARG HH22 H  N N 39  
ARG HXT  H  N N 40  
ASN N    N  N N 41  
ASN CA   C  N S 42  
ASN C    C  N N 43  
ASN O    O  N N 44  
ASN CB   C  N N 45  
ASN CG   C  N N 46  
ASN OD1  O  N N 47  
ASN ND2  N  N N 48  
ASN OXT  O  N N 49  
ASN H    H  N N 50  
ASN H2   H  N N 51  
ASN HA   H  N N 52  
ASN HB2  H  N N 53  
ASN HB3  H  N N 54  
ASN HD21 H  N N 55  
ASN HD22 H  N N 56  
ASN HXT  H  N N 57  
ASP N    N  N N 58  
ASP CA   C  N S 59  
ASP C    C  N N 60  
ASP O    O  N N 61  
ASP CB   C  N N 62  
ASP CG   C  N N 63  
ASP OD1  O  N N 64  
ASP OD2  O  N N 65  
ASP OXT  O  N N 66  
ASP H    H  N N 67  
ASP H2   H  N N 68  
ASP HA   H  N N 69  
ASP HB2  H  N N 70  
ASP HB3  H  N N 71  
ASP HD2  H  N N 72  
ASP HXT  H  N N 73  
GLN N    N  N N 74  
GLN CA   C  N S 75  
GLN C    C  N N 76  
GLN O    O  N N 77  
GLN CB   C  N N 78  
GLN CG   C  N N 79  
GLN CD   C  N N 80  
GLN OE1  O  N N 81  
GLN NE2  N  N N 82  
GLN OXT  O  N N 83  
GLN H    H  N N 84  
GLN H2   H  N N 85  
GLN HA   H  N N 86  
GLN HB2  H  N N 87  
GLN HB3  H  N N 88  
GLN HG2  H  N N 89  
GLN HG3  H  N N 90  
GLN HE21 H  N N 91  
GLN HE22 H  N N 92  
GLN HXT  H  N N 93  
GLU N    N  N N 94  
GLU CA   C  N S 95  
GLU C    C  N N 96  
GLU O    O  N N 97  
GLU CB   C  N N 98  
GLU CG   C  N N 99  
GLU CD   C  N N 100 
GLU OE1  O  N N 101 
GLU OE2  O  N N 102 
GLU OXT  O  N N 103 
GLU H    H  N N 104 
GLU H2   H  N N 105 
GLU HA   H  N N 106 
GLU HB2  H  N N 107 
GLU HB3  H  N N 108 
GLU HG2  H  N N 109 
GLU HG3  H  N N 110 
GLU HE2  H  N N 111 
GLU HXT  H  N N 112 
GLY N    N  N N 113 
GLY CA   C  N N 114 
GLY C    C  N N 115 
GLY O    O  N N 116 
GLY OXT  O  N N 117 
GLY H    H  N N 118 
GLY H2   H  N N 119 
GLY HA2  H  N N 120 
GLY HA3  H  N N 121 
GLY HXT  H  N N 122 
HEM CHA  C  N N 123 
HEM CHB  C  N N 124 
HEM CHC  C  N N 125 
HEM CHD  C  N N 126 
HEM C1A  C  Y N 127 
HEM C2A  C  Y N 128 
HEM C3A  C  Y N 129 
HEM C4A  C  Y N 130 
HEM CMA  C  N N 131 
HEM CAA  C  N N 132 
HEM CBA  C  N N 133 
HEM CGA  C  N N 134 
HEM O1A  O  N N 135 
HEM O2A  O  N N 136 
HEM C1B  C  N N 137 
HEM C2B  C  N N 138 
HEM C3B  C  N N 139 
HEM C4B  C  N N 140 
HEM CMB  C  N N 141 
HEM CAB  C  N N 142 
HEM CBB  C  N N 143 
HEM C1C  C  Y N 144 
HEM C2C  C  Y N 145 
HEM C3C  C  Y N 146 
HEM C4C  C  Y N 147 
HEM CMC  C  N N 148 
HEM CAC  C  N N 149 
HEM CBC  C  N N 150 
HEM C1D  C  N N 151 
HEM C2D  C  N N 152 
HEM C3D  C  N N 153 
HEM C4D  C  N N 154 
HEM CMD  C  N N 155 
HEM CAD  C  N N 156 
HEM CBD  C  N N 157 
HEM CGD  C  N N 158 
HEM O1D  O  N N 159 
HEM O2D  O  N N 160 
HEM NA   N  Y N 161 
HEM NB   N  N N 162 
HEM NC   N  Y N 163 
HEM ND   N  N N 164 
HEM FE   FE N N 165 
HEM HHB  H  N N 166 
HEM HHC  H  N N 167 
HEM HHD  H  N N 168 
HEM HMA  H  N N 169 
HEM HMAA H  N N 170 
HEM HMAB H  N N 171 
HEM HAA  H  N N 172 
HEM HAAA H  N N 173 
HEM HBA  H  N N 174 
HEM HBAA H  N N 175 
HEM HMB  H  N N 176 
HEM HMBA H  N N 177 
HEM HMBB H  N N 178 
HEM HAB  H  N N 179 
HEM HBB  H  N N 180 
HEM HBBA H  N N 181 
HEM HMC  H  N N 182 
HEM HMCA H  N N 183 
HEM HMCB H  N N 184 
HEM HAC  H  N N 185 
HEM HBC  H  N N 186 
HEM HBCA H  N N 187 
HEM HMD  H  N N 188 
HEM HMDA H  N N 189 
HEM HMDB H  N N 190 
HEM HAD  H  N N 191 
HEM HADA H  N N 192 
HEM HBD  H  N N 193 
HEM HBDA H  N N 194 
HEM H2A  H  N N 195 
HEM H2D  H  N N 196 
HEM HHA  H  N N 197 
HIS N    N  N N 198 
HIS CA   C  N S 199 
HIS C    C  N N 200 
HIS O    O  N N 201 
HIS CB   C  N N 202 
HIS CG   C  Y N 203 
HIS ND1  N  Y N 204 
HIS CD2  C  Y N 205 
HIS CE1  C  Y N 206 
HIS NE2  N  Y N 207 
HIS OXT  O  N N 208 
HIS H    H  N N 209 
HIS H2   H  N N 210 
HIS HA   H  N N 211 
HIS HB2  H  N N 212 
HIS HB3  H  N N 213 
HIS HD1  H  N N 214 
HIS HD2  H  N N 215 
HIS HE1  H  N N 216 
HIS HE2  H  N N 217 
HIS HXT  H  N N 218 
HOH O    O  N N 219 
HOH H1   H  N N 220 
HOH H2   H  N N 221 
ILE N    N  N N 222 
ILE CA   C  N S 223 
ILE C    C  N N 224 
ILE O    O  N N 225 
ILE CB   C  N S 226 
ILE CG1  C  N N 227 
ILE CG2  C  N N 228 
ILE CD1  C  N N 229 
ILE OXT  O  N N 230 
ILE H    H  N N 231 
ILE H2   H  N N 232 
ILE HA   H  N N 233 
ILE HB   H  N N 234 
ILE HG12 H  N N 235 
ILE HG13 H  N N 236 
ILE HG21 H  N N 237 
ILE HG22 H  N N 238 
ILE HG23 H  N N 239 
ILE HD11 H  N N 240 
ILE HD12 H  N N 241 
ILE HD13 H  N N 242 
ILE HXT  H  N N 243 
LEU N    N  N N 244 
LEU CA   C  N S 245 
LEU C    C  N N 246 
LEU O    O  N N 247 
LEU CB   C  N N 248 
LEU CG   C  N N 249 
LEU CD1  C  N N 250 
LEU CD2  C  N N 251 
LEU OXT  O  N N 252 
LEU H    H  N N 253 
LEU H2   H  N N 254 
LEU HA   H  N N 255 
LEU HB2  H  N N 256 
LEU HB3  H  N N 257 
LEU HG   H  N N 258 
LEU HD11 H  N N 259 
LEU HD12 H  N N 260 
LEU HD13 H  N N 261 
LEU HD21 H  N N 262 
LEU HD22 H  N N 263 
LEU HD23 H  N N 264 
LEU HXT  H  N N 265 
LYS N    N  N N 266 
LYS CA   C  N S 267 
LYS C    C  N N 268 
LYS O    O  N N 269 
LYS CB   C  N N 270 
LYS CG   C  N N 271 
LYS CD   C  N N 272 
LYS CE   C  N N 273 
LYS NZ   N  N N 274 
LYS OXT  O  N N 275 
LYS H    H  N N 276 
LYS H2   H  N N 277 
LYS HA   H  N N 278 
LYS HB2  H  N N 279 
LYS HB3  H  N N 280 
LYS HG2  H  N N 281 
LYS HG3  H  N N 282 
LYS HD2  H  N N 283 
LYS HD3  H  N N 284 
LYS HE2  H  N N 285 
LYS HE3  H  N N 286 
LYS HZ1  H  N N 287 
LYS HZ2  H  N N 288 
LYS HZ3  H  N N 289 
LYS HXT  H  N N 290 
MET N    N  N N 291 
MET CA   C  N S 292 
MET C    C  N N 293 
MET O    O  N N 294 
MET CB   C  N N 295 
MET CG   C  N N 296 
MET SD   S  N N 297 
MET CE   C  N N 298 
MET OXT  O  N N 299 
MET H    H  N N 300 
MET H2   H  N N 301 
MET HA   H  N N 302 
MET HB2  H  N N 303 
MET HB3  H  N N 304 
MET HG2  H  N N 305 
MET HG3  H  N N 306 
MET HE1  H  N N 307 
MET HE2  H  N N 308 
MET HE3  H  N N 309 
MET HXT  H  N N 310 
NO  N    N  N N 311 
NO  O    O  N N 312 
PHE N    N  N N 313 
PHE CA   C  N S 314 
PHE C    C  N N 315 
PHE O    O  N N 316 
PHE CB   C  N N 317 
PHE CG   C  Y N 318 
PHE CD1  C  Y N 319 
PHE CD2  C  Y N 320 
PHE CE1  C  Y N 321 
PHE CE2  C  Y N 322 
PHE CZ   C  Y N 323 
PHE OXT  O  N N 324 
PHE H    H  N N 325 
PHE H2   H  N N 326 
PHE HA   H  N N 327 
PHE HB2  H  N N 328 
PHE HB3  H  N N 329 
PHE HD1  H  N N 330 
PHE HD2  H  N N 331 
PHE HE1  H  N N 332 
PHE HE2  H  N N 333 
PHE HZ   H  N N 334 
PHE HXT  H  N N 335 
PRO N    N  N N 336 
PRO CA   C  N S 337 
PRO C    C  N N 338 
PRO O    O  N N 339 
PRO CB   C  N N 340 
PRO CG   C  N N 341 
PRO CD   C  N N 342 
PRO OXT  O  N N 343 
PRO H    H  N N 344 
PRO HA   H  N N 345 
PRO HB2  H  N N 346 
PRO HB3  H  N N 347 
PRO HG2  H  N N 348 
PRO HG3  H  N N 349 
PRO HD2  H  N N 350 
PRO HD3  H  N N 351 
PRO HXT  H  N N 352 
SER N    N  N N 353 
SER CA   C  N S 354 
SER C    C  N N 355 
SER O    O  N N 356 
SER CB   C  N N 357 
SER OG   O  N N 358 
SER OXT  O  N N 359 
SER H    H  N N 360 
SER H2   H  N N 361 
SER HA   H  N N 362 
SER HB2  H  N N 363 
SER HB3  H  N N 364 
SER HG   H  N N 365 
SER HXT  H  N N 366 
THR N    N  N N 367 
THR CA   C  N S 368 
THR C    C  N N 369 
THR O    O  N N 370 
THR CB   C  N R 371 
THR OG1  O  N N 372 
THR CG2  C  N N 373 
THR OXT  O  N N 374 
THR H    H  N N 375 
THR H2   H  N N 376 
THR HA   H  N N 377 
THR HB   H  N N 378 
THR HG1  H  N N 379 
THR HG21 H  N N 380 
THR HG22 H  N N 381 
THR HG23 H  N N 382 
THR HXT  H  N N 383 
TRP N    N  N N 384 
TRP CA   C  N S 385 
TRP C    C  N N 386 
TRP O    O  N N 387 
TRP CB   C  N N 388 
TRP CG   C  Y N 389 
TRP CD1  C  Y N 390 
TRP CD2  C  Y N 391 
TRP NE1  N  Y N 392 
TRP CE2  C  Y N 393 
TRP CE3  C  Y N 394 
TRP CZ2  C  Y N 395 
TRP CZ3  C  Y N 396 
TRP CH2  C  Y N 397 
TRP OXT  O  N N 398 
TRP H    H  N N 399 
TRP H2   H  N N 400 
TRP HA   H  N N 401 
TRP HB2  H  N N 402 
TRP HB3  H  N N 403 
TRP HD1  H  N N 404 
TRP HE1  H  N N 405 
TRP HE3  H  N N 406 
TRP HZ2  H  N N 407 
TRP HZ3  H  N N 408 
TRP HH2  H  N N 409 
TRP HXT  H  N N 410 
TYR N    N  N N 411 
TYR CA   C  N S 412 
TYR C    C  N N 413 
TYR O    O  N N 414 
TYR CB   C  N N 415 
TYR CG   C  Y N 416 
TYR CD1  C  Y N 417 
TYR CD2  C  Y N 418 
TYR CE1  C  Y N 419 
TYR CE2  C  Y N 420 
TYR CZ   C  Y N 421 
TYR OH   O  N N 422 
TYR OXT  O  N N 423 
TYR H    H  N N 424 
TYR H2   H  N N 425 
TYR HA   H  N N 426 
TYR HB2  H  N N 427 
TYR HB3  H  N N 428 
TYR HD1  H  N N 429 
TYR HD2  H  N N 430 
TYR HE1  H  N N 431 
TYR HE2  H  N N 432 
TYR HH   H  N N 433 
TYR HXT  H  N N 434 
VAL N    N  N N 435 
VAL CA   C  N S 436 
VAL C    C  N N 437 
VAL O    O  N N 438 
VAL CB   C  N N 439 
VAL CG1  C  N N 440 
VAL CG2  C  N N 441 
VAL OXT  O  N N 442 
VAL H    H  N N 443 
VAL H2   H  N N 444 
VAL HA   H  N N 445 
VAL HB   H  N N 446 
VAL HG11 H  N N 447 
VAL HG12 H  N N 448 
VAL HG13 H  N N 449 
VAL HG21 H  N N 450 
VAL HG22 H  N N 451 
VAL HG23 H  N N 452 
VAL HXT  H  N N 453 
# 
loop_
_chem_comp_bond.comp_id 
_chem_comp_bond.atom_id_1 
_chem_comp_bond.atom_id_2 
_chem_comp_bond.value_order 
_chem_comp_bond.pdbx_aromatic_flag 
_chem_comp_bond.pdbx_stereo_config 
_chem_comp_bond.pdbx_ordinal 
ALA N   CA   sing N N 1   
ALA N   H    sing N N 2   
ALA N   H2   sing N N 3   
ALA CA  C    sing N N 4   
ALA CA  CB   sing N N 5   
ALA CA  HA   sing N N 6   
ALA C   O    doub N N 7   
ALA C   OXT  sing N N 8   
ALA CB  HB1  sing N N 9   
ALA CB  HB2  sing N N 10  
ALA CB  HB3  sing N N 11  
ALA OXT HXT  sing N N 12  
ARG N   CA   sing N N 13  
ARG N   H    sing N N 14  
ARG N   H2   sing N N 15  
ARG CA  C    sing N N 16  
ARG CA  CB   sing N N 17  
ARG CA  HA   sing N N 18  
ARG C   O    doub N N 19  
ARG C   OXT  sing N N 20  
ARG CB  CG   sing N N 21  
ARG CB  HB2  sing N N 22  
ARG CB  HB3  sing N N 23  
ARG CG  CD   sing N N 24  
ARG CG  HG2  sing N N 25  
ARG CG  HG3  sing N N 26  
ARG CD  NE   sing N N 27  
ARG CD  HD2  sing N N 28  
ARG CD  HD3  sing N N 29  
ARG NE  CZ   sing N N 30  
ARG NE  HE   sing N N 31  
ARG CZ  NH1  sing N N 32  
ARG CZ  NH2  doub N N 33  
ARG NH1 HH11 sing N N 34  
ARG NH1 HH12 sing N N 35  
ARG NH2 HH21 sing N N 36  
ARG NH2 HH22 sing N N 37  
ARG OXT HXT  sing N N 38  
ASN N   CA   sing N N 39  
ASN N   H    sing N N 40  
ASN N   H2   sing N N 41  
ASN CA  C    sing N N 42  
ASN CA  CB   sing N N 43  
ASN CA  HA   sing N N 44  
ASN C   O    doub N N 45  
ASN C   OXT  sing N N 46  
ASN CB  CG   sing N N 47  
ASN CB  HB2  sing N N 48  
ASN CB  HB3  sing N N 49  
ASN CG  OD1  doub N N 50  
ASN CG  ND2  sing N N 51  
ASN ND2 HD21 sing N N 52  
ASN ND2 HD22 sing N N 53  
ASN OXT HXT  sing N N 54  
ASP N   CA   sing N N 55  
ASP N   H    sing N N 56  
ASP N   H2   sing N N 57  
ASP CA  C    sing N N 58  
ASP CA  CB   sing N N 59  
ASP CA  HA   sing N N 60  
ASP C   O    doub N N 61  
ASP C   OXT  sing N N 62  
ASP CB  CG   sing N N 63  
ASP CB  HB2  sing N N 64  
ASP CB  HB3  sing N N 65  
ASP CG  OD1  doub N N 66  
ASP CG  OD2  sing N N 67  
ASP OD2 HD2  sing N N 68  
ASP OXT HXT  sing N N 69  
GLN N   CA   sing N N 70  
GLN N   H    sing N N 71  
GLN N   H2   sing N N 72  
GLN CA  C    sing N N 73  
GLN CA  CB   sing N N 74  
GLN CA  HA   sing N N 75  
GLN C   O    doub N N 76  
GLN C   OXT  sing N N 77  
GLN CB  CG   sing N N 78  
GLN CB  HB2  sing N N 79  
GLN CB  HB3  sing N N 80  
GLN CG  CD   sing N N 81  
GLN CG  HG2  sing N N 82  
GLN CG  HG3  sing N N 83  
GLN CD  OE1  doub N N 84  
GLN CD  NE2  sing N N 85  
GLN NE2 HE21 sing N N 86  
GLN NE2 HE22 sing N N 87  
GLN OXT HXT  sing N N 88  
GLU N   CA   sing N N 89  
GLU N   H    sing N N 90  
GLU N   H2   sing N N 91  
GLU CA  C    sing N N 92  
GLU CA  CB   sing N N 93  
GLU CA  HA   sing N N 94  
GLU C   O    doub N N 95  
GLU C   OXT  sing N N 96  
GLU CB  CG   sing N N 97  
GLU CB  HB2  sing N N 98  
GLU CB  HB3  sing N N 99  
GLU CG  CD   sing N N 100 
GLU CG  HG2  sing N N 101 
GLU CG  HG3  sing N N 102 
GLU CD  OE1  doub N N 103 
GLU CD  OE2  sing N N 104 
GLU OE2 HE2  sing N N 105 
GLU OXT HXT  sing N N 106 
GLY N   CA   sing N N 107 
GLY N   H    sing N N 108 
GLY N   H2   sing N N 109 
GLY CA  C    sing N N 110 
GLY CA  HA2  sing N N 111 
GLY CA  HA3  sing N N 112 
GLY C   O    doub N N 113 
GLY C   OXT  sing N N 114 
GLY OXT HXT  sing N N 115 
HEM CHA C1A  sing N N 116 
HEM CHA C4D  doub N N 117 
HEM CHA HHA  sing N N 118 
HEM CHB C4A  sing N N 119 
HEM CHB C1B  doub N N 120 
HEM CHB HHB  sing N N 121 
HEM CHC C4B  sing N N 122 
HEM CHC C1C  doub N N 123 
HEM CHC HHC  sing N N 124 
HEM CHD C4C  doub N N 125 
HEM CHD C1D  sing N N 126 
HEM CHD HHD  sing N N 127 
HEM C1A C2A  doub Y N 128 
HEM C1A NA   sing Y N 129 
HEM C2A C3A  sing Y N 130 
HEM C2A CAA  sing N N 131 
HEM C3A C4A  doub Y N 132 
HEM C3A CMA  sing N N 133 
HEM C4A NA   sing Y N 134 
HEM CMA HMA  sing N N 135 
HEM CMA HMAA sing N N 136 
HEM CMA HMAB sing N N 137 
HEM CAA CBA  sing N N 138 
HEM CAA HAA  sing N N 139 
HEM CAA HAAA sing N N 140 
HEM CBA CGA  sing N N 141 
HEM CBA HBA  sing N N 142 
HEM CBA HBAA sing N N 143 
HEM CGA O1A  doub N N 144 
HEM CGA O2A  sing N N 145 
HEM C1B C2B  sing N N 146 
HEM C1B NB   sing N N 147 
HEM C2B C3B  doub N N 148 
HEM C2B CMB  sing N N 149 
HEM C3B C4B  sing N N 150 
HEM C3B CAB  sing N N 151 
HEM C4B NB   doub N N 152 
HEM CMB HMB  sing N N 153 
HEM CMB HMBA sing N N 154 
HEM CMB HMBB sing N N 155 
HEM CAB CBB  doub N N 156 
HEM CAB HAB  sing N N 157 
HEM CBB HBB  sing N N 158 
HEM CBB HBBA sing N N 159 
HEM C1C C2C  sing Y N 160 
HEM C1C NC   sing Y N 161 
HEM C2C C3C  doub Y N 162 
HEM C2C CMC  sing N N 163 
HEM C3C C4C  sing Y N 164 
HEM C3C CAC  sing N N 165 
HEM C4C NC   sing Y N 166 
HEM CMC HMC  sing N N 167 
HEM CMC HMCA sing N N 168 
HEM CMC HMCB sing N N 169 
HEM CAC CBC  doub N N 170 
HEM CAC HAC  sing N N 171 
HEM CBC HBC  sing N N 172 
HEM CBC HBCA sing N N 173 
HEM C1D C2D  sing N N 174 
HEM C1D ND   doub N N 175 
HEM C2D C3D  doub N N 176 
HEM C2D CMD  sing N N 177 
HEM C3D C4D  sing N N 178 
HEM C3D CAD  sing N N 179 
HEM C4D ND   sing N N 180 
HEM CMD HMD  sing N N 181 
HEM CMD HMDA sing N N 182 
HEM CMD HMDB sing N N 183 
HEM CAD CBD  sing N N 184 
HEM CAD HAD  sing N N 185 
HEM CAD HADA sing N N 186 
HEM CBD CGD  sing N N 187 
HEM CBD HBD  sing N N 188 
HEM CBD HBDA sing N N 189 
HEM CGD O1D  doub N N 190 
HEM CGD O2D  sing N N 191 
HEM O2A H2A  sing N N 192 
HEM O2D H2D  sing N N 193 
HEM FE  NA   sing N N 194 
HEM FE  NB   sing N N 195 
HEM FE  NC   sing N N 196 
HEM FE  ND   sing N N 197 
HIS N   CA   sing N N 198 
HIS N   H    sing N N 199 
HIS N   H2   sing N N 200 
HIS CA  C    sing N N 201 
HIS CA  CB   sing N N 202 
HIS CA  HA   sing N N 203 
HIS C   O    doub N N 204 
HIS C   OXT  sing N N 205 
HIS CB  CG   sing N N 206 
HIS CB  HB2  sing N N 207 
HIS CB  HB3  sing N N 208 
HIS CG  ND1  sing Y N 209 
HIS CG  CD2  doub Y N 210 
HIS ND1 CE1  doub Y N 211 
HIS ND1 HD1  sing N N 212 
HIS CD2 NE2  sing Y N 213 
HIS CD2 HD2  sing N N 214 
HIS CE1 NE2  sing Y N 215 
HIS CE1 HE1  sing N N 216 
HIS NE2 HE2  sing N N 217 
HIS OXT HXT  sing N N 218 
HOH O   H1   sing N N 219 
HOH O   H2   sing N N 220 
ILE N   CA   sing N N 221 
ILE N   H    sing N N 222 
ILE N   H2   sing N N 223 
ILE CA  C    sing N N 224 
ILE CA  CB   sing N N 225 
ILE CA  HA   sing N N 226 
ILE C   O    doub N N 227 
ILE C   OXT  sing N N 228 
ILE CB  CG1  sing N N 229 
ILE CB  CG2  sing N N 230 
ILE CB  HB   sing N N 231 
ILE CG1 CD1  sing N N 232 
ILE CG1 HG12 sing N N 233 
ILE CG1 HG13 sing N N 234 
ILE CG2 HG21 sing N N 235 
ILE CG2 HG22 sing N N 236 
ILE CG2 HG23 sing N N 237 
ILE CD1 HD11 sing N N 238 
ILE CD1 HD12 sing N N 239 
ILE CD1 HD13 sing N N 240 
ILE OXT HXT  sing N N 241 
LEU N   CA   sing N N 242 
LEU N   H    sing N N 243 
LEU N   H2   sing N N 244 
LEU CA  C    sing N N 245 
LEU CA  CB   sing N N 246 
LEU CA  HA   sing N N 247 
LEU C   O    doub N N 248 
LEU C   OXT  sing N N 249 
LEU CB  CG   sing N N 250 
LEU CB  HB2  sing N N 251 
LEU CB  HB3  sing N N 252 
LEU CG  CD1  sing N N 253 
LEU CG  CD2  sing N N 254 
LEU CG  HG   sing N N 255 
LEU CD1 HD11 sing N N 256 
LEU CD1 HD12 sing N N 257 
LEU CD1 HD13 sing N N 258 
LEU CD2 HD21 sing N N 259 
LEU CD2 HD22 sing N N 260 
LEU CD2 HD23 sing N N 261 
LEU OXT HXT  sing N N 262 
LYS N   CA   sing N N 263 
LYS N   H    sing N N 264 
LYS N   H2   sing N N 265 
LYS CA  C    sing N N 266 
LYS CA  CB   sing N N 267 
LYS CA  HA   sing N N 268 
LYS C   O    doub N N 269 
LYS C   OXT  sing N N 270 
LYS CB  CG   sing N N 271 
LYS CB  HB2  sing N N 272 
LYS CB  HB3  sing N N 273 
LYS CG  CD   sing N N 274 
LYS CG  HG2  sing N N 275 
LYS CG  HG3  sing N N 276 
LYS CD  CE   sing N N 277 
LYS CD  HD2  sing N N 278 
LYS CD  HD3  sing N N 279 
LYS CE  NZ   sing N N 280 
LYS CE  HE2  sing N N 281 
LYS CE  HE3  sing N N 282 
LYS NZ  HZ1  sing N N 283 
LYS NZ  HZ2  sing N N 284 
LYS NZ  HZ3  sing N N 285 
LYS OXT HXT  sing N N 286 
MET N   CA   sing N N 287 
MET N   H    sing N N 288 
MET N   H2   sing N N 289 
MET CA  C    sing N N 290 
MET CA  CB   sing N N 291 
MET CA  HA   sing N N 292 
MET C   O    doub N N 293 
MET C   OXT  sing N N 294 
MET CB  CG   sing N N 295 
MET CB  HB2  sing N N 296 
MET CB  HB3  sing N N 297 
MET CG  SD   sing N N 298 
MET CG  HG2  sing N N 299 
MET CG  HG3  sing N N 300 
MET SD  CE   sing N N 301 
MET CE  HE1  sing N N 302 
MET CE  HE2  sing N N 303 
MET CE  HE3  sing N N 304 
MET OXT HXT  sing N N 305 
NO  N   O    doub N N 306 
PHE N   CA   sing N N 307 
PHE N   H    sing N N 308 
PHE N   H2   sing N N 309 
PHE CA  C    sing N N 310 
PHE CA  CB   sing N N 311 
PHE CA  HA   sing N N 312 
PHE C   O    doub N N 313 
PHE C   OXT  sing N N 314 
PHE CB  CG   sing N N 315 
PHE CB  HB2  sing N N 316 
PHE CB  HB3  sing N N 317 
PHE CG  CD1  doub Y N 318 
PHE CG  CD2  sing Y N 319 
PHE CD1 CE1  sing Y N 320 
PHE CD1 HD1  sing N N 321 
PHE CD2 CE2  doub Y N 322 
PHE CD2 HD2  sing N N 323 
PHE CE1 CZ   doub Y N 324 
PHE CE1 HE1  sing N N 325 
PHE CE2 CZ   sing Y N 326 
PHE CE2 HE2  sing N N 327 
PHE CZ  HZ   sing N N 328 
PHE OXT HXT  sing N N 329 
PRO N   CA   sing N N 330 
PRO N   CD   sing N N 331 
PRO N   H    sing N N 332 
PRO CA  C    sing N N 333 
PRO CA  CB   sing N N 334 
PRO CA  HA   sing N N 335 
PRO C   O    doub N N 336 
PRO C   OXT  sing N N 337 
PRO CB  CG   sing N N 338 
PRO CB  HB2  sing N N 339 
PRO CB  HB3  sing N N 340 
PRO CG  CD   sing N N 341 
PRO CG  HG2  sing N N 342 
PRO CG  HG3  sing N N 343 
PRO CD  HD2  sing N N 344 
PRO CD  HD3  sing N N 345 
PRO OXT HXT  sing N N 346 
SER N   CA   sing N N 347 
SER N   H    sing N N 348 
SER N   H2   sing N N 349 
SER CA  C    sing N N 350 
SER CA  CB   sing N N 351 
SER CA  HA   sing N N 352 
SER C   O    doub N N 353 
SER C   OXT  sing N N 354 
SER CB  OG   sing N N 355 
SER CB  HB2  sing N N 356 
SER CB  HB3  sing N N 357 
SER OG  HG   sing N N 358 
SER OXT HXT  sing N N 359 
THR N   CA   sing N N 360 
THR N   H    sing N N 361 
THR N   H2   sing N N 362 
THR CA  C    sing N N 363 
THR CA  CB   sing N N 364 
THR CA  HA   sing N N 365 
THR C   O    doub N N 366 
THR C   OXT  sing N N 367 
THR CB  OG1  sing N N 368 
THR CB  CG2  sing N N 369 
THR CB  HB   sing N N 370 
THR OG1 HG1  sing N N 371 
THR CG2 HG21 sing N N 372 
THR CG2 HG22 sing N N 373 
THR CG2 HG23 sing N N 374 
THR OXT HXT  sing N N 375 
TRP N   CA   sing N N 376 
TRP N   H    sing N N 377 
TRP N   H2   sing N N 378 
TRP CA  C    sing N N 379 
TRP CA  CB   sing N N 380 
TRP CA  HA   sing N N 381 
TRP C   O    doub N N 382 
TRP C   OXT  sing N N 383 
TRP CB  CG   sing N N 384 
TRP CB  HB2  sing N N 385 
TRP CB  HB3  sing N N 386 
TRP CG  CD1  doub Y N 387 
TRP CG  CD2  sing Y N 388 
TRP CD1 NE1  sing Y N 389 
TRP CD1 HD1  sing N N 390 
TRP CD2 CE2  doub Y N 391 
TRP CD2 CE3  sing Y N 392 
TRP NE1 CE2  sing Y N 393 
TRP NE1 HE1  sing N N 394 
TRP CE2 CZ2  sing Y N 395 
TRP CE3 CZ3  doub Y N 396 
TRP CE3 HE3  sing N N 397 
TRP CZ2 CH2  doub Y N 398 
TRP CZ2 HZ2  sing N N 399 
TRP CZ3 CH2  sing Y N 400 
TRP CZ3 HZ3  sing N N 401 
TRP CH2 HH2  sing N N 402 
TRP OXT HXT  sing N N 403 
TYR N   CA   sing N N 404 
TYR N   H    sing N N 405 
TYR N   H2   sing N N 406 
TYR CA  C    sing N N 407 
TYR CA  CB   sing N N 408 
TYR CA  HA   sing N N 409 
TYR C   O    doub N N 410 
TYR C   OXT  sing N N 411 
TYR CB  CG   sing N N 412 
TYR CB  HB2  sing N N 413 
TYR CB  HB3  sing N N 414 
TYR CG  CD1  doub Y N 415 
TYR CG  CD2  sing Y N 416 
TYR CD1 CE1  sing Y N 417 
TYR CD1 HD1  sing N N 418 
TYR CD2 CE2  doub Y N 419 
TYR CD2 HD2  sing N N 420 
TYR CE1 CZ   doub Y N 421 
TYR CE1 HE1  sing N N 422 
TYR CE2 CZ   sing Y N 423 
TYR CE2 HE2  sing N N 424 
TYR CZ  OH   sing N N 425 
TYR OH  HH   sing N N 426 
TYR OXT HXT  sing N N 427 
VAL N   CA   sing N N 428 
VAL N   H    sing N N 429 
VAL N   H2   sing N N 430 
VAL CA  C    sing N N 431 
VAL CA  CB   sing N N 432 
VAL CA  HA   sing N N 433 
VAL C   O    doub N N 434 
VAL C   OXT  sing N N 435 
VAL CB  CG1  sing N N 436 
VAL CB  CG2  sing N N 437 
VAL CB  HB   sing N N 438 
VAL CG1 HG11 sing N N 439 
VAL CG1 HG12 sing N N 440 
VAL CG1 HG13 sing N N 441 
VAL CG2 HG21 sing N N 442 
VAL CG2 HG22 sing N N 443 
VAL CG2 HG23 sing N N 444 
VAL OXT HXT  sing N N 445 
# 
_atom_sites.entry_id                    1GDL 
_atom_sites.fract_transf_matrix[1][1]   0.00659983 
_atom_sites.fract_transf_matrix[1][2]   -0.00510501 
_atom_sites.fract_transf_matrix[1][3]   -0.00689870 
_atom_sites.fract_transf_matrix[2][1]   -0.00962047 
_atom_sites.fract_transf_matrix[2][2]   -0.01639971 
_atom_sites.fract_transf_matrix[2][3]   0.00293201 
_atom_sites.fract_transf_matrix[3][1]   -0.01358856 
_atom_sites.fract_transf_matrix[3][2]   0.00398650 
_atom_sites.fract_transf_matrix[3][3]   -0.02228875 
_atom_sites.fract_transf_vector[1]      0.284055 
_atom_sites.fract_transf_vector[2]      -0.574627 
_atom_sites.fract_transf_vector[3]      0.813530 
# 
loop_
_atom_type.symbol 
C  
FE 
N  
O  
S  
# 
loop_
_atom_site.group_PDB 
_atom_site.id 
_atom_site.type_symbol 
_atom_site.label_atom_id 
_atom_site.label_alt_id 
_atom_site.label_comp_id 
_atom_site.label_asym_id 
_atom_site.label_entity_id 
_atom_site.label_seq_id 
_atom_site.pdbx_PDB_ins_code 
_atom_site.Cartn_x 
_atom_site.Cartn_y 
_atom_site.Cartn_z 
_atom_site.occupancy 
_atom_site.B_iso_or_equiv 
_atom_site.pdbx_formal_charge 
_atom_site.auth_seq_id 
_atom_site.auth_comp_id 
_atom_site.auth_asym_id 
_atom_site.auth_atom_id 
_atom_site.pdbx_PDB_model_num 
ATOM   1    N  N   . GLY A 1 1   ? -2.970  -0.175  -18.772 1.00 55.44 ? 1   GLY A N   1 
ATOM   2    C  CA  . GLY A 1 1   ? -4.243  0.174   -19.411 1.00 59.57 ? 1   GLY A CA  1 
ATOM   3    C  C   . GLY A 1 1   ? -5.436  0.160   -18.456 1.00 58.50 ? 1   GLY A C   1 
ATOM   4    O  O   . GLY A 1 1   ? -6.034  1.232   -18.175 1.00 59.93 ? 1   GLY A O   1 
ATOM   5    N  N   . ALA A 1 2   ? -5.792  -1.023  -17.989 1.00 55.38 ? 2   ALA A N   1 
ATOM   6    C  CA  . ALA A 1 2   ? -6.894  -1.357  -17.103 1.00 48.39 ? 2   ALA A CA  1 
ATOM   7    C  C   . ALA A 1 2   ? -6.667  -2.762  -16.546 1.00 42.73 ? 2   ALA A C   1 
ATOM   8    O  O   . ALA A 1 2   ? -7.601  -3.519  -16.246 1.00 45.08 ? 2   ALA A O   1 
ATOM   9    C  CB  . ALA A 1 2   ? -8.255  -1.293  -17.800 1.00 48.02 ? 2   ALA A CB  1 
ATOM   10   N  N   . LEU A 1 3   ? -5.430  -3.121  -16.511 1.00 36.49 ? 3   LEU A N   1 
ATOM   11   C  CA  . LEU A 1 3   ? -4.927  -4.410  -16.000 1.00 29.52 ? 3   LEU A CA  1 
ATOM   12   C  C   . LEU A 1 3   ? -5.245  -5.638  -16.825 1.00 25.34 ? 3   LEU A C   1 
ATOM   13   O  O   . LEU A 1 3   ? -6.179  -6.417  -16.826 1.00 19.97 ? 3   LEU A O   1 
ATOM   14   C  CB  . LEU A 1 3   ? -5.392  -4.478  -14.520 1.00 29.07 ? 3   LEU A CB  1 
ATOM   15   C  CG  . LEU A 1 3   ? -4.116  -4.434  -13.633 1.00 29.70 ? 3   LEU A CG  1 
ATOM   16   C  CD1 . LEU A 1 3   ? -4.207  -3.473  -12.490 1.00 27.31 ? 3   LEU A CD1 1 
ATOM   17   C  CD2 . LEU A 1 3   ? -3.991  -5.886  -13.168 1.00 30.04 ? 3   LEU A CD2 1 
ATOM   18   N  N   . THR A 1 4   ? -4.131  -5.896  -17.563 1.00 19.89 ? 4   THR A N   1 
ATOM   19   C  CA  . THR A 1 4   ? -4.032  -7.030  -18.457 1.00 22.43 ? 4   THR A CA  1 
ATOM   20   C  C   . THR A 1 4   ? -3.598  -8.191  -17.576 1.00 20.97 ? 4   THR A C   1 
ATOM   21   O  O   . THR A 1 4   ? -3.278  -7.999  -16.376 1.00 20.49 ? 4   THR A O   1 
ATOM   22   C  CB  . THR A 1 4   ? -3.071  -6.759  -19.656 1.00 19.78 ? 4   THR A CB  1 
ATOM   23   O  OG1 . THR A 1 4   ? -1.754  -6.951  -19.061 1.00 29.45 ? 4   THR A OG1 1 
ATOM   24   C  CG2 . THR A 1 4   ? -3.231  -5.367  -20.288 1.00 21.71 ? 4   THR A CG2 1 
ATOM   25   N  N   . GLU A 1 5   ? -3.661  -9.355  -18.155 1.00 17.78 ? 5   GLU A N   1 
ATOM   26   C  CA  . GLU A 1 5   ? -3.294  -10.549 -17.414 1.00 22.16 ? 5   GLU A CA  1 
ATOM   27   C  C   . GLU A 1 5   ? -1.798  -10.608 -17.183 1.00 19.91 ? 5   GLU A C   1 
ATOM   28   O  O   . GLU A 1 5   ? -1.439  -11.206 -16.185 1.00 17.78 ? 5   GLU A O   1 
ATOM   29   C  CB  . GLU A 1 5   ? -3.661  -11.851 -18.112 1.00 27.45 ? 5   GLU A CB  1 
ATOM   30   C  CG  . GLU A 1 5   ? -3.997  -12.997 -17.109 1.00 35.05 ? 5   GLU A CG  1 
ATOM   31   C  CD  . GLU A 1 5   ? -5.200  -13.774 -17.634 1.00 40.96 ? 5   GLU A CD  1 
ATOM   32   O  OE1 . GLU A 1 5   ? -4.855  -14.377 -18.686 1.00 40.92 ? 5   GLU A OE1 1 
ATOM   33   O  OE2 . GLU A 1 5   ? -6.309  -13.678 -17.131 1.00 41.67 ? 5   GLU A OE2 1 
ATOM   34   N  N   . SER A 1 6   ? -0.995  -10.054 -18.090 1.00 18.54 ? 6   SER A N   1 
ATOM   35   C  CA  . SER A 1 6   ? 0.479   -10.117 -17.817 1.00 16.88 ? 6   SER A CA  1 
ATOM   36   C  C   . SER A 1 6   ? 0.817   -9.057  -16.784 1.00 17.03 ? 6   SER A C   1 
ATOM   37   O  O   . SER A 1 6   ? 1.805   -9.221  -16.026 1.00 19.25 ? 6   SER A O   1 
ATOM   38   C  CB  . SER A 1 6   ? 1.257   -10.043 -19.115 1.00 13.55 ? 6   SER A CB  1 
ATOM   39   O  OG  . SER A 1 6   ? 0.980   -8.861  -19.808 1.00 17.80 ? 6   SER A OG  1 
ATOM   40   N  N   . GLN A 1 7   ? -0.013  -8.039  -16.599 1.00 10.82 ? 7   GLN A N   1 
ATOM   41   C  CA  . GLN A 1 7   ? 0.197   -7.032  -15.579 1.00 6.84  ? 7   GLN A CA  1 
ATOM   42   C  C   . GLN A 1 7   ? -0.143  -7.602  -14.197 1.00 11.51 ? 7   GLN A C   1 
ATOM   43   O  O   . GLN A 1 7   ? 0.584   -7.280  -13.245 1.00 16.21 ? 7   GLN A O   1 
ATOM   44   C  CB  . GLN A 1 7   ? -0.611  -5.766  -15.781 1.00 9.84  ? 7   GLN A CB  1 
ATOM   45   C  CG  . GLN A 1 7   ? 0.216   -4.661  -16.465 1.00 10.31 ? 7   GLN A CG  1 
ATOM   46   C  CD  . GLN A 1 7   ? -0.784  -3.644  -17.007 1.00 16.40 ? 7   GLN A CD  1 
ATOM   47   O  OE1 . GLN A 1 7   ? -1.936  -4.059  -17.274 1.00 19.07 ? 7   GLN A OE1 1 
ATOM   48   N  NE2 . GLN A 1 7   ? -0.436  -2.385  -17.073 1.00 19.93 ? 7   GLN A NE2 1 
ATOM   49   N  N   . ALA A 1 8   ? -1.202  -8.368  -14.081 1.00 16.37 ? 8   ALA A N   1 
ATOM   50   C  CA  . ALA A 1 8   ? -1.694  -9.008  -12.869 1.00 10.96 ? 8   ALA A CA  1 
ATOM   51   C  C   . ALA A 1 8   ? -0.651  -10.037 -12.384 1.00 12.69 ? 8   ALA A C   1 
ATOM   52   O  O   . ALA A 1 8   ? -0.503  -10.184 -11.172 1.00 13.83 ? 8   ALA A O   1 
ATOM   53   C  CB  . ALA A 1 8   ? -3.029  -9.705  -13.018 1.00 6.37  ? 8   ALA A CB  1 
ATOM   54   N  N   . ALA A 1 9   ? -0.062  -10.730 -13.355 1.00 6.13  ? 9   ALA A N   1 
ATOM   55   C  CA  . ALA A 1 9   ? 0.977   -11.736 -13.075 1.00 11.36 ? 9   ALA A CA  1 
ATOM   56   C  C   . ALA A 1 9   ? 2.181   -11.101 -12.370 1.00 10.63 ? 9   ALA A C   1 
ATOM   57   O  O   . ALA A 1 9   ? 2.774   -11.715 -11.463 1.00 11.00 ? 9   ALA A O   1 
ATOM   58   C  CB  . ALA A 1 9   ? 1.422   -12.441 -14.346 1.00 9.57  ? 9   ALA A CB  1 
ATOM   59   N  N   . LEU A 1 10  ? 2.601   -9.978  -12.909 1.00 9.37  ? 10  LEU A N   1 
ATOM   60   C  CA  . LEU A 1 10  ? 3.719   -9.195  -12.367 1.00 11.19 ? 10  LEU A CA  1 
ATOM   61   C  C   . LEU A 1 10  ? 3.355   -8.694  -10.994 1.00 6.63  ? 10  LEU A C   1 
ATOM   62   O  O   . LEU A 1 10  ? 4.188   -8.808  -10.044 1.00 11.83 ? 10  LEU A O   1 
ATOM   63   C  CB  . LEU A 1 10  ? 4.022   -8.142  -13.412 1.00 7.14  ? 10  LEU A CB  1 
ATOM   64   C  CG  . LEU A 1 10  ? 4.754   -8.514  -14.664 1.00 11.28 ? 10  LEU A CG  1 
ATOM   65   C  CD1 . LEU A 1 10  ? 5.173   -7.204  -15.389 1.00 13.00 ? 10  LEU A CD1 1 
ATOM   66   C  CD2 . LEU A 1 10  ? 6.004   -9.309  -14.347 1.00 15.11 ? 10  LEU A CD2 1 
ATOM   67   N  N   . VAL A 1 11  ? 2.169   -8.143  -10.799 1.00 9.69  ? 11  VAL A N   1 
ATOM   68   C  CA  . VAL A 1 11  ? 1.797   -7.712  -9.411  1.00 7.47  ? 11  VAL A CA  1 
ATOM   69   C  C   . VAL A 1 11  ? 1.860   -8.907  -8.448  1.00 10.38 ? 11  VAL A C   1 
ATOM   70   O  O   . VAL A 1 11  ? 2.453   -8.837  -7.339  1.00 10.35 ? 11  VAL A O   1 
ATOM   71   C  CB  . VAL A 1 11  ? 0.477   -6.969  -9.405  1.00 5.54  ? 11  VAL A CB  1 
ATOM   72   C  CG1 . VAL A 1 11  ? -0.187  -6.977  -8.023  1.00 7.67  ? 11  VAL A CG1 1 
ATOM   73   C  CG2 . VAL A 1 11  ? 0.630   -5.527  -9.930  1.00 6.03  ? 11  VAL A CG2 1 
ATOM   74   N  N   . LYS A 1 12  ? 1.303   -10.038 -8.767  1.00 7.82  ? 12  LYS A N   1 
ATOM   75   C  CA  . LYS A 1 12  ? 1.300   -11.226 -7.941  1.00 6.41  ? 12  LYS A CA  1 
ATOM   76   C  C   . LYS A 1 12  ? 2.680   -11.748 -7.669  1.00 8.86  ? 12  LYS A C   1 
ATOM   77   O  O   . LYS A 1 12  ? 3.004   -12.120 -6.539  1.00 12.32 ? 12  LYS A O   1 
ATOM   78   C  CB  . LYS A 1 12  ? 0.508   -12.365 -8.615  1.00 9.57  ? 12  LYS A CB  1 
ATOM   79   C  CG  . LYS A 1 12  ? 0.735   -13.698 -8.024  1.00 16.53 ? 12  LYS A CG  1 
ATOM   80   C  CD  . LYS A 1 12  ? -0.362  -14.712 -8.127  1.00 22.82 ? 12  LYS A CD  1 
ATOM   81   C  CE  . LYS A 1 12  ? -0.534  -15.425 -6.768  1.00 27.02 ? 12  LYS A CE  1 
ATOM   82   N  NZ  . LYS A 1 12  ? -1.169  -16.763 -6.923  1.00 30.06 ? 12  LYS A NZ  1 
ATOM   83   N  N   . SER A 1 13  ? 3.508   -11.728 -8.650  1.00 15.31 ? 13  SER A N   1 
ATOM   84   C  CA  . SER A 1 13  ? 4.916   -12.152 -8.644  1.00 13.23 ? 13  SER A CA  1 
ATOM   85   C  C   . SER A 1 13  ? 5.779   -11.315 -7.737  1.00 11.78 ? 13  SER A C   1 
ATOM   86   O  O   . SER A 1 13  ? 6.498   -11.868 -6.848  1.00 13.18 ? 13  SER A O   1 
ATOM   87   C  CB  . SER A 1 13  ? 5.479   -12.094 -10.062 1.00 15.22 ? 13  SER A CB  1 
ATOM   88   O  OG  . SER A 1 13  ? 6.542   -13.025 -10.132 1.00 20.00 ? 13  SER A OG  1 
ATOM   89   N  N   . SER A 1 14  ? 5.690   -10.018 -7.915  1.00 9.81  ? 14  SER A N   1 
ATOM   90   C  CA  . SER A 1 14  ? 6.466   -9.102  -7.024  1.00 11.67 ? 14  SER A CA  1 
ATOM   91   C  C   . SER A 1 14  ? 5.900   -9.095  -5.618  1.00 12.25 ? 14  SER A C   1 
ATOM   92   O  O   . SER A 1 14  ? 6.553   -8.841  -4.595  1.00 10.50 ? 14  SER A O   1 
ATOM   93   C  CB  . SER A 1 14  ? 6.452   -7.735  -7.676  1.00 7.76  ? 14  SER A CB  1 
ATOM   94   O  OG  . SER A 1 14  ? 5.094   -7.480  -7.983  1.00 16.05 ? 14  SER A OG  1 
ATOM   95   N  N   . TRP A 1 15  ? 4.592   -9.418  -5.555  1.00 11.38 ? 15  TRP A N   1 
ATOM   96   C  CA  . TRP A 1 15  ? 3.915   -9.475  -4.305  1.00 9.08  ? 15  TRP A CA  1 
ATOM   97   C  C   . TRP A 1 15  ? 4.464   -10.672 -3.541  1.00 10.96 ? 15  TRP A C   1 
ATOM   98   O  O   . TRP A 1 15  ? 4.681   -10.630 -2.309  1.00 9.85  ? 15  TRP A O   1 
ATOM   99   C  CB  . TRP A 1 15  ? 2.372   -9.517  -4.433  1.00 11.50 ? 15  TRP A CB  1 
ATOM   100  C  CG  . TRP A 1 15  ? 1.795   -9.658  -3.046  1.00 15.03 ? 15  TRP A CG  1 
ATOM   101  C  CD1 . TRP A 1 15  ? 1.792   -8.747  -2.000  1.00 15.63 ? 15  TRP A CD1 1 
ATOM   102  C  CD2 . TRP A 1 15  ? 1.274   -10.882 -2.495  1.00 18.05 ? 15  TRP A CD2 1 
ATOM   103  N  NE1 . TRP A 1 15  ? 1.209   -9.299  -0.876  1.00 12.65 ? 15  TRP A NE1 1 
ATOM   104  C  CE2 . TRP A 1 15  ? 0.939   -10.618 -1.160  1.00 18.10 ? 15  TRP A CE2 1 
ATOM   105  C  CE3 . TRP A 1 15  ? 1.100   -12.146 -3.042  1.00 19.84 ? 15  TRP A CE3 1 
ATOM   106  C  CZ2 . TRP A 1 15  ? 0.371   -11.596 -0.340  1.00 23.01 ? 15  TRP A CZ2 1 
ATOM   107  C  CZ3 . TRP A 1 15  ? 0.562   -13.120 -2.219  1.00 23.24 ? 15  TRP A CZ3 1 
ATOM   108  C  CH2 . TRP A 1 15  ? 0.225   -12.852 -0.911  1.00 22.23 ? 15  TRP A CH2 1 
ATOM   109  N  N   . GLU A 1 16  ? 4.627   -11.784 -4.223  1.00 13.54 ? 16  GLU A N   1 
ATOM   110  C  CA  . GLU A 1 16  ? 5.171   -12.985 -3.508  1.00 9.44  ? 16  GLU A CA  1 
ATOM   111  C  C   . GLU A 1 16  ? 6.583   -12.752 -3.077  1.00 6.82  ? 16  GLU A C   1 
ATOM   112  O  O   . GLU A 1 16  ? 6.995   -13.322 -2.007  1.00 13.37 ? 16  GLU A O   1 
ATOM   113  C  CB  . GLU A 1 16  ? 5.010   -14.193 -4.423  1.00 10.77 ? 16  GLU A CB  1 
ATOM   114  C  CG  . GLU A 1 16  ? 3.616   -14.424 -4.965  1.00 18.73 ? 16  GLU A CG  1 
ATOM   115  C  CD  . GLU A 1 16  ? 3.352   -15.727 -5.654  1.00 28.02 ? 16  GLU A CD  1 
ATOM   116  O  OE1 . GLU A 1 16  ? 3.867   -16.118 -6.704  1.00 29.56 ? 16  GLU A OE1 1 
ATOM   117  O  OE2 . GLU A 1 16  ? 2.530   -16.433 -4.986  1.00 31.55 ? 16  GLU A OE2 1 
ATOM   118  N  N   . GLU A 1 17  ? 7.399   -12.048 -3.837  1.00 10.16 ? 17  GLU A N   1 
ATOM   119  C  CA  . GLU A 1 17  ? 8.801   -11.740 -3.420  1.00 13.69 ? 17  GLU A CA  1 
ATOM   120  C  C   . GLU A 1 17  ? 8.830   -10.853 -2.189  1.00 14.58 ? 17  GLU A C   1 
ATOM   121  O  O   . GLU A 1 17  ? 9.740   -10.985 -1.276  1.00 14.43 ? 17  GLU A O   1 
ATOM   122  C  CB  . GLU A 1 17  ? 9.593   -11.073 -4.531  1.00 18.69 ? 17  GLU A CB  1 
ATOM   123  C  CG  . GLU A 1 17  ? 10.481  -11.871 -5.466  1.00 26.90 ? 17  GLU A CG  1 
ATOM   124  C  CD  . GLU A 1 17  ? 11.366  -11.062 -6.390  1.00 31.71 ? 17  GLU A CD  1 
ATOM   125  O  OE1 . GLU A 1 17  ? 10.757  -10.760 -7.446  1.00 35.06 ? 17  GLU A OE1 1 
ATOM   126  O  OE2 . GLU A 1 17  ? 12.531  -10.722 -6.165  1.00 32.11 ? 17  GLU A OE2 1 
ATOM   127  N  N   . PHE A 1 18  ? 7.878   -9.918  -2.137  1.00 11.07 ? 18  PHE A N   1 
ATOM   128  C  CA  . PHE A 1 18  ? 7.698   -9.008  -0.999  1.00 15.11 ? 18  PHE A CA  1 
ATOM   129  C  C   . PHE A 1 18  ? 7.417   -9.792  0.287   1.00 15.59 ? 18  PHE A C   1 
ATOM   130  O  O   . PHE A 1 18  ? 8.033   -9.636  1.378   1.00 15.06 ? 18  PHE A O   1 
ATOM   131  C  CB  . PHE A 1 18  ? 6.583   -7.971  -1.263  1.00 10.88 ? 18  PHE A CB  1 
ATOM   132  C  CG  . PHE A 1 18  ? 6.252   -7.129  -0.046  1.00 14.64 ? 18  PHE A CG  1 
ATOM   133  C  CD1 . PHE A 1 18  ? 6.972   -5.938  0.162   1.00 11.11 ? 18  PHE A CD1 1 
ATOM   134  C  CD2 . PHE A 1 18  ? 5.260   -7.485  0.854   1.00 6.55  ? 18  PHE A CD2 1 
ATOM   135  C  CE1 . PHE A 1 18  ? 6.672   -5.134  1.249   1.00 5.48  ? 18  PHE A CE1 1 
ATOM   136  C  CE2 . PHE A 1 18  ? 5.022   -6.712  2.014   1.00 1.31  ? 18  PHE A CE2 1 
ATOM   137  C  CZ  . PHE A 1 18  ? 5.684   -5.522  2.130   1.00 3.65  ? 18  PHE A CZ  1 
ATOM   138  N  N   . ASN A 1 19  ? 6.450   -10.680 0.200   1.00 16.61 ? 19  ASN A N   1 
ATOM   139  C  CA  . ASN A 1 19  ? 5.969   -11.536 1.262   1.00 16.66 ? 19  ASN A CA  1 
ATOM   140  C  C   . ASN A 1 19  ? 7.090   -12.430 1.812   1.00 20.79 ? 19  ASN A C   1 
ATOM   141  O  O   . ASN A 1 19  ? 6.983   -12.735 3.012   1.00 21.15 ? 19  ASN A O   1 
ATOM   142  C  CB  . ASN A 1 19  ? 4.784   -12.348 0.747   1.00 20.38 ? 19  ASN A CB  1 
ATOM   143  C  CG  . ASN A 1 19  ? 3.678   -12.580 1.737   1.00 26.44 ? 19  ASN A CG  1 
ATOM   144  O  OD1 . ASN A 1 19  ? 3.265   -11.703 2.534   1.00 25.89 ? 19  ASN A OD1 1 
ATOM   145  N  ND2 . ASN A 1 19  ? 3.150   -13.809 1.712   1.00 24.27 ? 19  ASN A ND2 1 
ATOM   146  N  N   . ALA A 1 20  ? 8.056   -12.818 1.014   1.00 15.14 ? 20  ALA A N   1 
ATOM   147  C  CA  . ALA A 1 20  ? 9.213   -13.636 1.301   1.00 18.63 ? 20  ALA A CA  1 
ATOM   148  C  C   . ALA A 1 20  ? 10.079  -13.029 2.409   1.00 17.94 ? 20  ALA A C   1 
ATOM   149  O  O   . ALA A 1 20  ? 10.668  -13.841 3.160   1.00 19.79 ? 20  ALA A O   1 
ATOM   150  C  CB  . ALA A 1 20  ? 10.075  -13.882 0.056   1.00 19.14 ? 20  ALA A CB  1 
ATOM   151  N  N   . ASN A 1 21  ? 10.234  -11.704 2.467   1.00 10.68 ? 21  ASN A N   1 
ATOM   152  C  CA  . ASN A 1 21  ? 10.982  -11.147 3.622   1.00 6.40  ? 21  ASN A CA  1 
ATOM   153  C  C   . ASN A 1 21  ? 10.134  -10.019 4.246   1.00 5.68  ? 21  ASN A C   1 
ATOM   154  O  O   . ASN A 1 21  ? 10.635  -8.888  4.217   1.00 8.47  ? 21  ASN A O   1 
ATOM   155  C  CB  . ASN A 1 21  ? 12.332  -10.657 3.204   1.00 4.63  ? 21  ASN A CB  1 
ATOM   156  C  CG  . ASN A 1 21  ? 13.319  -10.675 4.322   1.00 11.80 ? 21  ASN A CG  1 
ATOM   157  O  OD1 . ASN A 1 21  ? 14.506  -10.914 4.052   1.00 18.67 ? 21  ASN A OD1 1 
ATOM   158  N  ND2 . ASN A 1 21  ? 12.809  -10.392 5.510   1.00 17.04 ? 21  ASN A ND2 1 
ATOM   159  N  N   . ILE A 1 22  ? 9.125   -10.407 5.035   1.00 6.30  ? 22  ILE A N   1 
ATOM   160  C  CA  . ILE A 1 22  ? 8.237   -9.331  5.585   1.00 9.49  ? 22  ILE A CA  1 
ATOM   161  C  C   . ILE A 1 22  ? 9.031   -8.424  6.475   1.00 5.71  ? 22  ILE A C   1 
ATOM   162  O  O   . ILE A 1 22  ? 8.911   -7.198  6.361   1.00 13.01 ? 22  ILE A O   1 
ATOM   163  C  CB  . ILE A 1 22  ? 6.971   -9.948  6.236   1.00 11.06 ? 22  ILE A CB  1 
ATOM   164  C  CG1 . ILE A 1 22  ? 5.888   -10.281 5.155   1.00 11.10 ? 22  ILE A CG1 1 
ATOM   165  C  CG2 . ILE A 1 22  ? 6.375   -9.060  7.362   1.00 8.34  ? 22  ILE A CG2 1 
ATOM   166  C  CD1 . ILE A 1 22  ? 5.730   -9.092  4.126   1.00 13.84 ? 22  ILE A CD1 1 
ATOM   167  N  N   . PRO A 1 23  ? 9.876   -8.973  7.359   1.00 8.96  ? 23  PRO A N   1 
ATOM   168  C  CA  . PRO A 1 23  ? 10.587  -8.096  8.313   1.00 8.74  ? 23  PRO A CA  1 
ATOM   169  C  C   . PRO A 1 23  ? 11.333  -6.989  7.621   1.00 11.09 ? 23  PRO A C   1 
ATOM   170  O  O   . PRO A 1 23  ? 11.264  -5.765  7.853   1.00 15.17 ? 23  PRO A O   1 
ATOM   171  C  CB  . PRO A 1 23  ? 11.436  -9.046  9.149   1.00 9.99  ? 23  PRO A CB  1 
ATOM   172  C  CG  . PRO A 1 23  ? 10.550  -10.289 9.201   1.00 5.18  ? 23  PRO A CG  1 
ATOM   173  C  CD  . PRO A 1 23  ? 10.025  -10.396 7.729   1.00 3.18  ? 23  PRO A CD  1 
ATOM   174  N  N   . LYS A 1 24  ? 12.114  -7.476  6.643   1.00 14.50 ? 24  LYS A N   1 
ATOM   175  C  CA  . LYS A 1 24  ? 12.917  -6.566  5.877   1.00 7.13  ? 24  LYS A CA  1 
ATOM   176  C  C   . LYS A 1 24  ? 12.118  -5.596  5.063   1.00 5.63  ? 24  LYS A C   1 
ATOM   177  O  O   . LYS A 1 24  ? 12.169  -4.338  5.276   1.00 10.48 ? 24  LYS A O   1 
ATOM   178  C  CB  . LYS A 1 24  ? 13.867  -7.394  4.947   1.00 8.25  ? 24  LYS A CB  1 
ATOM   179  C  CG  . LYS A 1 24  ? 14.753  -6.416  4.184   1.00 10.47 ? 24  LYS A CG  1 
ATOM   180  C  CD  . LYS A 1 24  ? 15.951  -7.026  3.523   1.00 18.53 ? 24  LYS A CD  1 
ATOM   181  C  CE  . LYS A 1 24  ? 15.678  -7.528  2.137   1.00 22.23 ? 24  LYS A CE  1 
ATOM   182  N  NZ  . LYS A 1 24  ? 16.876  -7.238  1.257   1.00 23.84 ? 24  LYS A NZ  1 
ATOM   183  N  N   . HIS A 1 25  ? 11.163  -6.098  4.285   1.00 9.94  ? 25  HIS A N   1 
ATOM   184  C  CA  . HIS A 1 25  ? 10.476  -5.191  3.312   1.00 9.27  ? 25  HIS A CA  1 
ATOM   185  C  C   . HIS A 1 25  ? 9.522   -4.244  4.007   1.00 7.99  ? 25  HIS A C   1 
ATOM   186  O  O   . HIS A 1 25  ? 9.530   -3.019  3.696   1.00 7.53  ? 25  HIS A O   1 
ATOM   187  C  CB  . HIS A 1 25  ? 9.825   -5.991  2.167   1.00 5.25  ? 25  HIS A CB  1 
ATOM   188  C  CG  . HIS A 1 25  ? 10.734  -6.915  1.409   1.00 8.04  ? 25  HIS A CG  1 
ATOM   189  N  ND1 . HIS A 1 25  ? 12.013  -6.652  1.006   1.00 10.33 ? 25  HIS A ND1 1 
ATOM   190  C  CD2 . HIS A 1 25  ? 10.486  -8.194  1.043   1.00 3.04  ? 25  HIS A CD2 1 
ATOM   191  C  CE1 . HIS A 1 25  ? 12.501  -7.735  0.382   1.00 7.97  ? 25  HIS A CE1 1 
ATOM   192  N  NE2 . HIS A 1 25  ? 11.591  -8.674  0.420   1.00 11.31 ? 25  HIS A NE2 1 
ATOM   193  N  N   . THR A 1 26  ? 8.867   -4.770  5.038   1.00 7.71  ? 26  THR A N   1 
ATOM   194  C  CA  . THR A 1 26  ? 7.966   -3.861  5.782   1.00 6.55  ? 26  THR A CA  1 
ATOM   195  C  C   . THR A 1 26  ? 8.766   -2.818  6.559   1.00 8.80  ? 26  THR A C   1 
ATOM   196  O  O   . THR A 1 26  ? 8.208   -1.735  6.752   1.00 7.23  ? 26  THR A O   1 
ATOM   197  C  CB  . THR A 1 26  ? 6.942   -4.594  6.686   1.00 7.19  ? 26  THR A CB  1 
ATOM   198  O  OG1 . THR A 1 26  ? 7.671   -5.079  7.873   1.00 11.43 ? 26  THR A OG1 1 
ATOM   199  C  CG2 . THR A 1 26  ? 6.220   -5.707  5.947   1.00 7.19  ? 26  THR A CG2 1 
ATOM   200  N  N   . HIS A 1 27  ? 9.974   -3.042  7.044   1.00 10.18 ? 27  HIS A N   1 
ATOM   201  C  CA  . HIS A 1 27  ? 10.695  -1.978  7.758   1.00 4.77  ? 27  HIS A CA  1 
ATOM   202  C  C   . HIS A 1 27  ? 11.056  -0.890  6.787   1.00 4.75  ? 27  HIS A C   1 
ATOM   203  O  O   . HIS A 1 27  ? 11.101  0.334   6.981   1.00 5.46  ? 27  HIS A O   1 
ATOM   204  C  CB  . HIS A 1 27  ? 11.919  -2.596  8.474   1.00 9.02  ? 27  HIS A CB  1 
ATOM   205  C  CG  . HIS A 1 27  ? 13.021  -1.647  8.804   1.00 5.00  ? 27  HIS A CG  1 
ATOM   206  N  ND1 . HIS A 1 27  ? 13.025  -0.826  9.944   1.00 9.52  ? 27  HIS A ND1 1 
ATOM   207  C  CD2 . HIS A 1 27  ? 14.237  -1.479  8.227   1.00 5.33  ? 27  HIS A CD2 1 
ATOM   208  C  CE1 . HIS A 1 27  ? 14.178  -0.147  9.996   1.00 4.52  ? 27  HIS A CE1 1 
ATOM   209  N  NE2 . HIS A 1 27  ? 14.871  -0.442  8.911   1.00 7.15  ? 27  HIS A NE2 1 
ATOM   210  N  N   . ARG A 1 28  ? 11.530  -1.388  5.641   1.00 7.36  ? 28  ARG A N   1 
ATOM   211  C  CA  . ARG A 1 28  ? 11.945  -0.558  4.511   1.00 7.90  ? 28  ARG A CA  1 
ATOM   212  C  C   . ARG A 1 28  ? 10.809  0.305   4.012   1.00 10.34 ? 28  ARG A C   1 
ATOM   213  O  O   . ARG A 1 28  ? 11.088  1.499   3.682   1.00 8.98  ? 28  ARG A O   1 
ATOM   214  C  CB  . ARG A 1 28  ? 12.575  -1.451  3.430   1.00 6.96  ? 28  ARG A CB  1 
ATOM   215  C  CG  . ARG A 1 28  ? 13.252  -0.678  2.325   1.00 16.18 ? 28  ARG A CG  1 
ATOM   216  C  CD  . ARG A 1 28  ? 14.454  0.107   2.727   1.00 19.07 ? 28  ARG A CD  1 
ATOM   217  N  NE  . ARG A 1 28  ? 14.851  1.048   1.753   1.00 22.15 ? 28  ARG A NE  1 
ATOM   218  C  CZ  . ARG A 1 28  ? 15.558  2.123   1.602   1.00 24.68 ? 28  ARG A CZ  1 
ATOM   219  N  NH1 . ARG A 1 28  ? 16.127  2.756   2.638   1.00 24.11 ? 28  ARG A NH1 1 
ATOM   220  N  NH2 . ARG A 1 28  ? 15.657  2.722   0.364   1.00 25.03 ? 28  ARG A NH2 1 
ATOM   221  N  N   . PHE A 1 29  ? 9.576   -0.132  3.952   1.00 10.85 ? 29  PHE A N   1 
ATOM   222  C  CA  . PHE A 1 29  ? 8.442   0.731   3.503   1.00 7.58  ? 29  PHE A CA  1 
ATOM   223  C  C   . PHE A 1 29  ? 8.299   1.939   4.405   1.00 10.53 ? 29  PHE A C   1 
ATOM   224  O  O   . PHE A 1 29  ? 8.332   3.107   3.917   1.00 12.28 ? 29  PHE A O   1 
ATOM   225  C  CB  . PHE A 1 29  ? 7.197   -0.149  3.381   1.00 3.01  ? 29  PHE A CB  1 
ATOM   226  C  CG  . PHE A 1 29  ? 5.864   0.482   3.409   1.00 5.49  ? 29  PHE A CG  1 
ATOM   227  C  CD1 A PHE A 1 29  ? 5.289   0.968   4.594   0.50 2.21  ? 29  PHE A CD1 1 
ATOM   228  C  CD1 B PHE A 1 29  ? 5.510   1.501   2.522   0.50 1.31  ? 29  PHE A CD1 1 
ATOM   229  C  CD2 A PHE A 1 29  ? 5.204   0.713   2.170   0.50 1.31  ? 29  PHE A CD2 1 
ATOM   230  C  CD2 B PHE A 1 29  ? 4.966   0.097   4.443   0.50 4.06  ? 29  PHE A CD2 1 
ATOM   231  C  CE1 A PHE A 1 29  ? 4.067   1.644   4.551   0.50 1.31  ? 29  PHE A CE1 1 
ATOM   232  C  CE1 B PHE A 1 29  ? 4.273   2.101   2.576   0.50 1.31  ? 29  PHE A CE1 1 
ATOM   233  C  CE2 A PHE A 1 29  ? 3.936   1.305   2.138   0.50 1.31  ? 29  PHE A CE2 1 
ATOM   234  C  CE2 B PHE A 1 29  ? 3.701   0.727   4.526   0.50 3.52  ? 29  PHE A CE2 1 
ATOM   235  C  CZ  A PHE A 1 29  ? 3.387   1.787   3.305   0.50 1.31  ? 29  PHE A CZ  1 
ATOM   236  C  CZ  B PHE A 1 29  ? 3.353   1.676   3.523   0.50 2.99  ? 29  PHE A CZ  1 
ATOM   237  N  N   . PHE A 1 30  ? 8.294   1.726   5.733   1.00 10.58 ? 30  PHE A N   1 
ATOM   238  C  CA  . PHE A 1 30  ? 8.154   2.856   6.703   1.00 6.44  ? 30  PHE A CA  1 
ATOM   239  C  C   . PHE A 1 30  ? 9.350   3.755   6.638   1.00 5.89  ? 30  PHE A C   1 
ATOM   240  O  O   . PHE A 1 30  ? 9.205   4.970   6.782   1.00 8.52  ? 30  PHE A O   1 
ATOM   241  C  CB  . PHE A 1 30  ? 7.809   2.335   8.105   1.00 4.48  ? 30  PHE A CB  1 
ATOM   242  C  CG  . PHE A 1 30  ? 6.333   2.092   8.206   1.00 5.47  ? 30  PHE A CG  1 
ATOM   243  C  CD1 . PHE A 1 30  ? 5.459   3.169   8.082   1.00 6.62  ? 30  PHE A CD1 1 
ATOM   244  C  CD2 . PHE A 1 30  ? 5.875   0.766   8.314   1.00 2.14  ? 30  PHE A CD2 1 
ATOM   245  C  CE1 . PHE A 1 30  ? 4.077   2.948   8.163   1.00 9.50  ? 30  PHE A CE1 1 
ATOM   246  C  CE2 . PHE A 1 30  ? 4.504   0.532   8.366   1.00 4.60  ? 30  PHE A CE2 1 
ATOM   247  C  CZ  . PHE A 1 30  ? 3.615   1.629   8.345   1.00 7.07  ? 30  PHE A CZ  1 
ATOM   248  N  N   . ILE A 1 31  ? 10.540  3.252   6.365   1.00 8.93  ? 31  ILE A N   1 
ATOM   249  C  CA  . ILE A 1 31  ? 11.679  4.149   6.130   1.00 7.40  ? 31  ILE A CA  1 
ATOM   250  C  C   . ILE A 1 31  ? 11.327  5.104   4.982   1.00 3.61  ? 31  ILE A C   1 
ATOM   251  O  O   . ILE A 1 31  ? 11.642  6.294   5.123   1.00 8.14  ? 31  ILE A O   1 
ATOM   252  C  CB  . ILE A 1 31  ? 13.016  3.406   5.834   1.00 7.14  ? 31  ILE A CB  1 
ATOM   253  C  CG1 . ILE A 1 31  ? 13.453  2.557   7.072   1.00 11.51 ? 31  ILE A CG1 1 
ATOM   254  C  CG2 . ILE A 1 31  ? 14.165  4.341   5.395   1.00 4.86  ? 31  ILE A CG2 1 
ATOM   255  C  CD1 . ILE A 1 31  ? 14.082  3.339   8.208   1.00 8.37  ? 31  ILE A CD1 1 
ATOM   256  N  N   . LEU A 1 32  ? 10.805  4.566   3.893   1.00 5.84  ? 32  LEU A N   1 
ATOM   257  C  CA  . LEU A 1 32  ? 10.490  5.365   2.655   1.00 5.15  ? 32  LEU A CA  1 
ATOM   258  C  C   . LEU A 1 32  ? 9.314   6.241   2.883   1.00 5.39  ? 32  LEU A C   1 
ATOM   259  O  O   . LEU A 1 32  ? 9.342   7.411   2.464   1.00 9.50  ? 32  LEU A O   1 
ATOM   260  C  CB  . LEU A 1 32  ? 10.326  4.423   1.452   1.00 10.40 ? 32  LEU A CB  1 
ATOM   261  C  CG  . LEU A 1 32  ? 11.582  3.663   1.001   1.00 12.05 ? 32  LEU A CG  1 
ATOM   262  C  CD1 . LEU A 1 32  ? 11.144  2.425   0.239   1.00 9.23  ? 32  LEU A CD1 1 
ATOM   263  C  CD2 . LEU A 1 32  ? 12.442  4.574   0.156   1.00 12.12 ? 32  LEU A CD2 1 
ATOM   264  N  N   . VAL A 1 33  ? 8.388   5.825   3.805   1.00 5.24  ? 33  VAL A N   1 
ATOM   265  C  CA  . VAL A 1 33  ? 7.330   6.759   4.141   1.00 7.34  ? 33  VAL A CA  1 
ATOM   266  C  C   . VAL A 1 33  ? 7.944   8.031   4.765   1.00 11.61 ? 33  VAL A C   1 
ATOM   267  O  O   . VAL A 1 33  ? 7.554   9.157   4.522   1.00 10.15 ? 33  VAL A O   1 
ATOM   268  C  CB  . VAL A 1 33  ? 6.249   6.140   5.065   1.00 9.32  ? 33  VAL A CB  1 
ATOM   269  C  CG1 . VAL A 1 33  ? 5.351   7.211   5.741   1.00 9.02  ? 33  VAL A CG1 1 
ATOM   270  C  CG2 . VAL A 1 33  ? 5.374   5.117   4.380   1.00 5.32  ? 33  VAL A CG2 1 
ATOM   271  N  N   . LEU A 1 34  ? 8.780   7.776   5.771   1.00 11.05 ? 34  LEU A N   1 
ATOM   272  C  CA  . LEU A 1 34  ? 9.349   8.897   6.613   1.00 11.40 ? 34  LEU A CA  1 
ATOM   273  C  C   . LEU A 1 34  ? 10.316  9.725   5.824   1.00 9.69  ? 34  LEU A C   1 
ATOM   274  O  O   . LEU A 1 34  ? 10.397  10.925  6.081   1.00 7.11  ? 34  LEU A O   1 
ATOM   275  C  CB  . LEU A 1 34  ? 9.835   8.229   7.894   1.00 4.02  ? 34  LEU A CB  1 
ATOM   276  C  CG  . LEU A 1 34  ? 8.838   8.116   9.053   1.00 9.04  ? 34  LEU A CG  1 
ATOM   277  C  CD1 . LEU A 1 34  ? 7.442   7.667   8.662   1.00 9.97  ? 34  LEU A CD1 1 
ATOM   278  C  CD2 . LEU A 1 34  ? 9.419   7.112   10.046  1.00 5.83  ? 34  LEU A CD2 1 
ATOM   279  N  N   . GLU A 1 35  ? 11.019  9.177   4.831   1.00 11.45 ? 35  GLU A N   1 
ATOM   280  C  CA  . GLU A 1 35  ? 11.893  9.960   3.963   1.00 16.30 ? 35  GLU A CA  1 
ATOM   281  C  C   . GLU A 1 35  ? 11.082  10.965  3.120   1.00 15.80 ? 35  GLU A C   1 
ATOM   282  O  O   . GLU A 1 35  ? 11.649  12.007  2.759   1.00 16.35 ? 35  GLU A O   1 
ATOM   283  C  CB  . GLU A 1 35  ? 12.677  9.148   2.961   1.00 19.41 ? 35  GLU A CB  1 
ATOM   284  C  CG  . GLU A 1 35  ? 13.757  8.153   3.423   1.00 25.75 ? 35  GLU A CG  1 
ATOM   285  C  CD  . GLU A 1 35  ? 14.764  7.777   2.363   1.00 27.39 ? 35  GLU A CD  1 
ATOM   286  O  OE1 . GLU A 1 35  ? 14.443  8.083   1.176   1.00 27.74 ? 35  GLU A OE1 1 
ATOM   287  O  OE2 . GLU A 1 35  ? 15.807  7.219   2.644   1.00 31.99 ? 35  GLU A OE2 1 
ATOM   288  N  N   . ILE A 1 36  ? 9.836   10.601  2.777   1.00 12.36 ? 36  ILE A N   1 
ATOM   289  C  CA  . ILE A 1 36  ? 8.990   11.444  1.955   1.00 7.14  ? 36  ILE A CA  1 
ATOM   290  C  C   . ILE A 1 36  ? 8.235   12.524  2.745   1.00 8.86  ? 36  ILE A C   1 
ATOM   291  O  O   . ILE A 1 36  ? 8.139   13.683  2.250   1.00 11.36 ? 36  ILE A O   1 
ATOM   292  C  CB  . ILE A 1 36  ? 7.961   10.636  1.083   1.00 7.46  ? 36  ILE A CB  1 
ATOM   293  C  CG1 . ILE A 1 36  ? 8.729   9.772   0.058   1.00 9.33  ? 36  ILE A CG1 1 
ATOM   294  C  CG2 . ILE A 1 36  ? 6.952   11.622  0.421   1.00 9.44  ? 36  ILE A CG2 1 
ATOM   295  C  CD1 . ILE A 1 36  ? 7.978   8.572   -0.532  1.00 11.73 ? 36  ILE A CD1 1 
ATOM   296  N  N   . ALA A 1 37  ? 7.702   12.090  3.858   1.00 5.20  ? 37  ALA A N   1 
ATOM   297  C  CA  . ALA A 1 37  ? 6.923   12.933  4.727   1.00 12.03 ? 37  ALA A CA  1 
ATOM   298  C  C   . ALA A 1 37  ? 7.200   12.617  6.185   1.00 8.79  ? 37  ALA A C   1 
ATOM   299  O  O   . ALA A 1 37  ? 6.344   11.941  6.799   1.00 12.98 ? 37  ALA A O   1 
ATOM   300  C  CB  . ALA A 1 37  ? 5.419   12.706  4.414   1.00 15.00 ? 37  ALA A CB  1 
ATOM   301  N  N   . PRO A 1 38  ? 8.235   13.217  6.699   1.00 4.84  ? 38  PRO A N   1 
ATOM   302  C  CA  . PRO A 1 38  ? 8.632   12.987  8.118   1.00 6.51  ? 38  PRO A CA  1 
ATOM   303  C  C   . PRO A 1 38  ? 7.533   13.347  9.058   1.00 7.91  ? 38  PRO A C   1 
ATOM   304  O  O   . PRO A 1 38  ? 7.230   12.523  9.988   1.00 10.67 ? 38  PRO A O   1 
ATOM   305  C  CB  . PRO A 1 38  ? 9.947   13.736  8.256   1.00 6.04  ? 38  PRO A CB  1 
ATOM   306  C  CG  . PRO A 1 38  ? 10.144  14.583  7.102   1.00 2.17  ? 38  PRO A CG  1 
ATOM   307  C  CD  . PRO A 1 38  ? 9.236   14.021  5.982   1.00 7.89  ? 38  PRO A CD  1 
ATOM   308  N  N   . ALA A 1 39  ? 6.714   14.351  8.749   1.00 7.66  ? 39  ALA A N   1 
ATOM   309  C  CA  . ALA A 1 39  ? 5.537   14.623  9.566   1.00 7.69  ? 39  ALA A CA  1 
ATOM   310  C  C   . ALA A 1 39  ? 4.611   13.425  9.650   1.00 7.83  ? 39  ALA A C   1 
ATOM   311  O  O   . ALA A 1 39  ? 3.860   13.395  10.687  1.00 11.54 ? 39  ALA A O   1 
ATOM   312  C  CB  . ALA A 1 39  ? 4.821   15.902  9.060   1.00 7.79  ? 39  ALA A CB  1 
ATOM   313  N  N   . ALA A 1 40  ? 4.548   12.427  8.804   1.00 9.09  ? 40  ALA A N   1 
ATOM   314  C  CA  . ALA A 1 40  ? 3.624   11.289  8.925   1.00 4.68  ? 40  ALA A CA  1 
ATOM   315  C  C   . ALA A 1 40  ? 3.798   10.316  10.053  1.00 8.83  ? 40  ALA A C   1 
ATOM   316  O  O   . ALA A 1 40  ? 2.969   9.409   10.425  1.00 9.76  ? 40  ALA A O   1 
ATOM   317  C  CB  . ALA A 1 40  ? 3.827   10.478  7.583   1.00 6.79  ? 40  ALA A CB  1 
ATOM   318  N  N   . LYS A 1 41  ? 4.950   10.321  10.649  1.00 6.99  ? 41  LYS A N   1 
ATOM   319  C  CA  . LYS A 1 41  ? 5.330   9.411   11.767  1.00 11.39 ? 41  LYS A CA  1 
ATOM   320  C  C   . LYS A 1 41  ? 4.302   9.336   12.836  1.00 11.99 ? 41  LYS A C   1 
ATOM   321  O  O   . LYS A 1 41  ? 3.873   8.215   13.264  1.00 16.35 ? 41  LYS A O   1 
ATOM   322  C  CB  . LYS A 1 41  ? 6.689   9.905   12.255  1.00 11.64 ? 41  LYS A CB  1 
ATOM   323  C  CG  . LYS A 1 41  ? 7.342   9.006   13.302  1.00 17.97 ? 41  LYS A CG  1 
ATOM   324  C  CD  . LYS A 1 41  ? 8.547   9.833   13.861  1.00 19.20 ? 41  LYS A CD  1 
ATOM   325  C  CE  . LYS A 1 41  ? 9.103   9.078   15.038  1.00 27.38 ? 41  LYS A CE  1 
ATOM   326  N  NZ  . LYS A 1 41  ? 7.937   8.546   15.845  1.00 33.88 ? 41  LYS A NZ  1 
ATOM   327  N  N   . ASP A 1 42  ? 3.824   10.493  13.296  1.00 16.40 ? 42  ASP A N   1 
ATOM   328  C  CA  . ASP A 1 42  ? 2.817   10.672  14.331  1.00 15.77 ? 42  ASP A CA  1 
ATOM   329  C  C   . ASP A 1 42  ? 1.457   10.042  14.076  1.00 12.98 ? 42  ASP A C   1 
ATOM   330  O  O   . ASP A 1 42  ? 0.747   9.923   15.072  1.00 13.34 ? 42  ASP A O   1 
ATOM   331  C  CB  . ASP A 1 42  ? 2.585   12.195  14.610  1.00 22.80 ? 42  ASP A CB  1 
ATOM   332  C  CG  . ASP A 1 42  ? 3.966   12.850  14.655  1.00 30.27 ? 42  ASP A CG  1 
ATOM   333  O  OD1 . ASP A 1 42  ? 4.834   12.115  15.244  1.00 33.35 ? 42  ASP A OD1 1 
ATOM   334  O  OD2 . ASP A 1 42  ? 4.121   13.913  14.037  1.00 30.91 ? 42  ASP A OD2 1 
ATOM   335  N  N   . LEU A 1 43  ? 1.040   9.738   12.890  1.00 13.16 ? 43  LEU A N   1 
ATOM   336  C  CA  . LEU A 1 43  ? -0.215  9.096   12.548  1.00 8.58  ? 43  LEU A CA  1 
ATOM   337  C  C   . LEU A 1 43  ? -0.203  7.644   12.953  1.00 6.48  ? 43  LEU A C   1 
ATOM   338  O  O   . LEU A 1 43  ? -1.219  7.026   13.345  1.00 9.34  ? 43  LEU A O   1 
ATOM   339  C  CB  . LEU A 1 43  ? -0.418  9.286   10.991  1.00 13.79 ? 43  LEU A CB  1 
ATOM   340  C  CG  . LEU A 1 43  ? -0.287  10.744  10.509  1.00 13.15 ? 43  LEU A CG  1 
ATOM   341  C  CD1 . LEU A 1 43  ? -0.315  10.814  8.995   1.00 11.52 ? 43  LEU A CD1 1 
ATOM   342  C  CD2 . LEU A 1 43  ? -1.419  11.542  11.121  1.00 14.05 ? 43  LEU A CD2 1 
ATOM   343  N  N   . PHE A 1 44  ? 1.003   7.095   12.966  1.00 11.15 ? 44  PHE A N   1 
ATOM   344  C  CA  . PHE A 1 44  ? 1.223   5.662   13.227  1.00 14.11 ? 44  PHE A CA  1 
ATOM   345  C  C   . PHE A 1 44  ? 1.511   5.324   14.664  1.00 17.14 ? 44  PHE A C   1 
ATOM   346  O  O   . PHE A 1 44  ? 2.593   5.584   15.180  1.00 17.88 ? 44  PHE A O   1 
ATOM   347  C  CB  . PHE A 1 44  ? 2.356   5.202   12.245  1.00 13.72 ? 44  PHE A CB  1 
ATOM   348  C  CG  . PHE A 1 44  ? 1.827   5.223   10.836  1.00 12.12 ? 44  PHE A CG  1 
ATOM   349  C  CD1 . PHE A 1 44  ? 0.963   4.195   10.434  1.00 4.21  ? 44  PHE A CD1 1 
ATOM   350  C  CD2 . PHE A 1 44  ? 2.239   6.233   9.987   1.00 10.31 ? 44  PHE A CD2 1 
ATOM   351  C  CE1 . PHE A 1 44  ? 0.527   4.182   9.071   1.00 10.01 ? 44  PHE A CE1 1 
ATOM   352  C  CE2 . PHE A 1 44  ? 1.805   6.212   8.655   1.00 10.03 ? 44  PHE A CE2 1 
ATOM   353  C  CZ  . PHE A 1 44  ? 0.913   5.228   8.242   1.00 10.65 ? 44  PHE A CZ  1 
ATOM   354  N  N   . SER A 1 45  ? 0.564   4.562   15.228  1.00 14.98 ? 45  SER A N   1 
ATOM   355  C  CA  . SER A 1 45  ? 0.621   4.161   16.628  1.00 17.51 ? 45  SER A CA  1 
ATOM   356  C  C   . SER A 1 45  ? 1.895   3.458   17.014  1.00 17.36 ? 45  SER A C   1 
ATOM   357  O  O   . SER A 1 45  ? 2.400   3.762   18.112  1.00 16.48 ? 45  SER A O   1 
ATOM   358  C  CB  . SER A 1 45  ? -0.626  3.316   16.979  1.00 22.57 ? 45  SER A CB  1 
ATOM   359  O  OG  . SER A 1 45  ? -0.689  2.037   16.403  1.00 19.74 ? 45  SER A OG  1 
ATOM   360  N  N   . PHE A 1 46  ? 2.424   2.582   16.199  1.00 16.62 ? 46  PHE A N   1 
ATOM   361  C  CA  . PHE A 1 46  ? 3.624   1.787   16.522  1.00 14.42 ? 46  PHE A CA  1 
ATOM   362  C  C   . PHE A 1 46  ? 4.898   2.501   16.170  1.00 17.89 ? 46  PHE A C   1 
ATOM   363  O  O   . PHE A 1 46  ? 6.028   1.957   16.318  1.00 17.98 ? 46  PHE A O   1 
ATOM   364  C  CB  . PHE A 1 46  ? 3.505   0.403   15.839  1.00 12.54 ? 46  PHE A CB  1 
ATOM   365  C  CG  . PHE A 1 46  ? 2.978   0.529   14.422  1.00 7.80  ? 46  PHE A CG  1 
ATOM   366  C  CD1 . PHE A 1 46  ? 3.856   0.908   13.403  1.00 9.62  ? 46  PHE A CD1 1 
ATOM   367  C  CD2 . PHE A 1 46  ? 1.701   0.175   14.144  1.00 6.40  ? 46  PHE A CD2 1 
ATOM   368  C  CE1 . PHE A 1 46  ? 3.422   0.988   12.076  1.00 7.59  ? 46  PHE A CE1 1 
ATOM   369  C  CE2 . PHE A 1 46  ? 1.205   0.166   12.868  1.00 6.16  ? 46  PHE A CE2 1 
ATOM   370  C  CZ  . PHE A 1 46  ? 2.078   0.597   11.825  1.00 11.65 ? 46  PHE A CZ  1 
ATOM   371  N  N   . LEU A 1 47  ? 4.773   3.734   15.651  1.00 14.79 ? 47  LEU A N   1 
ATOM   372  C  CA  . LEU A 1 47  ? 5.964   4.504   15.345  1.00 15.28 ? 47  LEU A CA  1 
ATOM   373  C  C   . LEU A 1 47  ? 6.063   5.665   16.380  1.00 20.08 ? 47  LEU A C   1 
ATOM   374  O  O   . LEU A 1 47  ? 7.104   6.269   16.472  1.00 16.66 ? 47  LEU A O   1 
ATOM   375  C  CB  . LEU A 1 47  ? 5.974   5.114   13.994  1.00 16.56 ? 47  LEU A CB  1 
ATOM   376  C  CG  . LEU A 1 47  ? 5.661   4.373   12.719  1.00 20.89 ? 47  LEU A CG  1 
ATOM   377  C  CD1 . LEU A 1 47  ? 6.026   5.348   11.575  1.00 18.77 ? 47  LEU A CD1 1 
ATOM   378  C  CD2 . LEU A 1 47  ? 6.429   3.076   12.654  1.00 20.17 ? 47  LEU A CD2 1 
ATOM   379  N  N   . LYS A 1 48  ? 4.900   6.013   16.890  1.00 31.25 ? 48  LYS A N   1 
ATOM   380  C  CA  . LYS A 1 48  ? 4.887   7.189   17.817  1.00 43.99 ? 48  LYS A CA  1 
ATOM   381  C  C   . LYS A 1 48  ? 5.828   6.938   18.980  1.00 45.45 ? 48  LYS A C   1 
ATOM   382  O  O   . LYS A 1 48  ? 6.137   5.821   19.434  1.00 48.09 ? 48  LYS A O   1 
ATOM   383  C  CB  . LYS A 1 48  ? 3.464   7.529   18.219  1.00 46.99 ? 48  LYS A CB  1 
ATOM   384  C  CG  . LYS A 1 48  ? 2.612   7.980   16.994  1.00 52.73 ? 48  LYS A CG  1 
ATOM   385  C  CD  . LYS A 1 48  ? 1.164   8.231   17.410  1.00 55.17 ? 48  LYS A CD  1 
ATOM   386  C  CE  . LYS A 1 48  ? 0.988   9.477   18.258  1.00 57.06 ? 48  LYS A CE  1 
ATOM   387  N  NZ  . LYS A 1 48  ? 0.562   9.144   19.653  1.00 57.90 ? 48  LYS A NZ  1 
ATOM   388  N  N   . GLY A 1 49  ? 6.462   8.048   19.372  1.00 48.01 ? 49  GLY A N   1 
ATOM   389  C  CA  . GLY A 1 49  ? 7.419   8.023   20.472  1.00 49.12 ? 49  GLY A CA  1 
ATOM   390  C  C   . GLY A 1 49  ? 8.485   6.957   20.311  1.00 50.06 ? 49  GLY A C   1 
ATOM   391  O  O   . GLY A 1 49  ? 8.704   6.174   21.267  1.00 52.37 ? 49  GLY A O   1 
ATOM   392  N  N   . THR A 1 50  ? 9.079   6.863   19.144  1.00 49.15 ? 50  THR A N   1 
ATOM   393  C  CA  . THR A 1 50  ? 10.213  5.953   18.834  1.00 48.67 ? 50  THR A CA  1 
ATOM   394  C  C   . THR A 1 50  ? 11.180  6.851   18.024  1.00 48.43 ? 50  THR A C   1 
ATOM   395  O  O   . THR A 1 50  ? 10.698  7.912   17.533  1.00 49.27 ? 50  THR A O   1 
ATOM   396  C  CB  . THR A 1 50  ? 9.883   4.581   18.167  1.00 46.53 ? 50  THR A CB  1 
ATOM   397  O  OG1 . THR A 1 50  ? 9.432   4.796   16.787  1.00 46.16 ? 50  THR A OG1 1 
ATOM   398  C  CG2 . THR A 1 50  ? 8.817   3.714   18.890  1.00 46.39 ? 50  THR A CG2 1 
ATOM   399  N  N   . SER A 1 51  ? 12.472  6.597   17.994  1.00 46.96 ? 51  SER A N   1 
ATOM   400  C  CA  . SER A 1 51  ? 13.369  7.471   17.202  1.00 48.68 ? 51  SER A CA  1 
ATOM   401  C  C   . SER A 1 51  ? 13.412  6.970   15.749  1.00 47.05 ? 51  SER A C   1 
ATOM   402  O  O   . SER A 1 51  ? 13.130  7.671   14.772  1.00 48.88 ? 51  SER A O   1 
ATOM   403  C  CB  . SER A 1 51  ? 14.793  7.566   17.727  1.00 49.21 ? 51  SER A CB  1 
ATOM   404  O  OG  . SER A 1 51  ? 15.587  8.189   16.672  1.00 51.66 ? 51  SER A OG  1 
ATOM   405  N  N   . GLU A 1 52  ? 13.856  5.722   15.675  1.00 44.06 ? 52  GLU A N   1 
ATOM   406  C  CA  . GLU A 1 52  ? 13.969  5.007   14.405  1.00 41.75 ? 52  GLU A CA  1 
ATOM   407  C  C   . GLU A 1 52  ? 12.867  3.970   14.260  1.00 31.46 ? 52  GLU A C   1 
ATOM   408  O  O   . GLU A 1 52  ? 12.335  3.420   15.229  1.00 26.96 ? 52  GLU A O   1 
ATOM   409  C  CB  . GLU A 1 52  ? 15.311  4.290   14.277  1.00 48.47 ? 52  GLU A CB  1 
ATOM   410  C  CG  . GLU A 1 52  ? 16.390  4.732   15.290  1.00 58.29 ? 52  GLU A CG  1 
ATOM   411  C  CD  . GLU A 1 52  ? 17.767  4.775   14.664  1.00 64.31 ? 52  GLU A CD  1 
ATOM   412  O  OE1 . GLU A 1 52  ? 17.986  4.299   13.553  1.00 67.29 ? 52  GLU A OE1 1 
ATOM   413  O  OE2 . GLU A 1 52  ? 18.591  5.355   15.408  1.00 67.10 ? 52  GLU A OE2 1 
ATOM   414  N  N   . VAL A 1 53  ? 12.581  3.650   12.998  1.00 22.12 ? 53  VAL A N   1 
ATOM   415  C  CA  . VAL A 1 53  ? 11.551  2.618   12.775  1.00 16.23 ? 53  VAL A CA  1 
ATOM   416  C  C   . VAL A 1 53  ? 12.041  1.297   13.368  1.00 12.61 ? 53  VAL A C   1 
ATOM   417  O  O   . VAL A 1 53  ? 13.089  0.709   12.996  1.00 8.36  ? 53  VAL A O   1 
ATOM   418  C  CB  . VAL A 1 53  ? 11.182  2.532   11.289  1.00 18.32 ? 53  VAL A CB  1 
ATOM   419  C  CG1 . VAL A 1 53  ? 10.095  1.466   11.011  1.00 15.99 ? 53  VAL A CG1 1 
ATOM   420  C  CG2 . VAL A 1 53  ? 10.760  3.868   10.634  1.00 17.28 ? 53  VAL A CG2 1 
ATOM   421  N  N   . PRO A 1 54  ? 11.166  0.707   14.150  1.00 10.95 ? 54  PRO A N   1 
ATOM   422  C  CA  . PRO A 1 54  ? 11.475  -0.631  14.715  1.00 9.28  ? 54  PRO A CA  1 
ATOM   423  C  C   . PRO A 1 54  ? 11.731  -1.628  13.621  1.00 17.70 ? 54  PRO A C   1 
ATOM   424  O  O   . PRO A 1 54  ? 11.132  -1.639  12.480  1.00 19.87 ? 54  PRO A O   1 
ATOM   425  C  CB  . PRO A 1 54  ? 10.285  -0.921  15.591  1.00 6.56  ? 54  PRO A CB  1 
ATOM   426  C  CG  . PRO A 1 54  ? 9.165   0.014   15.188  1.00 7.33  ? 54  PRO A CG  1 
ATOM   427  C  CD  . PRO A 1 54  ? 9.868   1.241   14.606  1.00 6.41  ? 54  PRO A CD  1 
ATOM   428  N  N   . GLN A 1 55  ? 12.658  -2.558  13.840  1.00 10.94 ? 55  GLN A N   1 
ATOM   429  C  CA  . GLN A 1 55  ? 12.919  -3.584  12.839  1.00 11.82 ? 55  GLN A CA  1 
ATOM   430  C  C   . GLN A 1 55  ? 12.227  -4.901  13.172  1.00 6.49  ? 55  GLN A C   1 
ATOM   431  O  O   . GLN A 1 55  ? 12.066  -5.692  12.219  1.00 12.07 ? 55  GLN A O   1 
ATOM   432  C  CB  . GLN A 1 55  ? 14.392  -3.828  12.693  1.00 12.21 ? 55  GLN A CB  1 
ATOM   433  C  CG  . GLN A 1 55  ? 15.183  -2.903  13.585  1.00 27.24 ? 55  GLN A CG  1 
ATOM   434  C  CD  . GLN A 1 55  ? 15.911  -1.857  12.757  1.00 33.29 ? 55  GLN A CD  1 
ATOM   435  O  OE1 . GLN A 1 55  ? 16.773  -2.240  11.947  1.00 35.09 ? 55  GLN A OE1 1 
ATOM   436  N  NE2 . GLN A 1 55  ? 15.505  -0.608  13.010  1.00 34.42 ? 55  GLN A NE2 1 
ATOM   437  N  N   . ASN A 1 56  ? 11.905  -5.159  14.436  1.00 8.39  ? 56  ASN A N   1 
ATOM   438  C  CA  . ASN A 1 56  ? 11.259  -6.506  14.716  1.00 6.06  ? 56  ASN A CA  1 
ATOM   439  C  C   . ASN A 1 56  ? 9.997   -6.324  15.525  1.00 6.69  ? 56  ASN A C   1 
ATOM   440  O  O   . ASN A 1 56  ? 9.554   -7.109  16.393  1.00 7.39  ? 56  ASN A O   1 
ATOM   441  C  CB  . ASN A 1 56  ? 12.302  -7.466  15.270  1.00 12.43 ? 56  ASN A CB  1 
ATOM   442  C  CG  . ASN A 1 56  ? 13.474  -7.799  14.384  1.00 17.28 ? 56  ASN A CG  1 
ATOM   443  O  OD1 . ASN A 1 56  ? 14.569  -7.168  14.522  1.00 17.97 ? 56  ASN A OD1 1 
ATOM   444  N  ND2 . ASN A 1 56  ? 13.317  -8.686  13.392  1.00 17.99 ? 56  ASN A ND2 1 
ATOM   445  N  N   . ASN A 1 57  ? 9.171   -5.387  15.005  1.00 4.69  ? 57  ASN A N   1 
ATOM   446  C  CA  . ASN A 1 57  ? 7.847   -5.161  15.641  1.00 8.46  ? 57  ASN A CA  1 
ATOM   447  C  C   . ASN A 1 57  ? 6.745   -5.906  14.927  1.00 6.83  ? 57  ASN A C   1 
ATOM   448  O  O   . ASN A 1 57  ? 6.447   -5.506  13.801  1.00 8.40  ? 57  ASN A O   1 
ATOM   449  C  CB  . ASN A 1 57  ? 7.722   -3.626  15.675  1.00 5.20  ? 57  ASN A CB  1 
ATOM   450  C  CG  . ASN A 1 57  ? 6.482   -3.118  16.364  1.00 7.82  ? 57  ASN A CG  1 
ATOM   451  O  OD1 . ASN A 1 57  ? 5.401   -3.656  16.139  1.00 15.73 ? 57  ASN A OD1 1 
ATOM   452  N  ND2 . ASN A 1 57  ? 6.594   -1.978  17.066  1.00 11.80 ? 57  ASN A ND2 1 
ATOM   453  N  N   . PRO A 1 58  ? 5.927   -6.743  15.609  1.00 10.71 ? 58  PRO A N   1 
ATOM   454  C  CA  . PRO A 1 58  ? 4.834   -7.481  14.995  1.00 8.89  ? 58  PRO A CA  1 
ATOM   455  C  C   . PRO A 1 58  ? 3.657   -6.653  14.529  1.00 6.87  ? 58  PRO A C   1 
ATOM   456  O  O   . PRO A 1 58  ? 2.871   -7.065  13.617  1.00 4.42  ? 58  PRO A O   1 
ATOM   457  C  CB  . PRO A 1 58  ? 4.445   -8.517  16.076  1.00 8.48  ? 58  PRO A CB  1 
ATOM   458  C  CG  . PRO A 1 58  ? 4.863   -7.883  17.356  1.00 8.09  ? 58  PRO A CG  1 
ATOM   459  C  CD  . PRO A 1 58  ? 6.154   -7.150  17.034  1.00 6.61  ? 58  PRO A CD  1 
ATOM   460  N  N   . GLU A 1 59  ? 3.439   -5.486  15.140  1.00 8.77  ? 59  GLU A N   1 
ATOM   461  C  CA  . GLU A 1 59  ? 2.335   -4.592  14.800  1.00 12.03 ? 59  GLU A CA  1 
ATOM   462  C  C   . GLU A 1 59  ? 2.653   -3.889  13.484  1.00 6.96  ? 59  GLU A C   1 
ATOM   463  O  O   . GLU A 1 59  ? 1.824   -3.906  12.569  1.00 6.21  ? 59  GLU A O   1 
ATOM   464  C  CB  . GLU A 1 59  ? 2.019   -3.503  15.791  1.00 16.08 ? 59  GLU A CB  1 
ATOM   465  C  CG  . GLU A 1 59  ? 1.521   -3.800  17.199  1.00 27.40 ? 59  GLU A CG  1 
ATOM   466  C  CD  . GLU A 1 59  ? 0.899   -2.608  17.896  1.00 31.56 ? 59  GLU A CD  1 
ATOM   467  O  OE1 . GLU A 1 59  ? 0.074   -1.843  17.369  1.00 38.11 ? 59  GLU A OE1 1 
ATOM   468  O  OE2 . GLU A 1 59  ? 1.325   -2.448  19.057  1.00 32.50 ? 59  GLU A OE2 1 
ATOM   469  N  N   . LEU A 1 60  ? 3.873   -3.397  13.343  1.00 5.20  ? 60  LEU A N   1 
ATOM   470  C  CA  . LEU A 1 60  ? 4.288   -2.748  12.099  1.00 1.31  ? 60  LEU A CA  1 
ATOM   471  C  C   . LEU A 1 60  ? 4.178   -3.698  10.923  1.00 8.40  ? 60  LEU A C   1 
ATOM   472  O  O   . LEU A 1 60  ? 3.855   -3.270  9.796   1.00 8.80  ? 60  LEU A O   1 
ATOM   473  C  CB  . LEU A 1 60  ? 5.728   -2.219  12.228  1.00 7.78  ? 60  LEU A CB  1 
ATOM   474  C  CG  . LEU A 1 60  ? 6.432   -1.469  11.124  1.00 2.74  ? 60  LEU A CG  1 
ATOM   475  C  CD1 . LEU A 1 60  ? 7.539   -0.540  11.673  1.00 2.70  ? 60  LEU A CD1 1 
ATOM   476  C  CD2 . LEU A 1 60  ? 7.113   -2.450  10.168  1.00 2.86  ? 60  LEU A CD2 1 
ATOM   477  N  N   . GLN A 1 61  ? 4.627   -4.920  11.179  1.00 11.75 ? 61  GLN A N   1 
ATOM   478  C  CA  . GLN A 1 61  ? 4.739   -5.991  10.185  1.00 4.38  ? 61  GLN A CA  1 
ATOM   479  C  C   . GLN A 1 61  ? 3.363   -6.419  9.737   1.00 6.99  ? 61  GLN A C   1 
ATOM   480  O  O   . GLN A 1 61  ? 3.204   -6.523  8.505   1.00 6.75  ? 61  GLN A O   1 
ATOM   481  C  CB  . GLN A 1 61  ? 5.512   -7.194  10.690  1.00 3.02  ? 61  GLN A CB  1 
ATOM   482  C  CG  . GLN A 1 61  ? 7.007   -6.987  10.676  1.00 2.96  ? 61  GLN A CG  1 
ATOM   483  C  CD  . GLN A 1 61  ? 7.755   -8.086  11.427  1.00 4.29  ? 61  GLN A CD  1 
ATOM   484  O  OE1 . GLN A 1 61  ? 8.943   -7.919  11.770  1.00 11.47 ? 61  GLN A OE1 1 
ATOM   485  N  NE2 . GLN A 1 61  ? 7.086   -9.162  11.786  1.00 7.57  ? 61  GLN A NE2 1 
ATOM   486  N  N   . ALA A 1 62  ? 2.486   -6.532  10.720  1.00 14.32 ? 62  ALA A N   1 
ATOM   487  C  CA  . ALA A 1 62  ? 1.089   -6.941  10.398  1.00 11.27 ? 62  ALA A CA  1 
ATOM   488  C  C   . ALA A 1 62  ? 0.411   -5.856  9.568   1.00 14.49 ? 62  ALA A C   1 
ATOM   489  O  O   . ALA A 1 62  ? -0.297  -6.162  8.581   1.00 12.15 ? 62  ALA A O   1 
ATOM   490  C  CB  . ALA A 1 62  ? 0.377   -7.264  11.682  1.00 11.76 ? 62  ALA A CB  1 
ATOM   491  N  N   . HIS A 1 63  ? 0.505   -4.606  9.956   1.00 7.62  ? 63  HIS A N   1 
ATOM   492  C  CA  . HIS A 1 63  ? -0.057  -3.471  9.280   1.00 5.42  ? 63  HIS A CA  1 
ATOM   493  C  C   . HIS A 1 63  ? 0.433   -3.334  7.836   1.00 5.68  ? 63  HIS A C   1 
ATOM   494  O  O   . HIS A 1 63  ? -0.344  -3.437  6.872   1.00 6.24  ? 63  HIS A O   1 
ATOM   495  C  CB  . HIS A 1 63  ? 0.280   -2.136  10.090  1.00 1.97  ? 63  HIS A CB  1 
ATOM   496  C  CG  . HIS A 1 63  ? -0.024  -0.916  9.207   1.00 5.03  ? 63  HIS A CG  1 
ATOM   497  N  ND1 . HIS A 1 63  ? -1.355  -0.459  9.078   1.00 6.96  ? 63  HIS A ND1 1 
ATOM   498  C  CD2 . HIS A 1 63  ? 0.698   -0.129  8.492   1.00 4.90  ? 63  HIS A CD2 1 
ATOM   499  C  CE1 . HIS A 1 63  ? -1.335  0.588   8.228   1.00 6.36  ? 63  HIS A CE1 1 
ATOM   500  N  NE2 . HIS A 1 63  ? -0.118  0.846   7.868   1.00 8.56  ? 63  HIS A NE2 1 
ATOM   501  N  N   . ALA A 1 64  ? 1.727   -3.198  7.643   1.00 5.36  ? 64  ALA A N   1 
ATOM   502  C  CA  . ALA A 1 64  ? 2.382   -2.921  6.338   1.00 7.60  ? 64  ALA A CA  1 
ATOM   503  C  C   . ALA A 1 64  ? 2.186   -4.103  5.425   1.00 12.57 ? 64  ALA A C   1 
ATOM   504  O  O   . ALA A 1 64  ? 1.915   -3.856  4.228   1.00 10.31 ? 64  ALA A O   1 
ATOM   505  C  CB  . ALA A 1 64  ? 3.837   -2.564  6.541   1.00 12.05 ? 64  ALA A CB  1 
ATOM   506  N  N   . GLY A 1 65  ? 2.129   -5.307  5.950   1.00 11.17 ? 65  GLY A N   1 
ATOM   507  C  CA  . GLY A 1 65  ? 1.817   -6.539  5.200   1.00 11.93 ? 65  GLY A CA  1 
ATOM   508  C  C   . GLY A 1 65  ? 0.358   -6.553  4.700   1.00 15.11 ? 65  GLY A C   1 
ATOM   509  O  O   . GLY A 1 65  ? 0.167   -7.031  3.534   1.00 16.16 ? 65  GLY A O   1 
ATOM   510  N  N   . LYS A 1 66  ? -0.619  -6.045  5.433   1.00 13.33 ? 66  LYS A N   1 
ATOM   511  C  CA  . LYS A 1 66  ? -2.026  -5.977  5.046   1.00 9.86  ? 66  LYS A CA  1 
ATOM   512  C  C   . LYS A 1 66  ? -2.230  -4.963  3.915   1.00 9.78  ? 66  LYS A C   1 
ATOM   513  O  O   . LYS A 1 66  ? -3.173  -4.960  3.099   1.00 11.70 ? 66  LYS A O   1 
ATOM   514  C  CB  . LYS A 1 66  ? -2.997  -5.512  6.114   1.00 14.74 ? 66  LYS A CB  1 
ATOM   515  C  CG  . LYS A 1 66  ? -3.368  -6.449  7.234   1.00 24.92 ? 66  LYS A CG  1 
ATOM   516  C  CD  . LYS A 1 66  ? -3.141  -5.876  8.639   1.00 24.33 ? 66  LYS A CD  1 
ATOM   517  C  CE  . LYS A 1 66  ? -4.228  -4.980  9.136   1.00 28.50 ? 66  LYS A CE  1 
ATOM   518  N  NZ  . LYS A 1 66  ? -3.904  -4.474  10.525  1.00 33.59 ? 66  LYS A NZ  1 
ATOM   519  N  N   . VAL A 1 67  ? -1.524  -3.840  4.125   1.00 14.55 ? 67  VAL A N   1 
ATOM   520  C  CA  . VAL A 1 67  ? -1.549  -2.742  3.151   1.00 12.32 ? 67  VAL A CA  1 
ATOM   521  C  C   . VAL A 1 67  ? -1.167  -3.287  1.774   1.00 10.52 ? 67  VAL A C   1 
ATOM   522  O  O   . VAL A 1 67  ? -1.938  -3.060  0.804   1.00 7.35  ? 67  VAL A O   1 
ATOM   523  C  CB  . VAL A 1 67  ? -0.645  -1.597  3.631   1.00 12.90 ? 67  VAL A CB  1 
ATOM   524  C  CG1 . VAL A 1 67  ? -0.499  -0.488  2.612   1.00 12.30 ? 67  VAL A CG1 1 
ATOM   525  C  CG2 . VAL A 1 67  ? -1.091  -1.033  4.987   1.00 14.53 ? 67  VAL A CG2 1 
ATOM   526  N  N   . PHE A 1 68  ? -0.061  -3.995  1.645   1.00 10.48 ? 68  PHE A N   1 
ATOM   527  C  CA  . PHE A 1 68  ? 0.447   -4.503  0.347   1.00 9.62  ? 68  PHE A CA  1 
ATOM   528  C  C   . PHE A 1 68  ? -0.484  -5.557  -0.220  1.00 12.42 ? 68  PHE A C   1 
ATOM   529  O  O   . PHE A 1 68  ? -0.684  -5.637  -1.463  1.00 12.31 ? 68  PHE A O   1 
ATOM   530  C  CB  . PHE A 1 68  ? 1.904   -5.047  0.419   1.00 4.12  ? 68  PHE A CB  1 
ATOM   531  C  CG  . PHE A 1 68  ? 2.927   -3.928  0.413   1.00 1.31  ? 68  PHE A CG  1 
ATOM   532  C  CD1 . PHE A 1 68  ? 3.086   -3.122  1.533   1.00 5.18  ? 68  PHE A CD1 1 
ATOM   533  C  CD2 . PHE A 1 68  ? 3.747   -3.741  -0.701  1.00 3.18  ? 68  PHE A CD2 1 
ATOM   534  C  CE1 . PHE A 1 68  ? 3.989   -2.061  1.566   1.00 4.61  ? 68  PHE A CE1 1 
ATOM   535  C  CE2 . PHE A 1 68  ? 4.683   -2.691  -0.691  1.00 2.35  ? 68  PHE A CE2 1 
ATOM   536  C  CZ  . PHE A 1 68  ? 4.857   -1.930  0.482   1.00 5.46  ? 68  PHE A CZ  1 
ATOM   537  N  N   . LYS A 1 69  ? -1.017  -6.364  0.708   1.00 10.60 ? 69  LYS A N   1 
ATOM   538  C  CA  . LYS A 1 69  ? -1.920  -7.418  0.321   1.00 13.37 ? 69  LYS A CA  1 
ATOM   539  C  C   . LYS A 1 69  ? -3.168  -6.782  -0.317  1.00 8.29  ? 69  LYS A C   1 
ATOM   540  O  O   . LYS A 1 69  ? -3.623  -7.330  -1.312  1.00 6.11  ? 69  LYS A O   1 
ATOM   541  C  CB  . LYS A 1 69  ? -2.481  -8.385  1.390   1.00 13.91 ? 69  LYS A CB  1 
ATOM   542  C  CG  . LYS A 1 69  ? -3.116  -9.547  0.613   1.00 20.12 ? 69  LYS A CG  1 
ATOM   543  C  CD  . LYS A 1 69  ? -2.805  -10.908 1.154   1.00 27.99 ? 69  LYS A CD  1 
ATOM   544  C  CE  . LYS A 1 69  ? -3.684  -11.234 2.358   1.00 32.59 ? 69  LYS A CE  1 
ATOM   545  N  NZ  . LYS A 1 69  ? -4.935  -10.396 2.259   1.00 41.16 ? 69  LYS A NZ  1 
ATOM   546  N  N   . LEU A 1 70  ? -3.693  -5.733  0.255   1.00 11.81 ? 70  LEU A N   1 
ATOM   547  C  CA  . LEU A 1 70  ? -4.902  -5.129  -0.333  1.00 10.47 ? 70  LEU A CA  1 
ATOM   548  C  C   . LEU A 1 70  ? -4.526  -4.476  -1.662  1.00 8.13  ? 70  LEU A C   1 
ATOM   549  O  O   . LEU A 1 70  ? -5.444  -4.643  -2.492  1.00 9.16  ? 70  LEU A O   1 
ATOM   550  C  CB  . LEU A 1 70  ? -5.597  -4.157  0.585   1.00 15.02 ? 70  LEU A CB  1 
ATOM   551  C  CG  . LEU A 1 70  ? -6.128  -4.565  1.920   1.00 14.78 ? 70  LEU A CG  1 
ATOM   552  C  CD1 . LEU A 1 70  ? -6.555  -3.336  2.678   1.00 19.12 ? 70  LEU A CD1 1 
ATOM   553  C  CD2 . LEU A 1 70  ? -7.324  -5.524  1.671   1.00 19.44 ? 70  LEU A CD2 1 
ATOM   554  N  N   . VAL A 1 71  ? -3.391  -3.875  -1.894  1.00 3.50  ? 71  VAL A N   1 
ATOM   555  C  CA  . VAL A 1 71  ? -3.162  -3.337  -3.281  1.00 5.58  ? 71  VAL A CA  1 
ATOM   556  C  C   . VAL A 1 71  ? -3.050  -4.488  -4.269  1.00 7.61  ? 71  VAL A C   1 
ATOM   557  O  O   . VAL A 1 71  ? -3.581  -4.470  -5.403  1.00 9.06  ? 71  VAL A O   1 
ATOM   558  C  CB  . VAL A 1 71  ? -2.010  -2.344  -3.269  1.00 5.58  ? 71  VAL A CB  1 
ATOM   559  C  CG1 . VAL A 1 71  ? -1.571  -1.964  -4.694  1.00 11.61 ? 71  VAL A CG1 1 
ATOM   560  C  CG2 . VAL A 1 71  ? -2.337  -1.076  -2.461  1.00 12.66 ? 71  VAL A CG2 1 
ATOM   561  N  N   . TYR A 1 72  ? -2.326  -5.544  -3.914  1.00 10.58 ? 72  TYR A N   1 
ATOM   562  C  CA  . TYR A 1 72  ? -2.223  -6.717  -4.791  1.00 13.55 ? 72  TYR A CA  1 
ATOM   563  C  C   . TYR A 1 72  ? -3.567  -7.333  -5.061  1.00 12.27 ? 72  TYR A C   1 
ATOM   564  O  O   . TYR A 1 72  ? -3.873  -7.657  -6.237  1.00 17.79 ? 72  TYR A O   1 
ATOM   565  C  CB  . TYR A 1 72  ? -1.185  -7.697  -4.171  1.00 10.52 ? 72  TYR A CB  1 
ATOM   566  C  CG  . TYR A 1 72  ? -1.579  -9.136  -4.408  1.00 13.77 ? 72  TYR A CG  1 
ATOM   567  C  CD1 . TYR A 1 72  ? -1.479  -9.701  -5.670  1.00 11.95 ? 72  TYR A CD1 1 
ATOM   568  C  CD2 . TYR A 1 72  ? -2.030  -9.934  -3.361  1.00 14.86 ? 72  TYR A CD2 1 
ATOM   569  C  CE1 . TYR A 1 72  ? -1.846  -11.006 -5.930  1.00 14.55 ? 72  TYR A CE1 1 
ATOM   570  C  CE2 . TYR A 1 72  ? -2.416  -11.253 -3.587  1.00 18.39 ? 72  TYR A CE2 1 
ATOM   571  C  CZ  . TYR A 1 72  ? -2.269  -11.782 -4.874  1.00 16.74 ? 72  TYR A CZ  1 
ATOM   572  O  OH  . TYR A 1 72  ? -2.645  -13.057 -5.132  1.00 18.16 ? 72  TYR A OH  1 
ATOM   573  N  N   . GLU A 1 73  ? -4.456  -7.520  -4.119  1.00 16.74 ? 73  GLU A N   1 
ATOM   574  C  CA  . GLU A 1 73  ? -5.791  -8.097  -4.337  1.00 12.93 ? 73  GLU A CA  1 
ATOM   575  C  C   . GLU A 1 73  ? -6.677  -7.176  -5.177  1.00 13.42 ? 73  GLU A C   1 
ATOM   576  O  O   . GLU A 1 73  ? -7.514  -7.648  -5.966  1.00 14.95 ? 73  GLU A O   1 
ATOM   577  C  CB  . GLU A 1 73  ? -6.492  -8.407  -3.023  1.00 16.80 ? 73  GLU A CB  1 
ATOM   578  C  CG  . GLU A 1 73  ? -6.018  -9.661  -2.282  1.00 19.58 ? 73  GLU A CG  1 
ATOM   579  C  CD  . GLU A 1 73  ? -6.664  -9.872  -0.954  1.00 27.13 ? 73  GLU A CD  1 
ATOM   580  O  OE1 . GLU A 1 73  ? -6.970  -8.843  -0.313  1.00 29.58 ? 73  GLU A OE1 1 
ATOM   581  O  OE2 . GLU A 1 73  ? -6.891  -10.979 -0.495  1.00 34.23 ? 73  GLU A OE2 1 
ATOM   582  N  N   . ALA A 1 74  ? -6.490  -5.869  -5.068  1.00 11.51 ? 74  ALA A N   1 
ATOM   583  C  CA  . ALA A 1 74  ? -7.218  -4.864  -5.841  1.00 13.21 ? 74  ALA A CA  1 
ATOM   584  C  C   . ALA A 1 74  ? -6.838  -5.047  -7.287  1.00 11.10 ? 74  ALA A C   1 
ATOM   585  O  O   . ALA A 1 74  ? -7.683  -4.995  -8.193  1.00 12.60 ? 74  ALA A O   1 
ATOM   586  C  CB  . ALA A 1 74  ? -6.894  -3.452  -5.390  1.00 9.59  ? 74  ALA A CB  1 
ATOM   587  N  N   . ALA A 1 75  ? -5.528  -5.292  -7.515  1.00 11.70 ? 75  ALA A N   1 
ATOM   588  C  CA  . ALA A 1 75  ? -5.067  -5.468  -8.894  1.00 8.49  ? 75  ALA A CA  1 
ATOM   589  C  C   . ALA A 1 75  ? -5.603  -6.748  -9.516  1.00 9.06  ? 75  ALA A C   1 
ATOM   590  O  O   . ALA A 1 75  ? -5.659  -6.806  -10.760 1.00 5.55  ? 75  ALA A O   1 
ATOM   591  C  CB  . ALA A 1 75  ? -3.529  -5.459  -9.023  1.00 8.36  ? 75  ALA A CB  1 
ATOM   592  N  N   . ILE A 1 76  ? -5.844  -7.792  -8.763  1.00 7.79  ? 76  ILE A N   1 
ATOM   593  C  CA  . ILE A 1 76  ? -6.350  -9.056  -9.336  1.00 9.50  ? 76  ILE A CA  1 
ATOM   594  C  C   . ILE A 1 76  ? -7.794  -8.877  -9.716  1.00 10.35 ? 76  ILE A C   1 
ATOM   595  O  O   . ILE A 1 76  ? -8.348  -9.404  -10.678 1.00 12.33 ? 76  ILE A O   1 
ATOM   596  C  CB  . ILE A 1 76  ? -6.181  -10.235 -8.324  1.00 13.40 ? 76  ILE A CB  1 
ATOM   597  C  CG1 . ILE A 1 76  ? -4.687  -10.480 -8.028  1.00 16.96 ? 76  ILE A CG1 1 
ATOM   598  C  CG2 . ILE A 1 76  ? -6.927  -11.518 -8.800  1.00 13.49 ? 76  ILE A CG2 1 
ATOM   599  C  CD1 . ILE A 1 76  ? -3.717  -10.579 -9.216  1.00 15.94 ? 76  ILE A CD1 1 
ATOM   600  N  N   . GLN A 1 77  ? -8.430  -8.127  -8.787  1.00 5.38  ? 77  GLN A N   1 
ATOM   601  C  CA  . GLN A 1 77  ? -9.826  -7.785  -8.929  1.00 6.29  ? 77  GLN A CA  1 
ATOM   602  C  C   . GLN A 1 77  ? -10.093 -6.942  -10.177 1.00 10.11 ? 77  GLN A C   1 
ATOM   603  O  O   . GLN A 1 77  ? -11.050 -7.242  -10.942 1.00 8.14  ? 77  GLN A O   1 
ATOM   604  C  CB  . GLN A 1 77  ? -10.336 -7.060  -7.668  1.00 11.01 ? 77  GLN A CB  1 
ATOM   605  C  CG  . GLN A 1 77  ? -11.831 -7.266  -7.677  1.00 12.53 ? 77  GLN A CG  1 
ATOM   606  C  CD  . GLN A 1 77  ? -12.507 -7.122  -6.363  1.00 17.39 ? 77  GLN A CD  1 
ATOM   607  O  OE1 . GLN A 1 77  ? -13.090 -8.111  -5.908  1.00 16.72 ? 77  GLN A OE1 1 
ATOM   608  N  NE2 . GLN A 1 77  ? -12.476 -5.905  -5.777  1.00 12.45 ? 77  GLN A NE2 1 
ATOM   609  N  N   . LEU A 1 78  ? -9.272  -5.957  -10.447 1.00 6.69  ? 78  LEU A N   1 
ATOM   610  C  CA  . LEU A 1 78  ? -9.390  -5.134  -11.642 1.00 6.32  ? 78  LEU A CA  1 
ATOM   611  C  C   . LEU A 1 78  ? -9.192  -5.943  -12.893 1.00 8.30  ? 78  LEU A C   1 
ATOM   612  O  O   . LEU A 1 78  ? -9.755  -5.661  -13.973 1.00 10.75 ? 78  LEU A O   1 
ATOM   613  C  CB  . LEU A 1 78  ? -8.372  -3.963  -11.563 1.00 5.48  ? 78  LEU A CB  1 
ATOM   614  C  CG  . LEU A 1 78  ? -8.773  -2.892  -10.550 1.00 10.72 ? 78  LEU A CG  1 
ATOM   615  C  CD1 . LEU A 1 78  ? -7.524  -2.315  -9.882  1.00 12.55 ? 78  LEU A CD1 1 
ATOM   616  C  CD2 . LEU A 1 78  ? -9.496  -1.742  -11.219 1.00 4.80  ? 78  LEU A CD2 1 
ATOM   617  N  N   . GLU A 1 79  ? -8.307  -6.904  -12.806 1.00 9.48  ? 79  GLU A N   1 
ATOM   618  C  CA  . GLU A 1 79  ? -7.987  -7.727  -13.959 1.00 9.93  ? 79  GLU A CA  1 
ATOM   619  C  C   . GLU A 1 79  ? -9.191  -8.604  -14.281 1.00 9.84  ? 79  GLU A C   1 
ATOM   620  O  O   . GLU A 1 79  ? -9.583  -8.619  -15.467 1.00 18.97 ? 79  GLU A O   1 
ATOM   621  C  CB  . GLU A 1 79  ? -6.769  -8.612  -13.777 1.00 12.33 ? 79  GLU A CB  1 
ATOM   622  C  CG  . GLU A 1 79  ? -6.353  -9.436  -15.044 1.00 15.57 ? 79  GLU A CG  1 
ATOM   623  C  CD  . GLU A 1 79  ? -6.555  -10.914 -14.831 1.00 18.67 ? 79  GLU A CD  1 
ATOM   624  O  OE1 . GLU A 1 79  ? -6.156  -11.609 -13.900 1.00 19.68 ? 79  GLU A OE1 1 
ATOM   625  O  OE2 . GLU A 1 79  ? -7.202  -11.387 -15.814 1.00 25.00 ? 79  GLU A OE2 1 
ATOM   626  N  N   . VAL A 1 80  ? -9.682  -9.313  -13.375 1.00 12.94 ? 80  VAL A N   1 
ATOM   627  C  CA  . VAL A 1 80  ? -10.800 -10.218 -13.377 1.00 13.56 ? 80  VAL A CA  1 
ATOM   628  C  C   . VAL A 1 80  ? -12.160 -9.568  -13.588 1.00 13.50 ? 80  VAL A C   1 
ATOM   629  O  O   . VAL A 1 80  ? -12.908 -10.091 -14.449 1.00 12.00 ? 80  VAL A O   1 
ATOM   630  C  CB  . VAL A 1 80  ? -10.800 -10.985 -12.000 1.00 6.99  ? 80  VAL A CB  1 
ATOM   631  C  CG1 . VAL A 1 80  ? -12.045 -11.679 -11.625 1.00 12.79 ? 80  VAL A CG1 1 
ATOM   632  C  CG2 . VAL A 1 80  ? -9.610  -11.953 -12.024 1.00 6.73  ? 80  VAL A CG2 1 
ATOM   633  N  N   . THR A 1 81  ? -12.497 -8.528  -12.853 1.00 9.74  ? 81  THR A N   1 
ATOM   634  C  CA  . THR A 1 81  ? -13.868 -8.024  -12.886 1.00 9.57  ? 81  THR A CA  1 
ATOM   635  C  C   . THR A 1 81  ? -14.015 -6.702  -13.574 1.00 8.98  ? 81  THR A C   1 
ATOM   636  O  O   . THR A 1 81  ? -15.137 -6.263  -13.807 1.00 12.98 ? 81  THR A O   1 
ATOM   637  C  CB  . THR A 1 81  ? -14.443 -7.947  -11.407 1.00 9.36  ? 81  THR A CB  1 
ATOM   638  O  OG1 . THR A 1 81  ? -13.749 -6.879  -10.738 1.00 11.14 ? 81  THR A OG1 1 
ATOM   639  C  CG2 . THR A 1 81  ? -14.281 -9.249  -10.599 1.00 15.70 ? 81  THR A CG2 1 
ATOM   640  N  N   . GLY A 1 82  ? -12.891 -6.044  -13.801 1.00 9.97  ? 82  GLY A N   1 
ATOM   641  C  CA  . GLY A 1 82  ? -12.893 -4.700  -14.352 1.00 10.13 ? 82  GLY A CA  1 
ATOM   642  C  C   . GLY A 1 82  ? -13.041 -3.568  -13.380 1.00 10.90 ? 82  GLY A C   1 
ATOM   643  O  O   . GLY A 1 82  ? -12.933 -2.366  -13.785 1.00 15.73 ? 82  GLY A O   1 
ATOM   644  N  N   . VAL A 1 83  ? -13.377 -3.750  -12.130 1.00 12.36 ? 83  VAL A N   1 
ATOM   645  C  CA  . VAL A 1 83  ? -13.592 -2.769  -11.088 1.00 6.81  ? 83  VAL A CA  1 
ATOM   646  C  C   . VAL A 1 83  ? -12.902 -3.168  -9.760  1.00 7.65  ? 83  VAL A C   1 
ATOM   647  O  O   . VAL A 1 83  ? -12.380 -4.253  -9.634  1.00 10.66 ? 83  VAL A O   1 
ATOM   648  C  CB  . VAL A 1 83  ? -15.099 -2.619  -10.771 1.00 6.58  ? 83  VAL A CB  1 
ATOM   649  C  CG1 . VAL A 1 83  ? -16.015 -2.121  -11.849 1.00 7.13  ? 83  VAL A CG1 1 
ATOM   650  C  CG2 . VAL A 1 83  ? -15.579 -4.006  -10.256 1.00 9.38  ? 83  VAL A CG2 1 
ATOM   651  N  N   . VAL A 1 84  ? -13.017 -2.291  -8.756  1.00 11.62 ? 84  VAL A N   1 
ATOM   652  C  CA  . VAL A 1 84  ? -12.599 -2.656  -7.358  1.00 5.65  ? 84  VAL A CA  1 
ATOM   653  C  C   . VAL A 1 84  ? -13.906 -2.799  -6.622  1.00 6.25  ? 84  VAL A C   1 
ATOM   654  O  O   . VAL A 1 84  ? -14.635 -1.732  -6.790  1.00 8.97  ? 84  VAL A O   1 
ATOM   655  C  CB  . VAL A 1 84  ? -11.671 -1.605  -6.776  1.00 10.81 ? 84  VAL A CB  1 
ATOM   656  C  CG1 . VAL A 1 84  ? -11.338 -1.907  -5.291  1.00 17.51 ? 84  VAL A CG1 1 
ATOM   657  C  CG2 . VAL A 1 84  ? -10.391 -1.438  -7.543  1.00 7.98  ? 84  VAL A CG2 1 
ATOM   658  N  N   . VAL A 1 85  ? -14.446 -3.796  -6.052  1.00 12.69 ? 85  VAL A N   1 
ATOM   659  C  CA  . VAL A 1 85  ? -15.711 -3.849  -5.299  1.00 14.47 ? 85  VAL A CA  1 
ATOM   660  C  C   . VAL A 1 85  ? -15.564 -3.250  -3.899  1.00 20.51 ? 85  VAL A C   1 
ATOM   661  O  O   . VAL A 1 85  ? -14.603 -3.677  -3.221  1.00 26.70 ? 85  VAL A O   1 
ATOM   662  C  CB  . VAL A 1 85  ? -16.236 -5.292  -5.104  1.00 12.34 ? 85  VAL A CB  1 
ATOM   663  C  CG1 . VAL A 1 85  ? -17.641 -5.380  -4.499  1.00 8.53  ? 85  VAL A CG1 1 
ATOM   664  C  CG2 . VAL A 1 85  ? -16.159 -6.079  -6.394  1.00 13.39 ? 85  VAL A CG2 1 
ATOM   665  N  N   . THR A 1 86  ? -16.446 -2.366  -3.482  1.00 24.49 ? 86  THR A N   1 
ATOM   666  C  CA  . THR A 1 86  ? -16.496 -1.782  -2.140  1.00 25.49 ? 86  THR A CA  1 
ATOM   667  C  C   . THR A 1 86  ? -17.234 -2.809  -1.249  1.00 23.44 ? 86  THR A C   1 
ATOM   668  O  O   . THR A 1 86  ? -18.272 -3.317  -1.676  1.00 25.73 ? 86  THR A O   1 
ATOM   669  C  CB  . THR A 1 86  ? -17.215 -0.418  -1.948  1.00 26.71 ? 86  THR A CB  1 
ATOM   670  O  OG1 . THR A 1 86  ? -16.882 0.442   -3.084  1.00 30.22 ? 86  THR A OG1 1 
ATOM   671  C  CG2 . THR A 1 86  ? -16.871 0.259   -0.594  1.00 29.20 ? 86  THR A CG2 1 
ATOM   672  N  N   . ASP A 1 87  ? -16.585 -3.227  -0.191  1.00 28.13 ? 87  ASP A N   1 
ATOM   673  C  CA  . ASP A 1 87  ? -17.292 -4.240  0.687   1.00 28.22 ? 87  ASP A CA  1 
ATOM   674  C  C   . ASP A 1 87  ? -17.244 -3.571  2.067   1.00 29.66 ? 87  ASP A C   1 
ATOM   675  O  O   . ASP A 1 87  ? -16.994 -2.358  2.159   1.00 26.60 ? 87  ASP A O   1 
ATOM   676  C  CB  . ASP A 1 87  ? -16.735 -5.614  0.473   1.00 28.28 ? 87  ASP A CB  1 
ATOM   677  C  CG  . ASP A 1 87  ? -15.260 -5.797  0.670   1.00 30.30 ? 87  ASP A CG  1 
ATOM   678  O  OD1 . ASP A 1 87  ? -14.626 -4.822  1.090   1.00 32.61 ? 87  ASP A OD1 1 
ATOM   679  O  OD2 . ASP A 1 87  ? -14.678 -6.872  0.385   1.00 31.22 ? 87  ASP A OD2 1 
ATOM   680  N  N   . ALA A 1 88  ? -17.546 -4.347  3.080   1.00 32.67 ? 88  ALA A N   1 
ATOM   681  C  CA  . ALA A 1 88  ? -17.602 -3.872  4.465   1.00 32.68 ? 88  ALA A CA  1 
ATOM   682  C  C   . ALA A 1 88  ? -16.233 -3.373  4.917   1.00 29.65 ? 88  ALA A C   1 
ATOM   683  O  O   . ALA A 1 88  ? -16.132 -2.274  5.500   1.00 31.11 ? 88  ALA A O   1 
ATOM   684  C  CB  . ALA A 1 88  ? -18.161 -4.975  5.365   1.00 31.60 ? 88  ALA A CB  1 
ATOM   685  N  N   . THR A 1 89  ? -15.237 -4.153  4.640   1.00 28.69 ? 89  THR A N   1 
ATOM   686  C  CA  . THR A 1 89  ? -13.843 -3.902  4.931   1.00 27.46 ? 89  THR A CA  1 
ATOM   687  C  C   . THR A 1 89  ? -13.342 -2.605  4.345   1.00 20.26 ? 89  THR A C   1 
ATOM   688  O  O   . THR A 1 89  ? -12.589 -1.924  5.076   1.00 26.83 ? 89  THR A O   1 
ATOM   689  C  CB  . THR A 1 89  ? -12.889 -5.071  4.429   1.00 28.59 ? 89  THR A CB  1 
ATOM   690  O  OG1 . THR A 1 89  ? -12.905 -6.041  5.545   1.00 36.57 ? 89  THR A OG1 1 
ATOM   691  C  CG2 . THR A 1 89  ? -11.496 -4.622  4.023   1.00 31.47 ? 89  THR A CG2 1 
ATOM   692  N  N   . LEU A 1 90  ? -13.748 -2.294  3.117   1.00 18.17 ? 90  LEU A N   1 
ATOM   693  C  CA  . LEU A 1 90  ? -13.198 -1.022  2.532   1.00 16.15 ? 90  LEU A CA  1 
ATOM   694  C  C   . LEU A 1 90  ? -14.040 0.084   3.137   1.00 16.72 ? 90  LEU A C   1 
ATOM   695  O  O   . LEU A 1 90  ? -13.548 1.213   3.295   1.00 16.56 ? 90  LEU A O   1 
ATOM   696  C  CB  . LEU A 1 90  ? -13.108 -1.138  1.039   1.00 14.90 ? 90  LEU A CB  1 
ATOM   697  C  CG  . LEU A 1 90  ? -12.229 -2.141  0.321   1.00 15.22 ? 90  LEU A CG  1 
ATOM   698  C  CD1 . LEU A 1 90  ? -12.473 -2.014  -1.208  1.00 15.57 ? 90  LEU A CD1 1 
ATOM   699  C  CD2 . LEU A 1 90  ? -10.733 -1.948  0.484   1.00 15.39 ? 90  LEU A CD2 1 
ATOM   700  N  N   . LYS A 1 91  ? -15.267 -0.250  3.542   1.00 21.10 ? 91  LYS A N   1 
ATOM   701  C  CA  . LYS A 1 91  ? -16.142 0.738   4.237   1.00 22.64 ? 91  LYS A CA  1 
ATOM   702  C  C   . LYS A 1 91  ? -15.556 0.997   5.642   1.00 21.64 ? 91  LYS A C   1 
ATOM   703  O  O   . LYS A 1 91  ? -15.390 2.150   6.070   1.00 20.15 ? 91  LYS A O   1 
ATOM   704  C  CB  . LYS A 1 91  ? -17.581 0.314   4.311   1.00 22.04 ? 91  LYS A CB  1 
ATOM   705  C  CG  . LYS A 1 91  ? -18.291 0.293   2.961   1.00 30.91 ? 91  LYS A CG  1 
ATOM   706  C  CD  . LYS A 1 91  ? -19.796 0.057   3.147   1.00 34.12 ? 91  LYS A CD  1 
ATOM   707  C  CE  . LYS A 1 91  ? -20.574 0.304   1.875   1.00 38.27 ? 91  LYS A CE  1 
ATOM   708  N  NZ  . LYS A 1 91  ? -20.809 -0.982  1.137   1.00 41.95 ? 91  LYS A NZ  1 
ATOM   709  N  N   . ASN A 1 92  ? -15.199 -0.062  6.330   1.00 20.68 ? 92  ASN A N   1 
ATOM   710  C  CA  . ASN A 1 92  ? -14.575 -0.074  7.613   1.00 25.59 ? 92  ASN A CA  1 
ATOM   711  C  C   . ASN A 1 92  ? -13.234 0.675   7.583   1.00 24.74 ? 92  ASN A C   1 
ATOM   712  O  O   . ASN A 1 92  ? -12.817 1.276   8.572   1.00 27.68 ? 92  ASN A O   1 
ATOM   713  C  CB  . ASN A 1 92  ? -14.269 -1.514  8.106   1.00 31.63 ? 92  ASN A CB  1 
ATOM   714  C  CG  . ASN A 1 92  ? -13.924 -1.462  9.601   1.00 36.26 ? 92  ASN A CG  1 
ATOM   715  O  OD1 . ASN A 1 92  ? -14.760 -0.870  10.339  1.00 41.43 ? 92  ASN A OD1 1 
ATOM   716  N  ND2 . ASN A 1 92  ? -12.810 -2.019  10.020  1.00 34.38 ? 92  ASN A ND2 1 
ATOM   717  N  N   . LEU A 1 93  ? -12.513 0.442   6.496   1.00 21.39 ? 93  LEU A N   1 
ATOM   718  C  CA  . LEU A 1 93  ? -11.193 1.050   6.308   1.00 17.61 ? 93  LEU A CA  1 
ATOM   719  C  C   . LEU A 1 93  ? -11.322 2.553   6.183   1.00 15.02 ? 93  LEU A C   1 
ATOM   720  O  O   . LEU A 1 93  ? -10.373 3.268   6.496   1.00 14.61 ? 93  LEU A O   1 
ATOM   721  C  CB  . LEU A 1 93  ? -10.538 0.359   5.115   1.00 18.83 ? 93  LEU A CB  1 
ATOM   722  C  CG  . LEU A 1 93  ? -9.086  0.026   5.133   1.00 22.18 ? 93  LEU A CG  1 
ATOM   723  C  CD1 . LEU A 1 93  ? -8.756  -0.712  6.437   1.00 20.82 ? 93  LEU A CD1 1 
ATOM   724  C  CD2 . LEU A 1 93  ? -8.738  -0.867  3.937   1.00 22.23 ? 93  LEU A CD2 1 
ATOM   725  N  N   . GLY A 1 94  ? -12.384 3.073   5.611   1.00 19.68 ? 94  GLY A N   1 
ATOM   726  C  CA  . GLY A 1 94  ? -12.616 4.497   5.417   1.00 14.30 ? 94  GLY A CA  1 
ATOM   727  C  C   . GLY A 1 94  ? -12.820 5.198   6.752   1.00 17.78 ? 94  GLY A C   1 
ATOM   728  O  O   . GLY A 1 94  ? -12.324 6.305   6.965   1.00 18.85 ? 94  GLY A O   1 
ATOM   729  N  N   . SER A 1 95  ? -13.560 4.557   7.633   1.00 17.06 ? 95  SER A N   1 
ATOM   730  C  CA  . SER A 1 95  ? -13.833 5.157   8.966   1.00 21.70 ? 95  SER A CA  1 
ATOM   731  C  C   . SER A 1 95  ? -12.565 5.116   9.795   1.00 18.79 ? 95  SER A C   1 
ATOM   732  O  O   . SER A 1 95  ? -12.215 6.222   10.317  1.00 20.78 ? 95  SER A O   1 
ATOM   733  C  CB  . SER A 1 95  ? -15.040 4.505   9.609   1.00 24.28 ? 95  SER A CB  1 
ATOM   734  O  OG  . SER A 1 95  ? -14.835 3.138   9.924   1.00 33.06 ? 95  SER A OG  1 
ATOM   735  N  N   . VAL A 1 96  ? -11.777 4.038   9.798   1.00 15.23 ? 96  VAL A N   1 
ATOM   736  C  CA  . VAL A 1 96  ? -10.529 4.076   10.568  1.00 13.47 ? 96  VAL A CA  1 
ATOM   737  C  C   . VAL A 1 96  ? -9.591  5.179   10.072  1.00 15.24 ? 96  VAL A C   1 
ATOM   738  O  O   . VAL A 1 96  ? -8.872  5.730   10.946  1.00 19.84 ? 96  VAL A O   1 
ATOM   739  C  CB  . VAL A 1 96  ? -9.719  2.753   10.634  1.00 16.80 ? 96  VAL A CB  1 
ATOM   740  C  CG1 . VAL A 1 96  ? -10.478 1.485   10.322  1.00 16.00 ? 96  VAL A CG1 1 
ATOM   741  C  CG2 . VAL A 1 96  ? -8.470  2.874   9.794   1.00 16.88 ? 96  VAL A CG2 1 
ATOM   742  N  N   . HIS A 1 97  ? -9.412  5.355   8.771   1.00 14.05 ? 97  HIS A N   1 
ATOM   743  C  CA  . HIS A 1 97  ? -8.551  6.386   8.222   1.00 8.32  ? 97  HIS A CA  1 
ATOM   744  C  C   . HIS A 1 97  ? -9.128  7.733   8.607   1.00 12.87 ? 97  HIS A C   1 
ATOM   745  O  O   . HIS A 1 97  ? -8.332  8.653   8.826   1.00 19.36 ? 97  HIS A O   1 
ATOM   746  C  CB  . HIS A 1 97  ? -8.324  6.408   6.673   1.00 9.38  ? 97  HIS A CB  1 
ATOM   747  C  CG  . HIS A 1 97  ? -7.413  5.267   6.305   1.00 10.11 ? 97  HIS A CG  1 
ATOM   748  N  ND1 . HIS A 1 97  ? -7.857  4.008   6.001   1.00 15.77 ? 97  HIS A ND1 1 
ATOM   749  C  CD2 . HIS A 1 97  ? -6.108  5.146   6.557   1.00 10.20 ? 97  HIS A CD2 1 
ATOM   750  C  CE1 . HIS A 1 97  ? -6.830  3.184   5.928   1.00 16.27 ? 97  HIS A CE1 1 
ATOM   751  N  NE2 . HIS A 1 97  ? -5.738  3.848   6.281   1.00 11.15 ? 97  HIS A NE2 1 
ATOM   752  N  N   . VAL A 1 98  ? -10.451 7.836   8.717   1.00 16.86 ? 98  VAL A N   1 
ATOM   753  C  CA  . VAL A 1 98  ? -10.987 9.162   9.135   1.00 13.95 ? 98  VAL A CA  1 
ATOM   754  C  C   . VAL A 1 98  ? -10.634 9.318   10.613  1.00 17.74 ? 98  VAL A C   1 
ATOM   755  O  O   . VAL A 1 98  ? -10.026 10.352  10.941  1.00 13.70 ? 98  VAL A O   1 
ATOM   756  C  CB  . VAL A 1 98  ? -12.427 9.281   8.718   1.00 18.36 ? 98  VAL A CB  1 
ATOM   757  C  CG1 . VAL A 1 98  ? -13.188 10.403  9.401   1.00 17.97 ? 98  VAL A CG1 1 
ATOM   758  C  CG2 . VAL A 1 98  ? -12.593 9.509   7.213   1.00 12.50 ? 98  VAL A CG2 1 
ATOM   759  N  N   . SER A 1 99  ? -10.784 8.332   11.456  1.00 19.82 ? 99  SER A N   1 
ATOM   760  C  CA  . SER A 1 99  ? -10.458 8.366   12.875  1.00 20.94 ? 99  SER A CA  1 
ATOM   761  C  C   . SER A 1 99  ? -9.012  8.796   13.164  1.00 20.98 ? 99  SER A C   1 
ATOM   762  O  O   . SER A 1 99  ? -8.764  9.396   14.227  1.00 17.96 ? 99  SER A O   1 
ATOM   763  C  CB  . SER A 1 99  ? -10.622 7.005   13.572  1.00 18.19 ? 99  SER A CB  1 
ATOM   764  O  OG  . SER A 1 99  ? -11.943 6.556   13.596  1.00 28.77 ? 99  SER A OG  1 
ATOM   765  N  N   . LYS A 1 100 ? -8.075  8.324   12.364  1.00 18.85 ? 100 LYS A N   1 
ATOM   766  C  CA  . LYS A 1 100 ? -6.660  8.578   12.548  1.00 15.45 ? 100 LYS A CA  1 
ATOM   767  C  C   . LYS A 1 100 ? -6.151  9.848   11.937  1.00 12.39 ? 100 LYS A C   1 
ATOM   768  O  O   . LYS A 1 100 ? -4.880  9.975   11.957  1.00 19.43 ? 100 LYS A O   1 
ATOM   769  C  CB  . LYS A 1 100 ? -5.831  7.420   11.921  1.00 15.23 ? 100 LYS A CB  1 
ATOM   770  C  CG  . LYS A 1 100 ? -6.121  6.046   12.422  1.00 12.93 ? 100 LYS A CG  1 
ATOM   771  C  CD  . LYS A 1 100 ? -6.272  5.961   13.906  1.00 19.82 ? 100 LYS A CD  1 
ATOM   772  C  CE  . LYS A 1 100 ? -5.523  4.787   14.527  1.00 20.89 ? 100 LYS A CE  1 
ATOM   773  N  NZ  . LYS A 1 100 ? -6.328  4.262   15.700  1.00 27.82 ? 100 LYS A NZ  1 
ATOM   774  N  N   . GLY A 1 101 ? -6.912  10.708  11.307  1.00 16.24 ? 101 GLY A N   1 
ATOM   775  C  CA  . GLY A 1 101 ? -6.419  11.962  10.736  1.00 11.02 ? 101 GLY A CA  1 
ATOM   776  C  C   . GLY A 1 101 ? -5.842  11.958  9.342   1.00 14.42 ? 101 GLY A C   1 
ATOM   777  O  O   . GLY A 1 101 ? -5.134  12.912  8.904   1.00 13.70 ? 101 GLY A O   1 
ATOM   778  N  N   . VAL A 1 102 ? -6.141  10.946  8.550   1.00 14.19 ? 102 VAL A N   1 
ATOM   779  C  CA  . VAL A 1 102 ? -5.713  10.758  7.180   1.00 11.36 ? 102 VAL A CA  1 
ATOM   780  C  C   . VAL A 1 102 ? -6.597  11.616  6.267   1.00 8.72  ? 102 VAL A C   1 
ATOM   781  O  O   . VAL A 1 102 ? -7.813  11.400  6.436   1.00 10.60 ? 102 VAL A O   1 
ATOM   782  C  CB  . VAL A 1 102 ? -5.804  9.284   6.750   1.00 8.20  ? 102 VAL A CB  1 
ATOM   783  C  CG1 . VAL A 1 102 ? -5.333  9.110   5.278   1.00 8.64  ? 102 VAL A CG1 1 
ATOM   784  C  CG2 . VAL A 1 102 ? -5.100  8.353   7.709   1.00 2.69  ? 102 VAL A CG2 1 
ATOM   785  N  N   . ALA A 1 103 ? -6.033  12.375  5.379   1.00 6.41  ? 103 ALA A N   1 
ATOM   786  C  CA  . ALA A 1 103 ? -6.693  13.231  4.406   1.00 9.13  ? 103 ALA A CA  1 
ATOM   787  C  C   . ALA A 1 103 ? -6.321  12.710  3.007   1.00 8.48  ? 103 ALA A C   1 
ATOM   788  O  O   . ALA A 1 103 ? -5.362  11.971  2.858   1.00 9.63  ? 103 ALA A O   1 
ATOM   789  C  CB  . ALA A 1 103 ? -6.305  14.693  4.465   1.00 11.23 ? 103 ALA A CB  1 
ATOM   790  N  N   . ASP A 1 104 ? -7.077  13.155  2.035   1.00 9.37  ? 104 ASP A N   1 
ATOM   791  C  CA  . ASP A 1 104 ? -6.818  12.825  0.638   1.00 12.47 ? 104 ASP A CA  1 
ATOM   792  C  C   . ASP A 1 104 ? -5.374  13.168  0.240   1.00 12.69 ? 104 ASP A C   1 
ATOM   793  O  O   . ASP A 1 104 ? -4.887  12.425  -0.649  1.00 14.59 ? 104 ASP A O   1 
ATOM   794  C  CB  . ASP A 1 104 ? -7.804  13.553  -0.270  1.00 14.95 ? 104 ASP A CB  1 
ATOM   795  C  CG  . ASP A 1 104 ? -9.238  13.200  -0.140  1.00 19.94 ? 104 ASP A CG  1 
ATOM   796  O  OD1 . ASP A 1 104 ? -9.623  12.281  0.585   1.00 21.78 ? 104 ASP A OD1 1 
ATOM   797  O  OD2 . ASP A 1 104 ? -10.105 13.872  -0.811  1.00 30.30 ? 104 ASP A OD2 1 
ATOM   798  N  N   . ALA A 1 105 ? -4.749  14.207  0.764   1.00 5.13  ? 105 ALA A N   1 
ATOM   799  C  CA  . ALA A 1 105 ? -3.413  14.647  0.429   1.00 6.20  ? 105 ALA A CA  1 
ATOM   800  C  C   . ALA A 1 105 ? -2.344  13.709  0.942   1.00 7.61  ? 105 ALA A C   1 
ATOM   801  O  O   . ALA A 1 105 ? -1.196  13.837  0.501   1.00 10.85 ? 105 ALA A O   1 
ATOM   802  C  CB  . ALA A 1 105 ? -3.080  16.058  0.996   1.00 4.11  ? 105 ALA A CB  1 
ATOM   803  N  N   . HIS A 1 106 ? -2.697  12.754  1.765   1.00 7.38  ? 106 HIS A N   1 
ATOM   804  C  CA  . HIS A 1 106 ? -1.782  11.755  2.268   1.00 7.95  ? 106 HIS A CA  1 
ATOM   805  C  C   . HIS A 1 106 ? -1.554  10.591  1.334   1.00 6.79  ? 106 HIS A C   1 
ATOM   806  O  O   . HIS A 1 106 ? -0.589  9.824   1.542   1.00 7.52  ? 106 HIS A O   1 
ATOM   807  C  CB  . HIS A 1 106 ? -2.287  11.074  3.601   1.00 3.77  ? 106 HIS A CB  1 
ATOM   808  C  CG  . HIS A 1 106 ? -2.125  11.995  4.775   1.00 6.01  ? 106 HIS A CG  1 
ATOM   809  N  ND1 . HIS A 1 106 ? -3.100  12.346  5.679   1.00 4.66  ? 106 HIS A ND1 1 
ATOM   810  C  CD2 . HIS A 1 106 ? -0.975  12.522  5.250   1.00 3.57  ? 106 HIS A CD2 1 
ATOM   811  C  CE1 . HIS A 1 106 ? -2.599  13.239  6.544   1.00 5.48  ? 106 HIS A CE1 1 
ATOM   812  N  NE2 . HIS A 1 106 ? -1.300  13.272  6.351   1.00 7.59  ? 106 HIS A NE2 1 
ATOM   813  N  N   . PHE A 1 107 ? -2.489  10.399  0.403   1.00 5.46  ? 107 PHE A N   1 
ATOM   814  C  CA  . PHE A 1 107 ? -2.413  9.195   -0.488  1.00 10.02 ? 107 PHE A CA  1 
ATOM   815  C  C   . PHE A 1 107 ? -1.212  9.157   -1.381  1.00 8.13  ? 107 PHE A C   1 
ATOM   816  O  O   . PHE A 1 107 ? -0.664  8.039   -1.547  1.00 9.49  ? 107 PHE A O   1 
ATOM   817  C  CB  . PHE A 1 107 ? -3.812  9.036   -1.194  1.00 7.01  ? 107 PHE A CB  1 
ATOM   818  C  CG  . PHE A 1 107 ? -4.779  8.434   -0.168  1.00 5.15  ? 107 PHE A CG  1 
ATOM   819  C  CD1 . PHE A 1 107 ? -5.414  9.251   0.736   1.00 8.48  ? 107 PHE A CD1 1 
ATOM   820  C  CD2 . PHE A 1 107 ? -5.098  7.075   -0.240  1.00 8.96  ? 107 PHE A CD2 1 
ATOM   821  C  CE1 . PHE A 1 107 ? -6.298  8.755   1.687   1.00 5.92  ? 107 PHE A CE1 1 
ATOM   822  C  CE2 . PHE A 1 107 ? -5.964  6.539   0.759   1.00 8.28  ? 107 PHE A CE2 1 
ATOM   823  C  CZ  . PHE A 1 107 ? -6.593  7.411   1.687   1.00 2.90  ? 107 PHE A CZ  1 
ATOM   824  N  N   . PRO A 1 108 ? -0.744  10.243  -1.972  1.00 10.39 ? 108 PRO A N   1 
ATOM   825  C  CA  . PRO A 1 108 ? 0.461   10.257  -2.799  1.00 7.89  ? 108 PRO A CA  1 
ATOM   826  C  C   . PRO A 1 108 ? 1.713   9.784   -2.033  1.00 9.40  ? 108 PRO A C   1 
ATOM   827  O  O   . PRO A 1 108 ? 2.649   9.277   -2.698  1.00 6.25  ? 108 PRO A O   1 
ATOM   828  C  CB  . PRO A 1 108 ? 0.577   11.681  -3.278  1.00 9.08  ? 108 PRO A CB  1 
ATOM   829  C  CG  . PRO A 1 108 ? -0.829  12.232  -3.199  1.00 6.19  ? 108 PRO A CG  1 
ATOM   830  C  CD  . PRO A 1 108 ? -1.383  11.560  -1.939  1.00 5.74  ? 108 PRO A CD  1 
ATOM   831  N  N   . VAL A 1 109 ? 1.854   10.001  -0.775  1.00 6.07  ? 109 VAL A N   1 
ATOM   832  C  CA  . VAL A 1 109 ? 2.951   9.609   0.108   1.00 6.67  ? 109 VAL A CA  1 
ATOM   833  C  C   . VAL A 1 109 ? 3.100   8.085   0.231   1.00 6.85  ? 109 VAL A C   1 
ATOM   834  O  O   . VAL A 1 109 ? 4.209   7.543   -0.035  1.00 5.37  ? 109 VAL A O   1 
ATOM   835  C  CB  . VAL A 1 109 ? 2.804   10.188  1.514   1.00 12.23 ? 109 VAL A CB  1 
ATOM   836  C  CG1 . VAL A 1 109 ? 3.827   9.501   2.486   1.00 4.96  ? 109 VAL A CG1 1 
ATOM   837  C  CG2 . VAL A 1 109 ? 2.908   11.690  1.556   1.00 11.78 ? 109 VAL A CG2 1 
ATOM   838  N  N   . VAL A 1 110 ? 2.022   7.445   0.638   1.00 5.32  ? 110 VAL A N   1 
ATOM   839  C  CA  . VAL A 1 110 ? 2.039   5.966   0.722   1.00 4.29  ? 110 VAL A CA  1 
ATOM   840  C  C   . VAL A 1 110 ? 2.138   5.380   -0.686  1.00 6.62  ? 110 VAL A C   1 
ATOM   841  O  O   . VAL A 1 110 ? 2.745   4.281   -0.842  1.00 9.25  ? 110 VAL A O   1 
ATOM   842  C  CB  . VAL A 1 110 ? 0.858   5.452   1.499   1.00 2.73  ? 110 VAL A CB  1 
ATOM   843  C  CG1 . VAL A 1 110 ? 0.720   3.899   1.482   1.00 4.82  ? 110 VAL A CG1 1 
ATOM   844  C  CG2 . VAL A 1 110 ? 0.804   5.874   2.952   1.00 9.95  ? 110 VAL A CG2 1 
ATOM   845  N  N   . LYS A 1 111 ? 1.529   6.028   -1.740  1.00 4.56  ? 111 LYS A N   1 
ATOM   846  C  CA  . LYS A 1 111 ? 1.729   5.498   -3.100  1.00 4.61  ? 111 LYS A CA  1 
ATOM   847  C  C   . LYS A 1 111 ? 3.188   5.472   -3.534  1.00 8.52  ? 111 LYS A C   1 
ATOM   848  O  O   . LYS A 1 111 ? 3.668   4.443   -4.068  1.00 11.54 ? 111 LYS A O   1 
ATOM   849  C  CB  . LYS A 1 111 ? 0.932   6.307   -4.156  1.00 2.50  ? 111 LYS A CB  1 
ATOM   850  C  CG  . LYS A 1 111 ? 1.178   5.665   -5.571  1.00 5.09  ? 111 LYS A CG  1 
ATOM   851  C  CD  . LYS A 1 111 ? 0.016   6.243   -6.455  1.00 6.89  ? 111 LYS A CD  1 
ATOM   852  C  CE  . LYS A 1 111 ? 0.655   7.125   -7.535  1.00 14.44 ? 111 LYS A CE  1 
ATOM   853  N  NZ  . LYS A 1 111 ? -0.485  7.914   -8.133  1.00 14.53 ? 111 LYS A NZ  1 
ATOM   854  N  N   . GLU A 1 112 ? 3.955   6.573   -3.338  1.00 2.17  ? 112 GLU A N   1 
ATOM   855  C  CA  . GLU A 1 112 ? 5.369   6.537   -3.687  1.00 3.72  ? 112 GLU A CA  1 
ATOM   856  C  C   . GLU A 1 112 ? 6.186   5.645   -2.789  1.00 4.97  ? 112 GLU A C   1 
ATOM   857  O  O   . GLU A 1 112 ? 7.170   5.050   -3.347  1.00 7.86  ? 112 GLU A O   1 
ATOM   858  C  CB  . GLU A 1 112 ? 6.021   7.944   -3.713  1.00 2.55  ? 112 GLU A CB  1 
ATOM   859  C  CG  . GLU A 1 112 ? 5.458   8.857   -4.819  1.00 9.63  ? 112 GLU A CG  1 
ATOM   860  C  CD  . GLU A 1 112 ? 5.416   8.348   -6.210  1.00 13.67 ? 112 GLU A CD  1 
ATOM   861  O  OE1 . GLU A 1 112 ? 6.421   7.884   -6.751  1.00 14.94 ? 112 GLU A OE1 1 
ATOM   862  O  OE2 . GLU A 1 112 ? 4.265   8.432   -6.775  1.00 13.01 ? 112 GLU A OE2 1 
ATOM   863  N  N   . ALA A 1 113 ? 5.872   5.401   -1.536  1.00 8.99  ? 113 ALA A N   1 
ATOM   864  C  CA  . ALA A 1 113 ? 6.694   4.507   -0.661  1.00 1.31  ? 113 ALA A CA  1 
ATOM   865  C  C   . ALA A 1 113 ? 6.538   3.069   -1.072  1.00 3.00  ? 113 ALA A C   1 
ATOM   866  O  O   . ALA A 1 113 ? 7.568   2.332   -1.104  1.00 5.29  ? 113 ALA A O   1 
ATOM   867  C  CB  . ALA A 1 113 ? 6.297   4.808   0.776   1.00 4.16  ? 113 ALA A CB  1 
ATOM   868  N  N   . ILE A 1 114 ? 5.414   2.678   -1.558  1.00 1.31  ? 114 ILE A N   1 
ATOM   869  C  CA  . ILE A 1 114 ? 5.059   1.379   -2.126  1.00 4.88  ? 114 ILE A CA  1 
ATOM   870  C  C   . ILE A 1 114 ? 5.739   1.109   -3.470  1.00 4.01  ? 114 ILE A C   1 
ATOM   871  O  O   . ILE A 1 114 ? 6.167   -0.073  -3.637  1.00 9.66  ? 114 ILE A O   1 
ATOM   872  C  CB  . ILE A 1 114 ? 3.509   1.185   -2.278  1.00 2.70  ? 114 ILE A CB  1 
ATOM   873  C  CG1 . ILE A 1 114 ? 2.855   0.922   -0.950  1.00 2.99  ? 114 ILE A CG1 1 
ATOM   874  C  CG2 . ILE A 1 114 ? 3.169   0.000   -3.271  1.00 7.01  ? 114 ILE A CG2 1 
ATOM   875  C  CD1 . ILE A 1 114 ? 1.322   0.951   -0.942  1.00 1.31  ? 114 ILE A CD1 1 
ATOM   876  N  N   . LEU A 1 115 ? 5.893   2.074   -4.383  1.00 4.89  ? 115 LEU A N   1 
ATOM   877  C  CA  . LEU A 1 115 ? 6.525   1.922   -5.670  1.00 6.29  ? 115 LEU A CA  1 
ATOM   878  C  C   . LEU A 1 115 ? 8.017   1.698   -5.464  1.00 6.15  ? 115 LEU A C   1 
ATOM   879  O  O   . LEU A 1 115 ? 8.569   0.735   -5.961  1.00 10.20 ? 115 LEU A O   1 
ATOM   880  C  CB  . LEU A 1 115 ? 6.240   3.133   -6.593  1.00 4.22  ? 115 LEU A CB  1 
ATOM   881  C  CG  . LEU A 1 115 ? 4.768   3.204   -7.065  1.00 6.50  ? 115 LEU A CG  1 
ATOM   882  C  CD1 . LEU A 1 115 ? 4.590   4.402   -7.972  1.00 7.47  ? 115 LEU A CD1 1 
ATOM   883  C  CD2 . LEU A 1 115 ? 4.447   1.867   -7.724  1.00 9.64  ? 115 LEU A CD2 1 
ATOM   884  N  N   . LYS A 1 116 ? 8.567   2.545   -4.586  1.00 11.44 ? 116 LYS A N   1 
ATOM   885  C  CA  . LYS A 1 116 ? 9.990   2.454   -4.237  1.00 8.17  ? 116 LYS A CA  1 
ATOM   886  C  C   . LYS A 1 116 ? 10.317  1.187   -3.498  1.00 4.56  ? 116 LYS A C   1 
ATOM   887  O  O   . LYS A 1 116 ? 11.396  0.593   -3.808  1.00 12.18 ? 116 LYS A O   1 
ATOM   888  C  CB  . LYS A 1 116 ? 10.375  3.729   -3.470  1.00 7.01  ? 116 LYS A CB  1 
ATOM   889  C  CG  . LYS A 1 116 ? 10.361  4.892   -4.512  1.00 17.69 ? 116 LYS A CG  1 
ATOM   890  C  CD  . LYS A 1 116 ? 10.837  6.191   -3.870  1.00 19.57 ? 116 LYS A CD  1 
ATOM   891  C  CE  . LYS A 1 116 ? 10.198  7.431   -4.458  1.00 26.69 ? 116 LYS A CE  1 
ATOM   892  N  NZ  . LYS A 1 116 ? 8.875   7.115   -5.122  1.00 29.19 ? 116 LYS A NZ  1 
ATOM   893  N  N   . THR A 1 117 ? 9.484   0.603   -2.690  1.00 6.72  ? 117 THR A N   1 
ATOM   894  C  CA  . THR A 1 117 ? 9.695   -0.643  -1.958  1.00 10.58 ? 117 THR A CA  1 
ATOM   895  C  C   . THR A 1 117 ? 9.840   -1.816  -2.895  1.00 9.61  ? 117 THR A C   1 
ATOM   896  O  O   . THR A 1 117 ? 10.681  -2.686  -2.741  1.00 13.49 ? 117 THR A O   1 
ATOM   897  C  CB  . THR A 1 117 ? 8.540   -1.046  -0.903  1.00 3.66  ? 117 THR A CB  1 
ATOM   898  O  OG1 . THR A 1 117 ? 8.444   0.028   0.041   1.00 5.31  ? 117 THR A OG1 1 
ATOM   899  C  CG2 . THR A 1 117 ? 8.789   -2.345  -0.160  1.00 11.24 ? 117 THR A CG2 1 
ATOM   900  N  N   . ILE A 1 118 ? 8.852   -1.901  -3.797  1.00 14.20 ? 118 ILE A N   1 
ATOM   901  C  CA  . ILE A 1 118 ? 8.669   -2.940  -4.782  1.00 10.14 ? 118 ILE A CA  1 
ATOM   902  C  C   . ILE A 1 118 ? 9.853   -2.901  -5.761  1.00 3.94  ? 118 ILE A C   1 
ATOM   903  O  O   . ILE A 1 118 ? 10.446  -3.926  -6.080  1.00 10.13 ? 118 ILE A O   1 
ATOM   904  C  CB  . ILE A 1 118 ? 7.274   -2.824  -5.496  1.00 14.35 ? 118 ILE A CB  1 
ATOM   905  C  CG1 . ILE A 1 118 ? 6.103   -3.204  -4.561  1.00 15.94 ? 118 ILE A CG1 1 
ATOM   906  C  CG2 . ILE A 1 118 ? 7.213   -3.667  -6.816  1.00 18.59 ? 118 ILE A CG2 1 
ATOM   907  C  CD1 . ILE A 1 118 ? 6.112   -4.715  -4.155  1.00 14.30 ? 118 ILE A CD1 1 
ATOM   908  N  N   . LYS A 1 119 ? 10.296  -1.685  -6.039  1.00 5.11  ? 119 LYS A N   1 
ATOM   909  C  CA  . LYS A 1 119 ? 11.453  -1.523  -6.968  1.00 11.10 ? 119 LYS A CA  1 
ATOM   910  C  C   . LYS A 1 119 ? 12.676  -2.137  -6.327  1.00 10.41 ? 119 LYS A C   1 
ATOM   911  O  O   . LYS A 1 119 ? 13.514  -2.767  -6.987  1.00 10.82 ? 119 LYS A O   1 
ATOM   912  C  CB  . LYS A 1 119 ? 11.669  -0.079  -7.316  1.00 12.11 ? 119 LYS A CB  1 
ATOM   913  C  CG  . LYS A 1 119 ? 13.134  0.234   -7.637  1.00 17.61 ? 119 LYS A CG  1 
ATOM   914  C  CD  . LYS A 1 119 ? 13.263  0.675   -9.078  1.00 21.23 ? 119 LYS A CD  1 
ATOM   915  C  CE  . LYS A 1 119 ? 12.426  1.926   -9.310  1.00 25.90 ? 119 LYS A CE  1 
ATOM   916  N  NZ  . LYS A 1 119 ? 13.158  2.828   -10.267 1.00 32.11 ? 119 LYS A NZ  1 
ATOM   917  N  N   . GLU A 1 120 ? 12.797  -1.946  -5.024  1.00 15.83 ? 120 GLU A N   1 
ATOM   918  C  CA  . GLU A 1 120 ? 13.916  -2.559  -4.277  1.00 14.86 ? 120 GLU A CA  1 
ATOM   919  C  C   . GLU A 1 120 ? 13.674  -4.029  -4.050  1.00 14.95 ? 120 GLU A C   1 
ATOM   920  O  O   . GLU A 1 120 ? 14.676  -4.808  -4.144  1.00 16.68 ? 120 GLU A O   1 
ATOM   921  C  CB  . GLU A 1 120 ? 14.153  -1.817  -2.962  1.00 19.16 ? 120 GLU A CB  1 
ATOM   922  C  CG  . GLU A 1 120 ? 14.482  -0.323  -3.095  1.00 24.45 ? 120 GLU A CG  1 
ATOM   923  C  CD  . GLU A 1 120 ? 14.816  0.444   -1.845  1.00 31.11 ? 120 GLU A CD  1 
ATOM   924  O  OE1 . GLU A 1 120 ? 15.004  -0.239  -0.801  1.00 28.64 ? 120 GLU A OE1 1 
ATOM   925  O  OE2 . GLU A 1 120 ? 14.902  1.684   -1.830  1.00 31.42 ? 120 GLU A OE2 1 
ATOM   926  N  N   . VAL A 1 121 ? 12.480  -4.548  -3.920  1.00 14.79 ? 121 VAL A N   1 
ATOM   927  C  CA  . VAL A 1 121 ? 12.187  -6.000  -3.779  1.00 11.36 ? 121 VAL A CA  1 
ATOM   928  C  C   . VAL A 1 121 ? 12.617  -6.765  -5.030  1.00 10.86 ? 121 VAL A C   1 
ATOM   929  O  O   . VAL A 1 121 ? 13.383  -7.744  -4.853  1.00 11.59 ? 121 VAL A O   1 
ATOM   930  C  CB  . VAL A 1 121 ? 10.703  -6.329  -3.478  1.00 7.15  ? 121 VAL A CB  1 
ATOM   931  C  CG1 . VAL A 1 121 ? 10.334  -7.792  -3.628  1.00 9.48  ? 121 VAL A CG1 1 
ATOM   932  C  CG2 . VAL A 1 121 ? 10.273  -5.892  -2.069  1.00 12.40 ? 121 VAL A CG2 1 
ATOM   933  N  N   . VAL A 1 122 ? 12.182  -6.350  -6.225  1.00 9.16  ? 122 VAL A N   1 
ATOM   934  C  CA  . VAL A 1 122 ? 12.446  -7.074  -7.471  1.00 8.07  ? 122 VAL A CA  1 
ATOM   935  C  C   . VAL A 1 122 ? 13.815  -6.828  -8.105  1.00 12.57 ? 122 VAL A C   1 
ATOM   936  O  O   . VAL A 1 122 ? 14.312  -7.772  -8.764  1.00 7.33  ? 122 VAL A O   1 
ATOM   937  C  CB  . VAL A 1 122 ? 11.302  -6.804  -8.484  1.00 6.12  ? 122 VAL A CB  1 
ATOM   938  C  CG1 . VAL A 1 122 ? 10.019  -7.296  -7.842  1.00 8.01  ? 122 VAL A CG1 1 
ATOM   939  C  CG2 . VAL A 1 122 ? 11.252  -5.377  -8.921  1.00 1.31  ? 122 VAL A CG2 1 
ATOM   940  N  N   . GLY A 1 123 ? 14.448  -5.769  -7.695  1.00 13.53 ? 123 GLY A N   1 
ATOM   941  C  CA  . GLY A 1 123 ? 15.810  -5.391  -8.069  1.00 12.01 ? 123 GLY A CA  1 
ATOM   942  C  C   . GLY A 1 123 ? 15.870  -5.324  -9.600  1.00 13.90 ? 123 GLY A C   1 
ATOM   943  O  O   . GLY A 1 123 ? 15.115  -4.488  -10.136 1.00 14.20 ? 123 GLY A O   1 
ATOM   944  N  N   . ALA A 1 124 ? 16.700  -6.177  -10.139 1.00 12.35 ? 124 ALA A N   1 
ATOM   945  C  CA  . ALA A 1 124 ? 16.883  -6.200  -11.615 1.00 8.16  ? 124 ALA A CA  1 
ATOM   946  C  C   . ALA A 1 124 ? 15.669  -6.681  -12.363 1.00 10.15 ? 124 ALA A C   1 
ATOM   947  O  O   . ALA A 1 124 ? 15.696  -6.452  -13.610 1.00 11.51 ? 124 ALA A O   1 
ATOM   948  C  CB  . ALA A 1 124 ? 18.113  -7.039  -11.998 1.00 10.40 ? 124 ALA A CB  1 
ATOM   949  N  N   . LYS A 1 125 ? 14.645  -7.252  -11.759 1.00 10.99 ? 125 LYS A N   1 
ATOM   950  C  CA  . LYS A 1 125 ? 13.460  -7.689  -12.509 1.00 10.81 ? 125 LYS A CA  1 
ATOM   951  C  C   . LYS A 1 125 ? 12.453  -6.561  -12.709 1.00 9.11  ? 125 LYS A C   1 
ATOM   952  O  O   . LYS A 1 125 ? 11.366  -6.785  -13.198 1.00 7.10  ? 125 LYS A O   1 
ATOM   953  C  CB  . LYS A 1 125 ? 12.726  -8.861  -11.805 1.00 13.02 ? 125 LYS A CB  1 
ATOM   954  C  CG  . LYS A 1 125 ? 13.731  -10.028 -11.488 1.00 15.23 ? 125 LYS A CG  1 
ATOM   955  C  CD  . LYS A 1 125 ? 12.959  -11.333 -11.390 1.00 15.66 ? 125 LYS A CD  1 
ATOM   956  C  CE  . LYS A 1 125 ? 12.101  -11.462 -10.157 1.00 16.45 ? 125 LYS A CE  1 
ATOM   957  N  NZ  . LYS A 1 125 ? 13.028  -11.668 -8.959  1.00 23.05 ? 125 LYS A NZ  1 
ATOM   958  N  N   . TRP A 1 126 ? 12.849  -5.343  -12.365 1.00 8.08  ? 126 TRP A N   1 
ATOM   959  C  CA  . TRP A 1 126 ? 11.863  -4.207  -12.427 1.00 9.73  ? 126 TRP A CA  1 
ATOM   960  C  C   . TRP A 1 126 ? 11.671  -3.841  -13.842 1.00 10.20 ? 126 TRP A C   1 
ATOM   961  O  O   . TRP A 1 126 ? 12.633  -3.984  -14.677 1.00 13.27 ? 126 TRP A O   1 
ATOM   962  C  CB  . TRP A 1 126 ? 12.396  -3.123  -11.452 1.00 9.75  ? 126 TRP A CB  1 
ATOM   963  C  CG  . TRP A 1 126 ? 11.478  -1.944  -11.313 1.00 15.92 ? 126 TRP A CG  1 
ATOM   964  C  CD1 . TRP A 1 126 ? 10.420  -1.726  -10.465 1.00 12.77 ? 126 TRP A CD1 1 
ATOM   965  C  CD2 . TRP A 1 126 ? 11.553  -0.772  -12.150 1.00 15.87 ? 126 TRP A CD2 1 
ATOM   966  N  NE1 . TRP A 1 126 ? 9.830   -0.511  -10.727 1.00 16.57 ? 126 TRP A NE1 1 
ATOM   967  C  CE2 . TRP A 1 126 ? 10.527  0.098   -11.753 1.00 17.55 ? 126 TRP A CE2 1 
ATOM   968  C  CE3 . TRP A 1 126 ? 12.407  -0.402  -13.172 1.00 20.78 ? 126 TRP A CE3 1 
ATOM   969  C  CZ2 . TRP A 1 126 ? 10.336  1.321   -12.365 1.00 21.30 ? 126 TRP A CZ2 1 
ATOM   970  C  CZ3 . TRP A 1 126 ? 12.200  0.792   -13.819 1.00 22.51 ? 126 TRP A CZ3 1 
ATOM   971  C  CH2 . TRP A 1 126 ? 11.154  1.634   -13.445 1.00 22.75 ? 126 TRP A CH2 1 
ATOM   972  N  N   . SER A 1 127 ? 10.481  -3.388  -14.182 1.00 9.24  ? 127 SER A N   1 
ATOM   973  C  CA  . SER A 1 127 ? 10.090  -2.950  -15.518 1.00 9.61  ? 127 SER A CA  1 
ATOM   974  C  C   . SER A 1 127 ? 9.123   -1.767  -15.373 1.00 10.72 ? 127 SER A C   1 
ATOM   975  O  O   . SER A 1 127 ? 8.408   -1.592  -14.387 1.00 12.05 ? 127 SER A O   1 
ATOM   976  C  CB  . SER A 1 127 ? 9.430   -3.998  -16.386 1.00 9.29  ? 127 SER A CB  1 
ATOM   977  O  OG  . SER A 1 127 ? 8.208   -4.496  -15.793 1.00 14.98 ? 127 SER A OG  1 
ATOM   978  N  N   . GLU A 1 128 ? 9.019   -1.059  -16.494 1.00 14.74 ? 128 GLU A N   1 
ATOM   979  C  CA  . GLU A 1 128 ? 8.069   0.070   -16.505 1.00 20.19 ? 128 GLU A CA  1 
ATOM   980  C  C   . GLU A 1 128 ? 6.675   -0.479  -16.494 1.00 17.30 ? 128 GLU A C   1 
ATOM   981  O  O   . GLU A 1 128 ? 5.697   0.216   -16.161 1.00 18.05 ? 128 GLU A O   1 
ATOM   982  C  CB  . GLU A 1 128 ? 8.304   0.997   -17.684 1.00 26.09 ? 128 GLU A CB  1 
ATOM   983  C  CG  . GLU A 1 128 ? 9.194   2.240   -17.373 1.00 39.13 ? 128 GLU A CG  1 
ATOM   984  C  CD  . GLU A 1 128 ? 8.513   3.340   -16.593 1.00 46.74 ? 128 GLU A CD  1 
ATOM   985  O  OE1 . GLU A 1 128 ? 7.436   3.862   -16.907 1.00 49.46 ? 128 GLU A OE1 1 
ATOM   986  O  OE2 . GLU A 1 128 ? 9.153   3.708   -15.559 1.00 49.17 ? 128 GLU A OE2 1 
ATOM   987  N  N   . GLU A 1 129 ? 6.472   -1.730  -16.831 1.00 18.94 ? 129 GLU A N   1 
ATOM   988  C  CA  . GLU A 1 129 ? 5.155   -2.362  -16.834 1.00 14.29 ? 129 GLU A CA  1 
ATOM   989  C  C   . GLU A 1 129 ? 4.714   -2.785  -15.444 1.00 15.90 ? 129 GLU A C   1 
ATOM   990  O  O   . GLU A 1 129 ? 3.492   -2.934  -15.159 1.00 15.08 ? 129 GLU A O   1 
ATOM   991  C  CB  . GLU A 1 129 ? 5.196   -3.580  -17.764 1.00 12.66 ? 129 GLU A CB  1 
ATOM   992  C  CG  . GLU A 1 129 ? 4.029   -4.533  -17.699 1.00 18.65 ? 129 GLU A CG  1 
ATOM   993  C  CD  . GLU A 1 129 ? 3.118   -4.590  -18.891 1.00 25.99 ? 129 GLU A CD  1 
ATOM   994  O  OE1 . GLU A 1 129 ? 2.783   -3.404  -19.218 1.00 26.07 ? 129 GLU A OE1 1 
ATOM   995  O  OE2 . GLU A 1 129 ? 2.755   -5.681  -19.381 1.00 21.90 ? 129 GLU A OE2 1 
ATOM   996  N  N   . LEU A 1 130 ? 5.675   -3.135  -14.579 1.00 11.54 ? 130 LEU A N   1 
ATOM   997  C  CA  . LEU A 1 130 ? 5.369   -3.546  -13.216 1.00 11.76 ? 130 LEU A CA  1 
ATOM   998  C  C   . LEU A 1 130 ? 4.919   -2.300  -12.437 1.00 6.75  ? 130 LEU A C   1 
ATOM   999  O  O   . LEU A 1 130 ? 3.993   -2.366  -11.646 1.00 7.82  ? 130 LEU A O   1 
ATOM   1000 C  CB  . LEU A 1 130 ? 6.568   -4.264  -12.557 1.00 11.03 ? 130 LEU A CB  1 
ATOM   1001 C  CG  . LEU A 1 130 ? 6.426   -4.672  -11.088 1.00 8.40  ? 130 LEU A CG  1 
ATOM   1002 C  CD1 . LEU A 1 130 ? 5.381   -5.764  -10.934 1.00 11.61 ? 130 LEU A CD1 1 
ATOM   1003 C  CD2 . LEU A 1 130 ? 7.792   -5.154  -10.628 1.00 13.13 ? 130 LEU A CD2 1 
ATOM   1004 N  N   . ASN A 1 131 ? 5.696   -1.257  -12.686 1.00 8.92  ? 131 ASN A N   1 
ATOM   1005 C  CA  . ASN A 1 131 ? 5.537   0.059   -12.143 1.00 11.49 ? 131 ASN A CA  1 
ATOM   1006 C  C   . ASN A 1 131 ? 4.111   0.542   -12.459 1.00 6.59  ? 131 ASN A C   1 
ATOM   1007 O  O   . ASN A 1 131 ? 3.407   1.000   -11.571 1.00 11.62 ? 131 ASN A O   1 
ATOM   1008 C  CB  . ASN A 1 131 ? 6.496   1.112   -12.703 1.00 11.75 ? 131 ASN A CB  1 
ATOM   1009 C  CG  . ASN A 1 131 ? 6.264   2.440   -11.958 1.00 17.64 ? 131 ASN A CG  1 
ATOM   1010 O  OD1 . ASN A 1 131 ? 5.906   3.482   -12.528 1.00 12.44 ? 131 ASN A OD1 1 
ATOM   1011 N  ND2 . ASN A 1 131 ? 6.592   2.329   -10.656 1.00 15.92 ? 131 ASN A ND2 1 
ATOM   1012 N  N   . SER A 1 132 ? 3.724   0.392   -13.713 1.00 8.94  ? 132 SER A N   1 
ATOM   1013 C  CA  . SER A 1 132 ? 2.359   0.902   -14.057 1.00 9.41  ? 132 SER A CA  1 
ATOM   1014 C  C   . SER A 1 132 ? 1.274   0.040   -13.491 1.00 11.04 ? 132 SER A C   1 
ATOM   1015 O  O   . SER A 1 132 ? 0.120   0.519   -13.160 1.00 9.09  ? 132 SER A O   1 
ATOM   1016 C  CB  . SER A 1 132 ? 2.415   1.032   -15.591 1.00 12.45 ? 132 SER A CB  1 
ATOM   1017 O  OG  . SER A 1 132 ? 1.745   -0.177  -16.003 1.00 26.14 ? 132 SER A OG  1 
ATOM   1018 N  N   . ALA A 1 133 ? 1.493   -1.226  -13.302 1.00 9.20  ? 133 ALA A N   1 
ATOM   1019 C  CA  . ALA A 1 133 ? 0.506   -2.157  -12.726 1.00 8.35  ? 133 ALA A CA  1 
ATOM   1020 C  C   . ALA A 1 133 ? 0.267   -1.794  -11.274 1.00 11.98 ? 133 ALA A C   1 
ATOM   1021 O  O   . ALA A 1 133 ? -0.927  -1.741  -10.923 1.00 12.90 ? 133 ALA A O   1 
ATOM   1022 C  CB  . ALA A 1 133 ? 0.943   -3.608  -12.873 1.00 5.92  ? 133 ALA A CB  1 
ATOM   1023 N  N   . TRP A 1 134 ? 1.342   -1.619  -10.453 1.00 10.77 ? 134 TRP A N   1 
ATOM   1024 C  CA  . TRP A 1 134 ? 1.132   -1.253  -9.034  1.00 4.86  ? 134 TRP A CA  1 
ATOM   1025 C  C   . TRP A 1 134 ? 0.465   0.119   -8.945  1.00 6.18  ? 134 TRP A C   1 
ATOM   1026 O  O   . TRP A 1 134 ? -0.324  0.309   -7.982  1.00 13.97 ? 134 TRP A O   1 
ATOM   1027 C  CB  . TRP A 1 134 ? 2.378   -1.200  -8.163  1.00 1.31  ? 134 TRP A CB  1 
ATOM   1028 C  CG  . TRP A 1 134 ? 2.820   -2.569  -7.755  1.00 1.31  ? 134 TRP A CG  1 
ATOM   1029 C  CD1 . TRP A 1 134 ? 3.702   -3.373  -8.368  1.00 1.31  ? 134 TRP A CD1 1 
ATOM   1030 C  CD2 . TRP A 1 134 ? 2.410   -3.281  -6.585  1.00 2.89  ? 134 TRP A CD2 1 
ATOM   1031 N  NE1 . TRP A 1 134 ? 3.818   -4.589  -7.676  1.00 5.48  ? 134 TRP A NE1 1 
ATOM   1032 C  CE2 . TRP A 1 134 ? 3.036   -4.499  -6.552  1.00 3.28  ? 134 TRP A CE2 1 
ATOM   1033 C  CE3 . TRP A 1 134 ? 1.580   -2.918  -5.498  1.00 8.53  ? 134 TRP A CE3 1 
ATOM   1034 C  CZ2 . TRP A 1 134 ? 2.863   -5.446  -5.535  1.00 8.08  ? 134 TRP A CZ2 1 
ATOM   1035 C  CZ3 . TRP A 1 134 ? 1.375   -3.822  -4.497  1.00 10.10 ? 134 TRP A CZ3 1 
ATOM   1036 C  CH2 . TRP A 1 134 ? 2.039   -5.056  -4.487  1.00 13.15 ? 134 TRP A CH2 1 
ATOM   1037 N  N   . THR A 1 135 ? 0.880   1.046   -9.764  1.00 2.34  ? 135 THR A N   1 
ATOM   1038 C  CA  . THR A 1 135 ? 0.290   2.413   -9.846  1.00 7.65  ? 135 THR A CA  1 
ATOM   1039 C  C   . THR A 1 135 ? -1.206  2.377   -10.048 1.00 4.74  ? 135 THR A C   1 
ATOM   1040 O  O   . THR A 1 135 ? -2.050  2.982   -9.401  1.00 7.29  ? 135 THR A O   1 
ATOM   1041 C  CB  . THR A 1 135 ? 0.963   3.300   -10.971 1.00 2.67  ? 135 THR A CB  1 
ATOM   1042 O  OG1 . THR A 1 135 ? 2.380   3.432   -10.541 1.00 8.95  ? 135 THR A OG1 1 
ATOM   1043 C  CG2 . THR A 1 135 ? 0.340   4.660   -11.165 1.00 5.49  ? 135 THR A CG2 1 
ATOM   1044 N  N   . ILE A 1 136 ? -1.637  1.639   -11.102 1.00 10.22 ? 136 ILE A N   1 
ATOM   1045 C  CA  . ILE A 1 136 ? -3.066  1.513   -11.377 1.00 6.18  ? 136 ILE A CA  1 
ATOM   1046 C  C   . ILE A 1 136 ? -3.747  0.928   -10.180 1.00 6.22  ? 136 ILE A C   1 
ATOM   1047 O  O   . ILE A 1 136 ? -4.743  1.484   -9.746  1.00 7.62  ? 136 ILE A O   1 
ATOM   1048 C  CB  . ILE A 1 136 ? -3.388  0.662   -12.661 1.00 10.12 ? 136 ILE A CB  1 
ATOM   1049 C  CG1 . ILE A 1 136 ? -2.827  1.384   -13.901 1.00 10.28 ? 136 ILE A CG1 1 
ATOM   1050 C  CG2 . ILE A 1 136 ? -4.909  0.343   -12.909 1.00 6.77  ? 136 ILE A CG2 1 
ATOM   1051 C  CD1 . ILE A 1 136 ? -2.999  0.571   -15.239 1.00 11.24 ? 136 ILE A CD1 1 
ATOM   1052 N  N   . ALA A 1 137 ? -3.286  -0.216  -9.665  1.00 5.42  ? 137 ALA A N   1 
ATOM   1053 C  CA  . ALA A 1 137 ? -4.041  -0.827  -8.533  1.00 5.65  ? 137 ALA A CA  1 
ATOM   1054 C  C   . ALA A 1 137 ? -4.201  0.086   -7.321  1.00 5.47  ? 137 ALA A C   1 
ATOM   1055 O  O   . ALA A 1 137 ? -5.289  0.060   -6.693  1.00 2.50  ? 137 ALA A O   1 
ATOM   1056 C  CB  . ALA A 1 137 ? -3.386  -2.157  -8.148  1.00 3.32  ? 137 ALA A CB  1 
ATOM   1057 N  N   . TYR A 1 138 ? -3.172  0.767   -6.894  1.00 3.62  ? 138 TYR A N   1 
ATOM   1058 C  CA  . TYR A 1 138 ? -3.144  1.687   -5.799  1.00 7.87  ? 138 TYR A CA  1 
ATOM   1059 C  C   . TYR A 1 138 ? -4.163  2.786   -6.061  1.00 6.99  ? 138 TYR A C   1 
ATOM   1060 O  O   . TYR A 1 138 ? -5.014  3.094   -5.232  1.00 9.41  ? 138 TYR A O   1 
ATOM   1061 C  CB  . TYR A 1 138 ? -1.725  2.294   -5.594  1.00 10.57 ? 138 TYR A CB  1 
ATOM   1062 C  CG  . TYR A 1 138 ? -1.682  3.201   -4.358  1.00 9.81  ? 138 TYR A CG  1 
ATOM   1063 C  CD1 . TYR A 1 138 ? -1.464  2.645   -3.077  1.00 8.73  ? 138 TYR A CD1 1 
ATOM   1064 C  CD2 . TYR A 1 138 ? -1.992  4.540   -4.446  1.00 6.11  ? 138 TYR A CD2 1 
ATOM   1065 C  CE1 . TYR A 1 138 ? -1.554  3.455   -1.940  1.00 12.79 ? 138 TYR A CE1 1 
ATOM   1066 C  CE2 . TYR A 1 138 ? -2.086  5.360   -3.339  1.00 7.27  ? 138 TYR A CE2 1 
ATOM   1067 C  CZ  . TYR A 1 138 ? -1.781  4.810   -2.054  1.00 6.65  ? 138 TYR A CZ  1 
ATOM   1068 O  OH  . TYR A 1 138 ? -1.796  5.612   -0.970  1.00 8.10  ? 138 TYR A OH  1 
ATOM   1069 N  N   . ASP A 1 139 ? -4.009  3.470   -7.182  1.00 10.92 ? 139 ASP A N   1 
ATOM   1070 C  CA  . ASP A 1 139 ? -4.897  4.549   -7.565  1.00 7.47  ? 139 ASP A CA  1 
ATOM   1071 C  C   . ASP A 1 139 ? -6.365  4.112   -7.518  1.00 9.40  ? 139 ASP A C   1 
ATOM   1072 O  O   . ASP A 1 139 ? -7.144  4.928   -7.042  1.00 7.32  ? 139 ASP A O   1 
ATOM   1073 C  CB  . ASP A 1 139 ? -4.523  5.062   -8.977  1.00 9.22  ? 139 ASP A CB  1 
ATOM   1074 C  CG  . ASP A 1 139 ? -3.358  6.001   -8.940  1.00 10.10 ? 139 ASP A CG  1 
ATOM   1075 O  OD1 . ASP A 1 139 ? -2.890  6.361   -7.863  1.00 15.49 ? 139 ASP A OD1 1 
ATOM   1076 O  OD2 . ASP A 1 139 ? -2.893  6.383   -10.033 1.00 10.67 ? 139 ASP A OD2 1 
ATOM   1077 N  N   . GLU A 1 140 ? -6.746  2.953   -8.031  1.00 8.24  ? 140 GLU A N   1 
ATOM   1078 C  CA  . GLU A 1 140 ? -8.144  2.462   -8.048  1.00 9.24  ? 140 GLU A CA  1 
ATOM   1079 C  C   . GLU A 1 140 ? -8.670  2.103   -6.682  1.00 14.66 ? 140 GLU A C   1 
ATOM   1080 O  O   . GLU A 1 140 ? -9.855  2.373   -6.305  1.00 8.16  ? 140 GLU A O   1 
ATOM   1081 C  CB  . GLU A 1 140 ? -8.302  1.243   -8.987  1.00 4.69  ? 140 GLU A CB  1 
ATOM   1082 C  CG  . GLU A 1 140 ? -8.211  1.613   -10.488 1.00 6.60  ? 140 GLU A CG  1 
ATOM   1083 C  CD  . GLU A 1 140 ? -9.131  2.699   -10.960 1.00 14.95 ? 140 GLU A CD  1 
ATOM   1084 O  OE1 . GLU A 1 140 ? -10.284 2.924   -10.615 1.00 12.13 ? 140 GLU A OE1 1 
ATOM   1085 O  OE2 . GLU A 1 140 ? -8.504  3.494   -11.715 1.00 14.19 ? 140 GLU A OE2 1 
ATOM   1086 N  N   . LEU A 1 141 ? -7.739  1.562   -5.848  1.00 13.34 ? 141 LEU A N   1 
ATOM   1087 C  CA  . LEU A 1 141 ? -8.119  1.245   -4.471  1.00 7.27  ? 141 LEU A CA  1 
ATOM   1088 C  C   . LEU A 1 141 ? -8.270  2.563   -3.715  1.00 9.84  ? 141 LEU A C   1 
ATOM   1089 O  O   . LEU A 1 141 ? -9.256  2.701   -2.970  1.00 6.46  ? 141 LEU A O   1 
ATOM   1090 C  CB  . LEU A 1 141 ? -7.132  0.221   -3.869  1.00 5.57  ? 141 LEU A CB  1 
ATOM   1091 C  CG  . LEU A 1 141 ? -7.326  -0.134  -2.396  1.00 7.29  ? 141 LEU A CG  1 
ATOM   1092 C  CD1 . LEU A 1 141 ? -8.629  -0.970  -2.216  1.00 4.20  ? 141 LEU A CD1 1 
ATOM   1093 C  CD2 . LEU A 1 141 ? -6.175  -0.921  -1.897  1.00 3.46  ? 141 LEU A CD2 1 
ATOM   1094 N  N   . ALA A 1 142 ? -7.406  3.561   -3.864  1.00 4.73  ? 142 ALA A N   1 
ATOM   1095 C  CA  . ALA A 1 142 ? -7.549  4.800   -3.103  1.00 10.02 ? 142 ALA A CA  1 
ATOM   1096 C  C   . ALA A 1 142 ? -8.820  5.537   -3.413  1.00 7.41  ? 142 ALA A C   1 
ATOM   1097 O  O   . ALA A 1 142 ? -9.438  6.207   -2.496  1.00 10.86 ? 142 ALA A O   1 
ATOM   1098 C  CB  . ALA A 1 142 ? -6.300  5.652   -3.372  1.00 8.77  ? 142 ALA A CB  1 
ATOM   1099 N  N   . ILE A 1 143 ? -9.252  5.439   -4.647  1.00 11.23 ? 143 ILE A N   1 
ATOM   1100 C  CA  . ILE A 1 143 ? -10.507 6.140   -5.042  1.00 11.15 ? 143 ILE A CA  1 
ATOM   1101 C  C   . ILE A 1 143 ? -11.714 5.629   -4.253  1.00 7.80  ? 143 ILE A C   1 
ATOM   1102 O  O   . ILE A 1 143 ? -12.520 6.501   -3.830  1.00 6.86  ? 143 ILE A O   1 
ATOM   1103 C  CB  . ILE A 1 143 ? -10.724 6.091   -6.582  1.00 9.49  ? 143 ILE A CB  1 
ATOM   1104 C  CG1 . ILE A 1 143 ? -9.834  7.095   -7.298  1.00 10.99 ? 143 ILE A CG1 1 
ATOM   1105 C  CG2 . ILE A 1 143 ? -12.240 6.326   -6.888  1.00 11.36 ? 143 ILE A CG2 1 
ATOM   1106 C  CD1 . ILE A 1 143 ? -9.731  6.827   -8.884  1.00 10.14 ? 143 ILE A CD1 1 
ATOM   1107 N  N   . VAL A 1 144 ? -11.801 4.346   -4.013  1.00 5.80  ? 144 VAL A N   1 
ATOM   1108 C  CA  . VAL A 1 144 ? -12.823 3.673   -3.267  1.00 10.39 ? 144 VAL A CA  1 
ATOM   1109 C  C   . VAL A 1 144 ? -12.715 4.063   -1.783  1.00 12.41 ? 144 VAL A C   1 
ATOM   1110 O  O   . VAL A 1 144 ? -13.707 4.435   -1.147  1.00 18.29 ? 144 VAL A O   1 
ATOM   1111 C  CB  . VAL A 1 144 ? -12.748 2.122   -3.441  1.00 16.25 ? 144 VAL A CB  1 
ATOM   1112 C  CG1 . VAL A 1 144 ? -13.871 1.460   -2.627  1.00 17.65 ? 144 VAL A CG1 1 
ATOM   1113 C  CG2 . VAL A 1 144 ? -12.727 1.673   -4.879  1.00 13.52 ? 144 VAL A CG2 1 
ATOM   1114 N  N   . ILE A 1 145 ? -11.475 3.945   -1.294  1.00 13.74 ? 145 ILE A N   1 
ATOM   1115 C  CA  . ILE A 1 145 ? -11.192 4.271   0.097   1.00 11.38 ? 145 ILE A CA  1 
ATOM   1116 C  C   . ILE A 1 145 ? -11.605 5.722   0.339   1.00 13.08 ? 145 ILE A C   1 
ATOM   1117 O  O   . ILE A 1 145 ? -12.350 5.930   1.291   1.00 16.91 ? 145 ILE A O   1 
ATOM   1118 C  CB  . ILE A 1 145 ? -9.705  4.007   0.556   1.00 10.59 ? 145 ILE A CB  1 
ATOM   1119 C  CG1 . ILE A 1 145 ? -9.493  2.469   0.613   1.00 9.55  ? 145 ILE A CG1 1 
ATOM   1120 C  CG2 . ILE A 1 145 ? -9.379  4.733   1.863   1.00 9.92  ? 145 ILE A CG2 1 
ATOM   1121 C  CD1 . ILE A 1 145 ? -8.053  2.054   0.979   1.00 12.64 ? 145 ILE A CD1 1 
ATOM   1122 N  N   . LYS A 1 146 ? -11.113 6.619   -0.467  1.00 9.02  ? 146 LYS A N   1 
ATOM   1123 C  CA  . LYS A 1 146 ? -11.368 8.043   -0.341  1.00 8.45  ? 146 LYS A CA  1 
ATOM   1124 C  C   . LYS A 1 146 ? -12.813 8.390   -0.321  1.00 18.10 ? 146 LYS A C   1 
ATOM   1125 O  O   . LYS A 1 146 ? -13.200 9.421   0.283   1.00 22.77 ? 146 LYS A O   1 
ATOM   1126 C  CB  . LYS A 1 146 ? -10.770 8.775   -1.545  1.00 11.16 ? 146 LYS A CB  1 
ATOM   1127 C  CG  . LYS A 1 146 ? -9.307  9.270   -1.255  1.00 12.93 ? 146 LYS A CG  1 
ATOM   1128 C  CD  . LYS A 1 146 ? -8.727  9.368   -2.692  1.00 14.59 ? 146 LYS A CD  1 
ATOM   1129 C  CE  . LYS A 1 146 ? -7.827  10.591  -2.777  1.00 17.06 ? 146 LYS A CE  1 
ATOM   1130 N  NZ  . LYS A 1 146 ? -7.127  10.470  -4.110  1.00 22.03 ? 146 LYS A NZ  1 
ATOM   1131 N  N   . LYS A 1 147 ? -13.655 7.609   -1.028  1.00 15.54 ? 147 LYS A N   1 
ATOM   1132 C  CA  . LYS A 1 147 ? -15.080 7.999   -0.996  1.00 16.73 ? 147 LYS A CA  1 
ATOM   1133 C  C   . LYS A 1 147 ? -15.697 7.467   0.263   1.00 16.20 ? 147 LYS A C   1 
ATOM   1134 O  O   . LYS A 1 147 ? -16.731 7.948   0.775   1.00 17.56 ? 147 LYS A O   1 
ATOM   1135 C  CB  . LYS A 1 147 ? -15.787 7.529   -2.257  1.00 21.65 ? 147 LYS A CB  1 
ATOM   1136 C  CG  . LYS A 1 147 ? -16.277 6.091   -2.283  1.00 27.83 ? 147 LYS A CG  1 
ATOM   1137 C  CD  . LYS A 1 147 ? -16.583 5.666   -3.737  1.00 30.05 ? 147 LYS A CD  1 
ATOM   1138 C  CE  . LYS A 1 147 ? -16.563 4.133   -3.830  1.00 28.71 ? 147 LYS A CE  1 
ATOM   1139 N  NZ  . LYS A 1 147 ? -16.869 3.753   -5.223  1.00 28.49 ? 147 LYS A NZ  1 
ATOM   1140 N  N   . GLU A 1 148 ? -15.068 6.430   0.826   1.00 14.61 ? 148 GLU A N   1 
ATOM   1141 C  CA  . GLU A 1 148 ? -15.691 5.871   2.055   1.00 17.46 ? 148 GLU A CA  1 
ATOM   1142 C  C   . GLU A 1 148 ? -15.279 6.717   3.222   1.00 14.94 ? 148 GLU A C   1 
ATOM   1143 O  O   . GLU A 1 148 ? -15.916 6.748   4.262   1.00 20.68 ? 148 GLU A O   1 
ATOM   1144 C  CB  . GLU A 1 148 ? -15.319 4.408   2.226   1.00 18.39 ? 148 GLU A CB  1 
ATOM   1145 C  CG  . GLU A 1 148 ? -15.724 3.513   1.058   1.00 25.05 ? 148 GLU A CG  1 
ATOM   1146 C  CD  . GLU A 1 148 ? -17.231 3.403   0.918   1.00 27.76 ? 148 GLU A CD  1 
ATOM   1147 O  OE1 . GLU A 1 148 ? -17.960 3.436   1.885   1.00 28.70 ? 148 GLU A OE1 1 
ATOM   1148 O  OE2 . GLU A 1 148 ? -17.585 3.309   -0.279  1.00 31.05 ? 148 GLU A OE2 1 
ATOM   1149 N  N   . MET A 1 149 ? -14.228 7.479   3.028   1.00 16.27 ? 149 MET A N   1 
ATOM   1150 C  CA  . MET A 1 149 ? -13.697 8.391   4.005   1.00 17.17 ? 149 MET A CA  1 
ATOM   1151 C  C   . MET A 1 149 ? -14.596 9.648   4.059   1.00 25.79 ? 149 MET A C   1 
ATOM   1152 O  O   . MET A 1 149 ? -14.998 10.076  5.145   1.00 22.46 ? 149 MET A O   1 
ATOM   1153 C  CB  . MET A 1 149 ? -12.266 8.793   3.689   1.00 11.25 ? 149 MET A CB  1 
ATOM   1154 C  CG  . MET A 1 149 ? -11.335 7.738   4.230   1.00 12.22 ? 149 MET A CG  1 
ATOM   1155 S  SD  . MET A 1 149 ? -9.697  8.111   3.602   1.00 18.02 ? 149 MET A SD  1 
ATOM   1156 C  CE  . MET A 1 149 ? -9.433  9.746   4.299   1.00 12.93 ? 149 MET A CE  1 
ATOM   1157 N  N   . ASP A 1 150 ? -14.893 10.101  2.873   1.00 29.95 ? 150 ASP A N   1 
ATOM   1158 C  CA  . ASP A 1 150 ? -15.656 11.299  2.539   1.00 41.68 ? 150 ASP A CA  1 
ATOM   1159 C  C   . ASP A 1 150 ? -17.140 11.137  2.908   1.00 44.35 ? 150 ASP A C   1 
ATOM   1160 O  O   . ASP A 1 150 ? -17.865 12.162  2.982   1.00 47.38 ? 150 ASP A O   1 
ATOM   1161 C  CB  . ASP A 1 150 ? -15.428 11.649  1.066   1.00 48.03 ? 150 ASP A CB  1 
ATOM   1162 C  CG  . ASP A 1 150 ? -14.099 12.244  0.666   1.00 54.45 ? 150 ASP A CG  1 
ATOM   1163 O  OD1 . ASP A 1 150 ? -12.967 11.756  0.903   1.00 52.74 ? 150 ASP A OD1 1 
ATOM   1164 O  OD2 . ASP A 1 150 ? -14.173 13.308  -0.055  1.00 57.54 ? 150 ASP A OD2 1 
ATOM   1165 N  N   . ASP A 1 151 ? -17.541 9.920   3.146   1.00 46.47 ? 151 ASP A N   1 
ATOM   1166 C  CA  . ASP A 1 151 ? -18.873 9.506   3.558   1.00 49.66 ? 151 ASP A CA  1 
ATOM   1167 C  C   . ASP A 1 151 ? -18.923 9.290   5.078   1.00 51.98 ? 151 ASP A C   1 
ATOM   1168 O  O   . ASP A 1 151 ? -20.010 9.164   5.665   1.00 52.13 ? 151 ASP A O   1 
ATOM   1169 C  CB  . ASP A 1 151 ? -19.312 8.248   2.807   1.00 51.10 ? 151 ASP A CB  1 
ATOM   1170 C  CG  . ASP A 1 151 ? -19.832 8.564   1.411   1.00 54.00 ? 151 ASP A CG  1 
ATOM   1171 O  OD1 . ASP A 1 151 ? -20.439 9.665   1.293   1.00 57.44 ? 151 ASP A OD1 1 
ATOM   1172 O  OD2 . ASP A 1 151 ? -19.680 7.744   0.497   1.00 53.51 ? 151 ASP A OD2 1 
ATOM   1173 N  N   . ALA A 1 152 ? -17.760 9.177   5.672   1.00 55.43 ? 152 ALA A N   1 
ATOM   1174 C  CA  . ALA A 1 152 ? -17.616 8.953   7.120   1.00 58.62 ? 152 ALA A CA  1 
ATOM   1175 C  C   . ALA A 1 152 ? -17.479 10.295  7.836   1.00 61.17 ? 152 ALA A C   1 
ATOM   1176 O  O   . ALA A 1 152 ? -17.895 10.457  8.992   1.00 63.04 ? 152 ALA A O   1 
ATOM   1177 C  CB  . ALA A 1 152 ? -16.440 8.029   7.391   1.00 58.37 ? 152 ALA A CB  1 
ATOM   1178 N  N   . ALA A 1 153 ? -16.890 11.237  7.116   1.00 63.17 ? 153 ALA A N   1 
ATOM   1179 C  CA  . ALA A 1 153 ? -16.671 12.602  7.600   1.00 65.34 ? 153 ALA A CA  1 
ATOM   1180 C  C   . ALA A 1 153 ? -17.803 13.523  7.133   1.00 67.71 ? 153 ALA A C   1 
ATOM   1181 O  O   . ALA A 1 153 ? -18.502 13.132  6.159   1.00 70.22 ? 153 ALA A O   1 
ATOM   1182 C  CB  . ALA A 1 153 ? -15.314 13.110  7.144   1.00 65.11 ? 153 ALA A CB  1 
HETATM 1183 C  CHA . HEM B 2 .   ? -4.419  1.697   8.965   1.00 10.29 ? 154 HEM A CHA 1 
HETATM 1184 C  CHB . HEM B 2 .   ? -4.768  0.144   4.369   1.00 10.81 ? 154 HEM A CHB 1 
HETATM 1185 C  CHC . HEM B 2 .   ? -3.536  4.532   2.820   1.00 6.64  ? 154 HEM A CHC 1 
HETATM 1186 C  CHD . HEM B 2 .   ? -2.445  5.769   7.393   1.00 7.73  ? 154 HEM A CHD 1 
HETATM 1187 C  C1A . HEM B 2 .   ? -4.656  0.973   7.830   1.00 12.38 ? 154 HEM A C1A 1 
HETATM 1188 C  C2A . HEM B 2 .   ? -4.926  -0.439  7.851   1.00 12.25 ? 154 HEM A C2A 1 
HETATM 1189 C  C3A . HEM B 2 .   ? -5.150  -0.858  6.624   1.00 13.01 ? 154 HEM A C3A 1 
HETATM 1190 C  C4A . HEM B 2 .   ? -4.787  0.259   5.744   1.00 14.22 ? 154 HEM A C4A 1 
HETATM 1191 C  CMA . HEM B 2 .   ? -5.613  -2.248  6.139   1.00 6.26  ? 154 HEM A CMA 1 
HETATM 1192 C  CAA . HEM B 2 .   ? -5.316  -1.190  9.164   1.00 19.35 ? 154 HEM A CAA 1 
HETATM 1193 C  CBA . HEM B 2 .   ? -6.859  -1.189  9.304   1.00 23.75 ? 154 HEM A CBA 1 
HETATM 1194 C  CGA . HEM B 2 .   ? -7.381  -1.764  10.568  1.00 25.59 ? 154 HEM A CGA 1 
HETATM 1195 O  O1A . HEM B 2 .   ? -7.610  -0.918  11.486  1.00 33.82 ? 154 HEM A O1A 1 
HETATM 1196 O  O2A . HEM B 2 .   ? -7.468  -3.007  10.618  1.00 29.33 ? 154 HEM A O2A 1 
HETATM 1197 C  C1B . HEM B 2 .   ? -4.561  1.216   3.537   1.00 8.28  ? 154 HEM A C1B 1 
HETATM 1198 C  C2B . HEM B 2 .   ? -4.482  1.125   2.092   1.00 9.13  ? 154 HEM A C2B 1 
HETATM 1199 C  C3B . HEM B 2 .   ? -4.168  2.336   1.647   1.00 4.23  ? 154 HEM A C3B 1 
HETATM 1200 C  C4B . HEM B 2 .   ? -3.919  3.171   2.796   1.00 3.50  ? 154 HEM A C4B 1 
HETATM 1201 C  CMB . HEM B 2 .   ? -4.847  -0.213  1.386   1.00 5.50  ? 154 HEM A CMB 1 
HETATM 1202 C  CAB . HEM B 2 .   ? -4.025  2.804   0.170   1.00 3.23  ? 154 HEM A CAB 1 
HETATM 1203 C  CBB . HEM B 2 .   ? -4.895  2.091   -0.689  1.00 7.03  ? 154 HEM A CBB 1 
HETATM 1204 C  C1C . HEM B 2 .   ? -3.106  5.250   3.933   1.00 1.49  ? 154 HEM A C1C 1 
HETATM 1205 C  C2C . HEM B 2 .   ? -2.580  6.577   3.921   1.00 2.63  ? 154 HEM A C2C 1 
HETATM 1206 C  C3C . HEM B 2 .   ? -2.178  6.887   5.202   1.00 1.80  ? 154 HEM A C3C 1 
HETATM 1207 C  C4C . HEM B 2 .   ? -2.629  5.771   6.031   1.00 8.04  ? 154 HEM A C4C 1 
HETATM 1208 C  CMC . HEM B 2 .   ? -2.308  7.486   2.740   1.00 1.31  ? 154 HEM A CMC 1 
HETATM 1209 C  CAC . HEM B 2 .   ? -1.563  8.160   5.726   1.00 3.64  ? 154 HEM A CAC 1 
HETATM 1210 C  CBC . HEM B 2 .   ? -0.266  8.482   5.878   1.00 1.31  ? 154 HEM A CBC 1 
HETATM 1211 C  C1D . HEM B 2 .   ? -2.944  4.830   8.227   1.00 7.56  ? 154 HEM A C1D 1 
HETATM 1212 C  C2D . HEM B 2 .   ? -2.965  4.869   9.681   1.00 10.62 ? 154 HEM A C2D 1 
HETATM 1213 C  C3D . HEM B 2 .   ? -3.511  3.732   10.093  1.00 11.04 ? 154 HEM A C3D 1 
HETATM 1214 C  C4D . HEM B 2 .   ? -3.805  2.926   8.953   1.00 6.34  ? 154 HEM A C4D 1 
HETATM 1215 C  CMD . HEM B 2 .   ? -2.466  6.102   10.486  1.00 11.70 ? 154 HEM A CMD 1 
HETATM 1216 C  CAD . HEM B 2 .   ? -3.696  3.227   11.547  1.00 13.85 ? 154 HEM A CAD 1 
HETATM 1217 C  CBD . HEM B 2 .   ? -2.665  2.121   11.919  1.00 15.68 ? 154 HEM A CBD 1 
HETATM 1218 C  CGD . HEM B 2 .   ? -2.223  2.201   13.366  1.00 20.60 ? 154 HEM A CGD 1 
HETATM 1219 O  O1D . HEM B 2 .   ? -2.018  3.349   13.808  1.00 23.80 ? 154 HEM A O1D 1 
HETATM 1220 O  O2D . HEM B 2 .   ? -2.095  1.147   14.050  1.00 23.90 ? 154 HEM A O2D 1 
HETATM 1221 N  NA  . HEM B 2 .   ? -4.448  1.346   6.505   1.00 12.39 ? 154 HEM A NA  1 
HETATM 1222 N  NB  . HEM B 2 .   ? -4.089  2.457   3.911   1.00 9.62  ? 154 HEM A NB  1 
HETATM 1223 N  NC  . HEM B 2 .   ? -3.212  4.794   5.227   1.00 8.37  ? 154 HEM A NC  1 
HETATM 1224 N  ND  . HEM B 2 .   ? -3.450  3.612   7.810   1.00 11.23 ? 154 HEM A ND  1 
HETATM 1225 FE FE  . HEM B 2 .   ? -3.803  2.907   5.871   1.00 14.19 ? 154 HEM A FE  1 
HETATM 1226 N  N   . NO  C 3 .   ? -1.906  2.434   5.670   1.00 4.01  ? 155 NO  A N   1 
HETATM 1227 O  O   . NO  C 3 .   ? -0.680  2.896   5.337   1.00 20.36 ? 155 NO  A O   1 
HETATM 1228 O  O   . HOH D 4 .   ? 9.302   -3.859  12.435  1.00 3.03  ? 156 HOH A O   1 
HETATM 1229 O  O   . HOH D 4 .   ? 9.912   -5.044  9.951   1.00 13.42 ? 157 HOH A O   1 
HETATM 1230 O  O   . HOH D 4 .   ? -11.866 2.399   -8.653  1.00 15.74 ? 158 HOH A O   1 
HETATM 1231 O  O   . HOH D 4 .   ? 15.139  -3.419  -14.958 1.00 17.84 ? 159 HOH A O   1 
HETATM 1232 O  O   . HOH D 4 .   ? -8.500  -4.814  -2.009  1.00 25.21 ? 160 HOH A O   1 
HETATM 1233 O  O   . HOH D 4 .   ? 2.210   9.881   -5.826  1.00 25.25 ? 161 HOH A O   1 
HETATM 1234 O  O   . HOH D 4 .   ? 13.557  7.481   6.680   1.00 25.39 ? 162 HOH A O   1 
HETATM 1235 O  O   . HOH D 4 .   ? -15.516 -10.918 -15.364 1.00 28.59 ? 163 HOH A O   1 
HETATM 1236 O  O   . HOH D 4 .   ? -9.011  -10.038 -5.474  1.00 17.77 ? 164 HOH A O   1 
HETATM 1237 O  O   . HOH D 4 .   ? -16.998 -4.672  -14.918 1.00 8.58  ? 165 HOH A O   1 
HETATM 1238 O  O   . HOH D 4 .   ? -18.925 -1.835  -5.483  1.00 19.08 ? 166 HOH A O   1 
HETATM 1239 O  O   . HOH D 4 .   ? -18.303 -1.167  -8.571  1.00 10.55 ? 167 HOH A O   1 
HETATM 1240 O  O   . HOH D 4 .   ? -15.768 0.497   -8.475  1.00 23.38 ? 168 HOH A O   1 
HETATM 1241 O  O   . HOH D 4 .   ? -13.366 0.431   -9.829  1.00 18.30 ? 169 HOH A O   1 
HETATM 1242 O  O   . HOH D 4 .   ? -14.161 5.622   -10.343 1.00 25.19 ? 170 HOH A O   1 
HETATM 1243 O  O   . HOH D 4 .   ? -11.805 4.727   -12.222 1.00 11.47 ? 171 HOH A O   1 
HETATM 1244 O  O   . HOH D 4 .   ? -9.411  6.392   -12.736 1.00 16.19 ? 172 HOH A O   1 
HETATM 1245 O  O   . HOH D 4 .   ? 8.810   -12.765 5.651   1.00 24.99 ? 173 HOH A O   1 
HETATM 1246 O  O   . HOH D 4 .   ? -1.344  -3.717  12.896  1.00 37.60 ? 174 HOH A O   1 
HETATM 1247 O  O   . HOH D 4 .   ? 3.379   8.177   -8.975  1.00 30.17 ? 175 HOH A O   1 
HETATM 1248 O  O   . HOH D 4 .   ? 3.291   5.758   -11.349 1.00 18.29 ? 176 HOH A O   1 
HETATM 1249 O  O   . HOH D 4 .   ? 17.006  -4.632  -5.284  1.00 37.58 ? 177 HOH A O   1 
HETATM 1250 O  O   . HOH D 4 .   ? -12.474 -1.271  -16.066 1.00 13.70 ? 178 HOH A O   1 
HETATM 1251 O  O   . HOH D 4 .   ? -13.800 -7.239  -2.983  1.00 12.18 ? 179 HOH A O   1 
HETATM 1252 O  O   . HOH D 4 .   ? 3.754   -0.457  -19.009 1.00 52.20 ? 180 HOH A O   1 
HETATM 1253 O  O   . HOH D 4 .   ? -6.620  16.551  1.881   1.00 23.83 ? 181 HOH A O   1 
HETATM 1254 O  O   . HOH D 4 .   ? -6.648  7.542   -6.725  1.00 17.32 ? 182 HOH A O   1 
HETATM 1255 O  O   . HOH D 4 .   ? -12.789 9.047   -4.236  1.00 13.97 ? 183 HOH A O   1 
HETATM 1256 O  O   . HOH D 4 .   ? -14.279 3.330   -8.231  1.00 30.89 ? 184 HOH A O   1 
HETATM 1257 O  O   . HOH D 4 .   ? 5.132   3.037   -15.708 1.00 28.31 ? 185 HOH A O   1 
HETATM 1258 O  O   . HOH D 4 .   ? -7.242  -9.518  -18.942 1.00 39.41 ? 186 HOH A O   1 
HETATM 1259 O  O   . HOH D 4 .   ? -10.606 -5.286  -3.998  1.00 24.41 ? 187 HOH A O   1 
HETATM 1260 O  O   . HOH D 4 .   ? -0.583  -8.812  7.334   1.00 31.70 ? 188 HOH A O   1 
HETATM 1261 O  O   . HOH D 4 .   ? -9.598  -3.361  -15.735 1.00 16.96 ? 189 HOH A O   1 
HETATM 1262 O  O   . HOH D 4 .   ? 12.321  1.652   17.677  1.00 23.61 ? 190 HOH A O   1 
HETATM 1263 O  O   . HOH D 4 .   ? 9.635   -0.269  19.169  1.00 21.90 ? 191 HOH A O   1 
HETATM 1264 O  O   . HOH D 4 .   ? 7.173   0.907   18.482  1.00 18.38 ? 192 HOH A O   1 
HETATM 1265 O  O   . HOH D 4 .   ? 14.375  -11.768 8.005   1.00 37.44 ? 193 HOH A O   1 
HETATM 1266 O  O   . HOH D 4 .   ? 13.222  -11.194 -3.129  1.00 36.06 ? 194 HOH A O   1 
HETATM 1267 O  O   . HOH D 4 .   ? 8.855   -10.514 -9.463  1.00 23.46 ? 195 HOH A O   1 
HETATM 1268 O  O   . HOH D 4 .   ? 7.892   -15.075 -6.918  1.00 31.16 ? 196 HOH A O   1 
HETATM 1269 O  O   . HOH D 4 .   ? -10.623 -9.078  -2.877  1.00 33.79 ? 197 HOH A O   1 
HETATM 1270 O  O   . HOH D 4 .   ? 7.995   0.252   -8.992  1.00 17.13 ? 198 HOH A O   1 
HETATM 1271 O  O   . HOH D 4 .   ? -9.913  14.172  3.149   1.00 30.06 ? 199 HOH A O   1 
HETATM 1272 O  O   . HOH D 4 .   ? -3.899  7.651   -5.331  1.00 24.10 ? 200 HOH A O   1 
HETATM 1273 O  O   . HOH D 4 .   ? 1.643   -8.926  1.774   1.00 25.21 ? 201 HOH A O   1 
HETATM 1274 O  O   . HOH D 4 .   ? 9.728   6.179   14.161  1.00 53.66 ? 202 HOH A O   1 
HETATM 1275 O  O   . HOH D 4 .   ? -1.595  -10.084 -21.447 1.00 31.59 ? 203 HOH A O   1 
HETATM 1276 O  O   . HOH D 4 .   ? 16.670  -14.190 -10.116 1.00 44.51 ? 204 HOH A O   1 
HETATM 1277 O  O   . HOH D 4 .   ? 7.373   -1.691  21.652  1.00 23.56 ? 206 HOH A O   1 
HETATM 1278 O  O   . HOH D 4 .   ? -7.029  -30.874 -7.604  1.00 48.27 ? 207 HOH A O   1 
HETATM 1279 O  O   . HOH D 4 .   ? -16.818 -12.980 30.299  1.00 37.92 ? 209 HOH A O   1 
HETATM 1280 O  O   . HOH D 4 .   ? 15.186  -7.156  -0.536  1.00 28.31 ? 210 HOH A O   1 
HETATM 1281 O  O   . HOH D 4 .   ? 14.927  -5.360  9.416   1.00 38.91 ? 212 HOH A O   1 
HETATM 1282 O  O   . HOH D 4 .   ? -23.089 -10.464 14.363  1.00 43.65 ? 215 HOH A O   1 
HETATM 1283 O  O   . HOH D 4 .   ? -17.477 -13.968 7.590   1.00 51.85 ? 216 HOH A O   1 
HETATM 1284 O  O   . HOH D 4 .   ? -16.162 -9.086  30.133  1.00 31.64 ? 218 HOH A O   1 
HETATM 1285 O  O   . HOH D 4 .   ? -14.454 -12.206 5.300   1.00 32.05 ? 220 HOH A O   1 
HETATM 1286 O  O   . HOH D 4 .   ? 18.046  0.287   8.206   1.00 47.91 ? 224 HOH A O   1 
HETATM 1287 O  O   . HOH D 4 .   ? -18.045 -8.682  4.075   1.00 32.26 ? 228 HOH A O   1 
HETATM 1288 O  O   . HOH D 4 .   ? -6.534  -9.617  25.896  1.00 50.36 ? 230 HOH A O   1 
HETATM 1289 O  O   . HOH D 4 .   ? -8.476  -7.694  24.872  1.00 38.18 ? 231 HOH A O   1 
HETATM 1290 O  O   . HOH D 4 .   ? -3.523  -14.896 1.190   1.00 38.26 ? 233 HOH A O   1 
HETATM 1291 O  O   . HOH D 4 .   ? 12.192  10.264  -1.692  1.00 27.98 ? 238 HOH A O   1 
HETATM 1292 O  O   . HOH D 4 .   ? -10.022 -10.731 -17.986 1.00 39.68 ? 239 HOH A O   1 
HETATM 1293 O  O   . HOH D 4 .   ? -8.293  -8.425  3.699   1.00 35.83 ? 240 HOH A O   1 
HETATM 1294 O  O   . HOH D 4 .   ? -2.388  -14.572 -15.091 1.00 50.03 ? 241 HOH A O   1 
HETATM 1295 O  O   . HOH D 4 .   ? 6.252   -15.373 -0.886  1.00 27.58 ? 243 HOH A O   1 
HETATM 1296 O  O   . HOH D 4 .   ? -10.938 -3.204  7.520   1.00 26.59 ? 245 HOH A O   1 
HETATM 1297 O  O   . HOH D 4 .   ? 2.608   -14.470 -11.492 1.00 36.00 ? 246 HOH A O   1 
HETATM 1298 O  O   . HOH D 4 .   ? -1.429  -5.622  17.309  1.00 48.87 ? 247 HOH A O   1 
HETATM 1299 O  O   . HOH D 4 .   ? 2.865   -9.079  7.711   1.00 30.00 ? 248 HOH A O   1 
HETATM 1300 O  O   . HOH D 4 .   ? -20.508 3.056   1.196   1.00 30.01 ? 251 HOH A O   1 
HETATM 1301 O  O   . HOH D 4 .   ? -16.503 4.166   6.003   1.00 24.61 ? 253 HOH A O   1 
HETATM 1302 O  O   . HOH D 4 .   ? 11.747  -14.551 -7.253  1.00 35.92 ? 254 HOH A O   1 
HETATM 1303 O  O   . HOH D 4 .   ? -17.888 5.480   4.707   1.00 29.32 ? 255 HOH A O   1 
HETATM 1304 O  O   . HOH D 4 .   ? -2.841  -1.694  19.508  1.00 31.59 ? 256 HOH A O   1 
HETATM 1305 O  O   . HOH D 4 .   ? 18.832  -7.577  6.245   1.00 47.11 ? 257 HOH A O   1 
HETATM 1306 O  O   . HOH D 4 .   ? -17.422 -6.877  28.763  1.00 51.41 ? 258 HOH A O   1 
HETATM 1307 O  O   . HOH D 4 .   ? -3.055  -15.562 -2.530  1.00 52.83 ? 259 HOH A O   1 
HETATM 1308 O  O   . HOH D 4 .   ? 8.748   -18.442 1.209   1.00 24.79 ? 263 HOH A O   1 
HETATM 1309 O  O   . HOH D 4 .   ? 3.047   -14.527 -1.080  1.00 54.96 ? 264 HOH A O   1 
HETATM 1310 O  O   . HOH D 4 .   ? 0.470   -13.468 4.559   1.00 57.31 ? 265 HOH A O   1 
HETATM 1311 O  O   . HOH D 4 .   ? -2.294  -7.259  14.260  1.00 33.64 ? 266 HOH A O   1 
HETATM 1312 O  O   . HOH D 4 .   ? 5.326   -4.916  20.296  1.00 28.35 ? 267 HOH A O   1 
HETATM 1313 O  O   . HOH D 4 .   ? -16.872 -8.949  7.468   1.00 37.74 ? 270 HOH A O   1 
HETATM 1314 O  O   . HOH D 4 .   ? -14.780 -12.039 3.069   1.00 26.56 ? 271 HOH A O   1 
HETATM 1315 O  O   . HOH D 4 .   ? -16.558 -9.329  0.230   1.00 26.48 ? 272 HOH A O   1 
HETATM 1316 O  O   . HOH D 4 .   ? -26.958 -3.724  1.477   1.00 36.18 ? 274 HOH A O   1 
HETATM 1317 O  O   . HOH D 4 .   ? -28.162 1.491   9.015   1.00 32.01 ? 277 HOH A O   1 
HETATM 1318 O  O   . HOH D 4 .   ? -0.587  -15.986 3.950   1.00 41.61 ? 279 HOH A O   1 
HETATM 1319 O  O   . HOH D 4 .   ? -0.696  -11.565 11.048  1.00 54.22 ? 280 HOH A O   1 
HETATM 1320 O  O   . HOH D 4 .   ? -2.461  -14.271 -11.077 1.00 30.61 ? 282 HOH A O   1 
HETATM 1321 O  O   . HOH D 4 .   ? 5.872   -18.452 -3.655  1.00 36.75 ? 283 HOH A O   1 
HETATM 1322 O  O   . HOH D 4 .   ? -2.603  -16.701 -19.835 1.00 38.95 ? 284 HOH A O   1 
HETATM 1323 O  O   . HOH D 4 .   ? 0.375   -9.791  14.508  1.00 36.48 ? 286 HOH A O   1 
HETATM 1324 O  O   . HOH D 4 .   ? 1.455   -11.322 8.961   1.00 49.06 ? 287 HOH A O   1 
HETATM 1325 O  O   . HOH D 4 .   ? 9.303   -16.168 4.574   1.00 35.59 ? 288 HOH A O   1 
HETATM 1326 O  O   . HOH D 4 .   ? -6.319  -12.894 -20.962 1.00 46.20 ? 291 HOH A O   1 
HETATM 1327 O  O   . HOH D 4 .   ? -12.934 11.945  13.877  1.00 57.97 ? 296 HOH A O   1 
HETATM 1328 O  O   . HOH D 4 .   ? -19.299 15.118  -4.800  1.00 37.71 ? 298 HOH A O   1 
HETATM 1329 O  O   . HOH D 4 .   ? -12.222 12.327  -3.329  1.00 34.76 ? 299 HOH A O   1 
HETATM 1330 O  O   . HOH D 4 .   ? 14.857  -3.409  0.403   1.00 28.19 ? 302 HOH A O   1 
HETATM 1331 O  O   . HOH D 4 .   ? 17.180  -6.956  13.038  1.00 19.65 ? 310 HOH A O   1 
HETATM 1332 O  O   . HOH D 4 .   ? 14.681  -11.762 0.697   1.00 32.74 ? 312 HOH A O   1 
HETATM 1333 O  O   . HOH D 4 .   ? 1.189   14.635  10.814  1.00 23.57 ? 313 HOH A O   1 
HETATM 1334 O  O   . HOH D 4 .   ? 14.658  5.759   -1.900  1.00 31.38 ? 314 HOH A O   1 
HETATM 1335 O  O   . HOH D 4 .   ? -7.569  -6.561  5.784   1.00 38.55 ? 316 HOH A O   1 
HETATM 1336 O  O   . HOH D 4 .   ? 15.633  -8.679  -2.679  1.00 33.31 ? 317 HOH A O   1 
HETATM 1337 O  O   . HOH D 4 .   ? 7.687   17.758  6.551   1.00 23.62 ? 319 HOH A O   1 
HETATM 1338 O  O   . HOH D 4 .   ? 16.020  -8.643  7.701   1.00 38.86 ? 320 HOH A O   1 
HETATM 1339 O  O   . HOH D 4 .   ? -20.981 6.879   9.173   1.00 28.08 ? 324 HOH A O   1 
HETATM 1340 O  O   . HOH D 4 .   ? -1.801  -2.193  15.705  1.00 29.59 ? 325 HOH A O   1 
HETATM 1341 O  O   . HOH D 4 .   ? -12.782 0.439   11.758  1.00 33.25 ? 326 HOH A O   1 
HETATM 1342 O  O   . HOH D 4 .   ? 12.065  4.330   -7.643  1.00 49.25 ? 327 HOH A O   1 
HETATM 1343 O  O   . HOH D 4 .   ? 2.539   4.133   -14.875 1.00 37.97 ? 328 HOH A O   1 
HETATM 1344 O  O   . HOH D 4 .   ? 2.578   -13.888 -16.628 1.00 39.79 ? 329 HOH A O   1 
HETATM 1345 O  O   . HOH D 4 .   ? -1.628  8.082   -11.193 1.00 39.01 ? 330 HOH A O   1 
HETATM 1346 O  O   . HOH D 4 .   ? 3.931   -2.040  19.074  1.00 28.07 ? 332 HOH A O   1 
HETATM 1347 O  O   . HOH D 4 .   ? 12.221  14.190  -0.821  1.00 44.61 ? 334 HOH A O   1 
HETATM 1348 O  O   . HOH D 4 .   ? -0.057  -12.385 6.909   1.00 35.77 ? 336 HOH A O   1 
HETATM 1349 O  O   . HOH D 4 .   ? -18.305 1.837   7.867   1.00 38.68 ? 344 HOH A O   1 
HETATM 1350 O  O   . HOH D 4 .   ? 17.432  -9.013  -8.496  1.00 48.10 ? 345 HOH A O   1 
HETATM 1351 O  O   . HOH D 4 .   ? 3.984   -17.094 -0.710  1.00 41.54 ? 347 HOH A O   1 
HETATM 1352 O  O   . HOH D 4 .   ? 16.989  -13.875 5.284   1.00 31.69 ? 362 HOH A O   1 
HETATM 1353 O  O   . HOH D 4 .   ? 9.871   2.967   -20.554 1.00 45.59 ? 364 HOH A O   1 
HETATM 1354 O  O   . HOH D 4 .   ? 12.068  -0.790  -17.290 1.00 37.30 ? 367 HOH A O   1 
HETATM 1355 O  O   . HOH D 4 .   ? 0.969   6.698   -13.557 1.00 39.58 ? 368 HOH A O   1 
HETATM 1356 O  O   . HOH D 4 .   ? -23.225 6.157   7.097   1.00 44.52 ? 370 HOH A O   1 
HETATM 1357 O  O   . HOH D 4 .   ? 2.977   -18.235 1.815   1.00 49.15 ? 388 HOH A O   1 
HETATM 1358 O  O   . HOH D 4 .   ? -0.010  -2.896  -21.012 1.00 39.93 ? 394 HOH A O   1 
HETATM 1359 O  O   . HOH D 4 .   ? -23.390 10.459  3.025   1.00 45.00 ? 395 HOH A O   1 
HETATM 1360 O  O   . HOH D 4 .   ? -10.875 -6.235  -17.619 1.00 53.85 ? 411 HOH A O   1 
HETATM 1361 O  O   . HOH D 4 .   ? -19.172 1.949   -5.546  1.00 34.54 ? 415 HOH A O   1 
HETATM 1362 O  O   . HOH D 4 .   ? 7.899   3.948   -9.689  1.00 33.07 ? 416 HOH A O   1 
HETATM 1363 O  O   . HOH D 4 .   ? 4.462   10.626  21.695  1.00 59.73 ? 420 HOH A O   1 
HETATM 1364 O  O   . HOH D 4 .   ? 15.726  1.628   11.930  1.00 37.50 ? 430 HOH A O   1 
HETATM 1365 O  O   . HOH D 4 .   ? 17.982  -9.273  3.826   1.00 53.08 ? 431 HOH A O   1 
HETATM 1366 O  O   . HOH D 4 .   ? -1.840  12.963  14.067  1.00 49.88 ? 434 HOH A O   1 
HETATM 1367 O  O   . HOH D 4 .   ? 10.156  -13.298 -8.860  1.00 37.69 ? 435 HOH A O   1 
HETATM 1368 O  O   . HOH D 4 .   ? 5.571   16.020  17.642  1.00 46.92 ? 442 HOH A O   1 
HETATM 1369 O  O   . HOH D 4 .   ? -0.701  -11.432 3.711   1.00 44.36 ? 446 HOH A O   1 
HETATM 1370 O  O   . HOH D 4 .   ? -20.806 5.639   3.968   1.00 48.45 ? 451 HOH A O   1 
HETATM 1371 O  O   . HOH D 4 .   ? 9.272   -16.078 -4.224  1.00 49.35 ? 453 HOH A O   1 
HETATM 1372 O  O   . HOH D 4 .   ? 14.840  12.533  -0.400  1.00 59.08 ? 456 HOH A O   1 
HETATM 1373 O  O   . HOH D 4 .   ? -0.799  -0.226  15.733  1.00 55.25 ? 459 HOH A O   1 
HETATM 1374 O  O   . HOH D 4 .   ? 9.414   -11.102 -12.699 1.00 28.03 ? 462 HOH A O   1 
HETATM 1375 O  O   . HOH D 4 .   ? 10.062  -13.399 -12.071 1.00 45.48 ? 463 HOH A O   1 
HETATM 1376 O  O   . HOH D 4 .   ? 16.051  1.769   -6.599  1.00 43.95 ? 472 HOH A O   1 
HETATM 1377 O  O   . HOH D 4 .   ? 14.172  -0.942  -15.824 1.00 40.96 ? 473 HOH A O   1 
HETATM 1378 O  O   . HOH D 4 .   ? -6.399  9.406   -9.598  1.00 46.04 ? 475 HOH A O   1 
HETATM 1379 O  O   . HOH D 4 .   ? -4.912  9.256   -13.628 1.00 50.38 ? 478 HOH A O   1 
HETATM 1380 O  O   . HOH D 4 .   ? 11.602  -7.924  -16.643 1.00 45.75 ? 483 HOH A O   1 
HETATM 1381 O  O   . HOH D 4 .   ? -16.701 -2.430  8.959   1.00 36.36 ? 485 HOH A O   1 
HETATM 1382 O  O   . HOH D 4 .   ? -19.442 -0.816  7.521   1.00 46.63 ? 495 HOH A O   1 
HETATM 1383 O  O   . HOH D 4 .   ? -0.746  -4.304  22.775  1.00 47.33 ? 499 HOH A O   1 
HETATM 1384 O  O   . HOH D 4 .   ? 7.999   14.109  13.095  1.00 51.28 ? 500 HOH A O   1 
HETATM 1385 O  O   . HOH D 4 .   ? -4.997  16.046  -2.618  1.00 51.65 ? 501 HOH A O   1 
HETATM 1386 O  O   . HOH D 4 .   ? 19.763  -6.801  -8.739  1.00 39.77 ? 502 HOH A O   1 
HETATM 1387 O  O   . HOH D 4 .   ? 19.313  1.103   -2.264  1.00 34.62 ? 510 HOH A O   1 
HETATM 1388 O  O   . HOH D 4 .   ? -15.337 -3.170  14.645  1.00 49.75 ? 513 HOH A O   1 
HETATM 1389 O  O   . HOH D 4 .   ? -21.359 -2.802  -0.613  1.00 40.86 ? 515 HOH A O   1 
HETATM 1390 O  O   . HOH D 4 .   ? -11.798 -13.354 1.436   1.00 55.12 ? 517 HOH A O   1 
# 
